data_5TR5
#
_entry.id   5TR5
#
_entity_poly.entity_id   1
_entity_poly.type   'polypeptide(L)'
_entity_poly.pdbx_seq_one_letter_code
;MIVFVRFNSSHGFPVEVDSDTSIFQLKEVVAKRQGVPADQLRVIFAGKELRNDWTVQNCDLDQQ(SEP)IVHIVQRPWRK
;
_entity_poly.pdbx_strand_id   A
#
# COMPACT_ATOMS: atom_id res chain seq x y z
N MET A 1 -5.32 -12.77 -1.65
CA MET A 1 -4.52 -12.65 -2.87
C MET A 1 -3.22 -11.91 -2.58
N ILE A 2 -2.23 -12.11 -3.42
CA ILE A 2 -0.95 -11.48 -3.24
C ILE A 2 -0.79 -10.30 -4.19
N VAL A 3 -0.56 -9.12 -3.64
CA VAL A 3 -0.36 -7.95 -4.46
C VAL A 3 1.12 -7.59 -4.50
N PHE A 4 1.54 -7.01 -5.60
CA PHE A 4 2.93 -6.61 -5.77
C PHE A 4 3.08 -5.16 -5.35
N VAL A 5 4.03 -4.90 -4.47
CA VAL A 5 4.21 -3.57 -3.95
C VAL A 5 5.69 -3.22 -3.80
N ARG A 6 6.03 -2.01 -4.20
CA ARG A 6 7.39 -1.49 -4.10
C ARG A 6 7.46 -0.34 -3.11
N PHE A 7 8.15 -0.55 -2.02
CA PHE A 7 8.33 0.51 -1.06
C PHE A 7 9.59 1.30 -1.43
N ASN A 8 9.55 2.60 -1.23
CA ASN A 8 10.65 3.50 -1.59
C ASN A 8 12.02 3.00 -1.06
N SER A 9 12.01 2.43 0.12
CA SER A 9 13.24 1.95 0.74
C SER A 9 13.33 0.42 0.67
N SER A 10 12.60 -0.18 -0.26
CA SER A 10 12.59 -1.62 -0.42
C SER A 10 12.50 -2.00 -1.89
N HIS A 11 12.31 -3.28 -2.16
CA HIS A 11 12.16 -3.77 -3.52
C HIS A 11 10.70 -4.11 -3.80
N GLY A 12 10.45 -4.82 -4.89
CA GLY A 12 9.10 -5.25 -5.19
C GLY A 12 8.75 -6.51 -4.46
N PHE A 13 8.18 -6.35 -3.28
CA PHE A 13 7.84 -7.48 -2.45
C PHE A 13 6.36 -7.83 -2.57
N PRO A 14 6.01 -9.11 -2.37
CA PRO A 14 4.64 -9.57 -2.44
C PRO A 14 3.94 -9.53 -1.08
N VAL A 15 2.79 -8.89 -1.04
CA VAL A 15 2.02 -8.79 0.19
C VAL A 15 0.68 -9.51 0.04
N GLU A 16 0.44 -10.48 0.92
CA GLU A 16 -0.78 -11.24 0.90
C GLU A 16 -1.87 -10.46 1.63
N VAL A 17 -2.96 -10.17 0.94
CA VAL A 17 -4.06 -9.42 1.51
C VAL A 17 -5.38 -10.10 1.18
N ASP A 18 -6.40 -9.80 1.97
CA ASP A 18 -7.70 -10.35 1.73
C ASP A 18 -8.47 -9.46 0.77
N SER A 19 -9.51 -10.00 0.18
CA SER A 19 -10.29 -9.25 -0.78
C SER A 19 -11.01 -8.08 -0.12
N ASP A 20 -11.31 -8.22 1.16
CA ASP A 20 -12.03 -7.19 1.90
C ASP A 20 -11.08 -6.24 2.59
N THR A 21 -9.78 -6.42 2.38
CA THR A 21 -8.81 -5.53 2.96
C THR A 21 -8.95 -4.14 2.33
N SER A 22 -9.33 -3.18 3.14
CA SER A 22 -9.51 -1.83 2.66
C SER A 22 -8.16 -1.19 2.32
N ILE A 23 -8.16 -0.26 1.38
CA ILE A 23 -6.92 0.41 0.96
C ILE A 23 -6.21 1.05 2.14
N PHE A 24 -6.96 1.73 3.01
CA PHE A 24 -6.37 2.36 4.19
C PHE A 24 -5.81 1.29 5.13
N GLN A 25 -6.53 0.18 5.26
CA GLN A 25 -6.08 -0.93 6.09
C GLN A 25 -4.77 -1.49 5.54
N LEU A 26 -4.69 -1.61 4.22
CA LEU A 26 -3.48 -2.08 3.57
C LEU A 26 -2.34 -1.10 3.81
N LYS A 27 -2.65 0.19 3.75
CA LYS A 27 -1.67 1.23 4.04
C LYS A 27 -1.11 1.01 5.44
N GLU A 28 -2.02 0.75 6.37
CA GLU A 28 -1.67 0.50 7.75
C GLU A 28 -0.88 -0.81 7.89
N VAL A 29 -1.16 -1.78 7.01
CA VAL A 29 -0.45 -3.06 7.01
C VAL A 29 1.01 -2.84 6.64
N VAL A 30 1.23 -2.12 5.55
CA VAL A 30 2.58 -1.83 5.09
C VAL A 30 3.31 -0.97 6.13
N ALA A 31 2.56 -0.04 6.73
CA ALA A 31 3.09 0.81 7.78
C ALA A 31 3.53 -0.03 8.97
N LYS A 32 2.75 -1.05 9.26
CA LYS A 32 3.03 -1.97 10.35
C LYS A 32 4.27 -2.81 10.04
N ARG A 33 4.29 -3.38 8.84
CA ARG A 33 5.35 -4.29 8.42
C ARG A 33 6.74 -3.66 8.52
N GLN A 34 6.90 -2.44 8.00
CA GLN A 34 8.20 -1.79 8.01
C GLN A 34 8.32 -0.74 9.10
N GLY A 35 7.31 -0.65 9.95
CA GLY A 35 7.32 0.29 11.06
C GLY A 35 7.46 1.74 10.62
N VAL A 36 6.58 2.17 9.74
CA VAL A 36 6.61 3.54 9.23
C VAL A 36 5.32 4.26 9.60
N PRO A 37 5.38 5.60 9.75
CA PRO A 37 4.20 6.40 10.09
C PRO A 37 3.15 6.39 8.97
N ALA A 38 2.01 5.79 9.25
CA ALA A 38 0.93 5.67 8.27
C ALA A 38 0.36 7.04 7.91
N ASP A 39 0.43 7.98 8.84
CA ASP A 39 -0.07 9.34 8.61
C ASP A 39 0.78 10.05 7.58
N GLN A 40 2.00 9.58 7.42
CA GLN A 40 2.95 10.16 6.50
C GLN A 40 3.25 9.19 5.37
N LEU A 41 2.44 8.15 5.27
CA LEU A 41 2.64 7.14 4.27
C LEU A 41 1.84 7.45 3.01
N ARG A 42 2.50 7.42 1.88
CA ARG A 42 1.89 7.74 0.61
C ARG A 42 1.88 6.51 -0.30
N VAL A 43 0.70 6.11 -0.74
CA VAL A 43 0.57 4.98 -1.64
C VAL A 43 0.18 5.46 -3.04
N ILE A 44 0.83 4.92 -4.04
CA ILE A 44 0.60 5.33 -5.41
C ILE A 44 0.17 4.15 -6.28
N PHE A 45 -0.96 4.32 -6.94
CA PHE A 45 -1.47 3.34 -7.86
C PHE A 45 -1.93 4.05 -9.12
N ALA A 46 -1.31 3.71 -10.25
CA ALA A 46 -1.61 4.33 -11.55
C ALA A 46 -1.26 5.82 -11.55
N GLY A 47 -0.51 6.25 -10.53
CA GLY A 47 -0.10 7.64 -10.44
C GLY A 47 -0.78 8.38 -9.29
N LYS A 48 -1.98 7.94 -8.94
CA LYS A 48 -2.75 8.59 -7.90
C LYS A 48 -2.93 7.70 -6.68
N GLU A 49 -3.44 8.25 -5.60
CA GLU A 49 -3.70 7.47 -4.41
C GLU A 49 -5.13 6.97 -4.43
N LEU A 50 -5.33 5.75 -3.99
CA LEU A 50 -6.64 5.14 -4.01
C LEU A 50 -7.50 5.61 -2.86
N ARG A 51 -8.81 5.44 -3.02
CA ARG A 51 -9.76 5.78 -1.98
C ARG A 51 -9.44 4.99 -0.71
N ASN A 52 -9.51 5.64 0.43
CA ASN A 52 -9.13 5.02 1.70
C ASN A 52 -10.15 3.97 2.16
N ASP A 53 -11.37 4.04 1.66
CA ASP A 53 -12.40 3.12 2.10
C ASP A 53 -12.99 2.34 0.94
N TRP A 54 -12.33 1.26 0.60
CA TRP A 54 -12.80 0.33 -0.42
C TRP A 54 -11.92 -0.92 -0.44
N THR A 55 -12.45 -1.99 -1.03
CA THR A 55 -11.76 -3.27 -1.10
C THR A 55 -10.52 -3.19 -1.99
N VAL A 56 -9.46 -3.85 -1.57
CA VAL A 56 -8.22 -3.86 -2.34
C VAL A 56 -8.39 -4.72 -3.60
N GLN A 57 -9.30 -5.68 -3.54
CA GLN A 57 -9.56 -6.56 -4.66
C GLN A 57 -10.12 -5.79 -5.86
N ASN A 58 -11.15 -4.99 -5.60
CA ASN A 58 -11.84 -4.25 -6.65
C ASN A 58 -11.03 -3.03 -7.10
N CYS A 59 -9.88 -2.82 -6.48
CA CYS A 59 -9.02 -1.71 -6.87
C CYS A 59 -7.92 -2.17 -7.83
N ASP A 60 -7.80 -3.50 -8.01
CA ASP A 60 -6.86 -4.11 -8.98
C ASP A 60 -5.39 -3.91 -8.63
N LEU A 61 -5.03 -3.92 -7.35
CA LEU A 61 -3.62 -3.72 -6.95
C LEU A 61 -2.74 -4.90 -7.37
N ASP A 62 -3.37 -6.00 -7.71
CA ASP A 62 -2.64 -7.19 -8.13
C ASP A 62 -2.63 -7.29 -9.66
N GLN A 63 -3.59 -6.64 -10.27
CA GLN A 63 -3.78 -6.74 -11.71
C GLN A 63 -3.10 -5.61 -12.47
N GLN A 64 -3.29 -4.38 -12.03
CA GLN A 64 -2.77 -3.23 -12.75
C GLN A 64 -1.39 -2.82 -12.27
N ILE A 66 2.36 -2.66 -10.67
CA ILE A 66 2.80 -2.86 -9.30
C ILE A 66 2.50 -1.60 -8.47
N VAL A 67 2.18 -1.79 -7.20
CA VAL A 67 1.85 -0.68 -6.32
C VAL A 67 3.13 -0.03 -5.80
N HIS A 68 3.14 1.29 -5.77
CA HIS A 68 4.30 2.02 -5.27
C HIS A 68 3.96 2.66 -3.93
N ILE A 69 4.82 2.51 -2.95
CA ILE A 69 4.58 3.11 -1.65
C ILE A 69 5.81 3.86 -1.15
N VAL A 70 5.63 5.11 -0.83
CA VAL A 70 6.71 5.96 -0.35
C VAL A 70 6.29 6.65 0.95
N GLN A 71 7.21 6.78 1.88
CA GLN A 71 6.91 7.44 3.13
C GLN A 71 7.49 8.84 3.14
N ARG A 72 6.76 9.76 3.71
CA ARG A 72 7.21 11.14 3.82
C ARG A 72 7.20 11.58 5.28
N PRO A 73 8.13 11.06 6.10
CA PRO A 73 8.18 11.37 7.51
C PRO A 73 8.97 12.64 7.78
N TRP A 74 8.56 13.37 8.79
CA TRP A 74 9.24 14.59 9.16
C TRP A 74 10.40 14.27 10.10
N ARG A 75 10.27 13.19 10.84
CA ARG A 75 11.29 12.78 11.77
C ARG A 75 11.51 11.26 11.74
N LYS A 76 12.59 10.85 11.14
CA LYS A 76 12.95 9.44 11.09
C LYS A 76 14.43 9.30 10.78
N MET A 1 -5.68 -13.03 -0.91
CA MET A 1 -5.31 -12.25 -2.12
C MET A 1 -3.90 -11.71 -1.97
N ILE A 2 -3.06 -11.99 -2.93
CA ILE A 2 -1.69 -11.53 -2.90
C ILE A 2 -1.47 -10.43 -3.92
N VAL A 3 -1.17 -9.24 -3.44
CA VAL A 3 -0.95 -8.12 -4.32
C VAL A 3 0.50 -7.68 -4.28
N PHE A 4 0.96 -7.09 -5.35
CA PHE A 4 2.34 -6.65 -5.43
C PHE A 4 2.45 -5.20 -4.97
N VAL A 5 3.44 -4.91 -4.16
CA VAL A 5 3.62 -3.58 -3.62
C VAL A 5 5.09 -3.18 -3.58
N ARG A 6 5.35 -1.90 -3.77
CA ARG A 6 6.69 -1.35 -3.69
C ARG A 6 6.75 -0.42 -2.51
N PHE A 7 7.91 -0.27 -1.92
CA PHE A 7 8.07 0.63 -0.82
C PHE A 7 9.33 1.45 -1.01
N ASN A 8 9.31 2.69 -0.54
CA ASN A 8 10.45 3.62 -0.68
C ASN A 8 11.76 3.01 -0.17
N SER A 9 11.69 2.22 0.87
CA SER A 9 12.87 1.58 1.45
C SER A 9 13.02 0.14 0.95
N SER A 10 12.36 -0.19 -0.15
CA SER A 10 12.41 -1.52 -0.70
C SER A 10 12.44 -1.47 -2.24
N HIS A 11 12.16 -2.58 -2.87
CA HIS A 11 12.14 -2.67 -4.32
C HIS A 11 10.74 -3.10 -4.79
N GLY A 12 10.33 -4.29 -4.39
CA GLY A 12 9.03 -4.80 -4.76
C GLY A 12 8.76 -6.14 -4.14
N PHE A 13 7.72 -6.22 -3.33
CA PHE A 13 7.37 -7.46 -2.66
C PHE A 13 5.86 -7.66 -2.65
N PRO A 14 5.40 -8.91 -2.59
CA PRO A 14 3.99 -9.21 -2.55
C PRO A 14 3.45 -9.24 -1.11
N VAL A 15 2.27 -8.69 -0.92
CA VAL A 15 1.63 -8.68 0.38
C VAL A 15 0.37 -9.52 0.36
N GLU A 16 0.33 -10.49 1.25
CA GLU A 16 -0.80 -11.39 1.36
C GLU A 16 -1.91 -10.75 2.20
N VAL A 17 -2.93 -10.26 1.53
CA VAL A 17 -4.05 -9.61 2.19
C VAL A 17 -5.35 -10.39 1.98
N ASP A 18 -6.44 -9.82 2.45
CA ASP A 18 -7.75 -10.43 2.34
C ASP A 18 -8.55 -9.74 1.25
N SER A 19 -9.58 -10.39 0.74
CA SER A 19 -10.41 -9.82 -0.33
C SER A 19 -11.21 -8.62 0.16
N ASP A 20 -11.24 -8.39 1.47
CA ASP A 20 -11.95 -7.24 2.01
C ASP A 20 -11.01 -6.23 2.65
N THR A 21 -9.74 -6.35 2.34
CA THR A 21 -8.74 -5.44 2.83
C THR A 21 -8.82 -4.12 2.06
N SER A 22 -9.10 -3.04 2.75
CA SER A 22 -9.19 -1.75 2.10
C SER A 22 -7.80 -1.15 1.90
N ILE A 23 -7.72 -0.15 1.04
CA ILE A 23 -6.45 0.53 0.78
C ILE A 23 -5.93 1.17 2.07
N PHE A 24 -6.86 1.58 2.93
CA PHE A 24 -6.51 2.16 4.22
C PHE A 24 -5.76 1.14 5.07
N GLN A 25 -6.32 -0.06 5.15
CA GLN A 25 -5.72 -1.15 5.91
C GLN A 25 -4.43 -1.59 5.25
N LEU A 26 -4.47 -1.73 3.93
CA LEU A 26 -3.30 -2.14 3.15
C LEU A 26 -2.13 -1.20 3.40
N LYS A 27 -2.44 0.10 3.50
CA LYS A 27 -1.45 1.11 3.81
C LYS A 27 -0.81 0.81 5.15
N GLU A 28 -1.65 0.53 6.14
CA GLU A 28 -1.22 0.23 7.49
C GLU A 28 -0.41 -1.07 7.54
N VAL A 29 -0.84 -2.05 6.75
CA VAL A 29 -0.13 -3.33 6.67
C VAL A 29 1.32 -3.12 6.27
N VAL A 30 1.51 -2.40 5.18
CA VAL A 30 2.85 -2.12 4.68
C VAL A 30 3.63 -1.24 5.66
N ALA A 31 2.94 -0.26 6.23
CA ALA A 31 3.56 0.65 7.19
C ALA A 31 4.05 -0.10 8.41
N LYS A 32 3.20 -0.97 8.94
CA LYS A 32 3.52 -1.76 10.11
C LYS A 32 4.65 -2.74 9.78
N ARG A 33 4.60 -3.27 8.56
CA ARG A 33 5.59 -4.24 8.09
C ARG A 33 6.97 -3.60 8.00
N GLN A 34 7.01 -2.32 7.67
CA GLN A 34 8.26 -1.60 7.52
C GLN A 34 8.65 -0.89 8.82
N GLY A 35 7.69 -0.75 9.72
CA GLY A 35 7.95 -0.10 11.00
C GLY A 35 7.92 1.41 10.90
N VAL A 36 6.96 1.92 10.14
CA VAL A 36 6.84 3.35 9.93
C VAL A 36 5.41 3.82 10.22
N PRO A 37 5.22 5.11 10.52
CA PRO A 37 3.89 5.69 10.74
C PRO A 37 3.08 5.68 9.46
N ALA A 38 1.93 5.00 9.49
CA ALA A 38 1.08 4.87 8.31
C ALA A 38 0.43 6.19 7.93
N ASP A 39 0.42 7.13 8.86
CA ASP A 39 -0.16 8.45 8.60
C ASP A 39 0.80 9.29 7.76
N GLN A 40 2.09 8.99 7.87
CA GLN A 40 3.11 9.69 7.09
C GLN A 40 3.43 8.90 5.84
N LEU A 41 2.52 8.03 5.47
CA LEU A 41 2.73 7.18 4.33
C LEU A 41 1.89 7.64 3.14
N ARG A 42 2.50 7.64 1.96
CA ARG A 42 1.83 8.06 0.75
C ARG A 42 1.79 6.92 -0.27
N VAL A 43 0.58 6.55 -0.67
CA VAL A 43 0.38 5.49 -1.65
C VAL A 43 0.12 6.06 -3.04
N ILE A 44 0.83 5.55 -4.02
CA ILE A 44 0.68 5.99 -5.41
C ILE A 44 0.45 4.78 -6.31
N PHE A 45 -0.51 4.91 -7.22
CA PHE A 45 -0.82 3.84 -8.15
C PHE A 45 -1.30 4.43 -9.46
N ALA A 46 -0.69 3.98 -10.56
CA ALA A 46 -1.07 4.42 -11.91
C ALA A 46 -0.97 5.94 -12.06
N GLY A 47 -0.14 6.56 -11.23
CA GLY A 47 0.05 7.99 -11.30
C GLY A 47 -0.94 8.77 -10.44
N LYS A 48 -1.80 8.06 -9.72
CA LYS A 48 -2.79 8.71 -8.86
C LYS A 48 -2.70 8.19 -7.44
N GLU A 49 -3.51 8.75 -6.56
CA GLU A 49 -3.58 8.31 -5.19
C GLU A 49 -4.90 7.58 -4.95
N LEU A 50 -4.81 6.35 -4.52
CA LEU A 50 -5.99 5.54 -4.23
C LEU A 50 -6.77 6.12 -3.06
N ARG A 51 -8.04 5.75 -2.97
CA ARG A 51 -8.88 6.17 -1.87
C ARG A 51 -8.79 5.18 -0.73
N ASN A 52 -8.86 5.67 0.49
CA ASN A 52 -8.73 4.85 1.68
C ASN A 52 -9.88 3.84 1.80
N ASP A 53 -11.09 4.28 1.49
CA ASP A 53 -12.25 3.43 1.61
C ASP A 53 -12.55 2.74 0.29
N TRP A 54 -11.70 1.80 -0.03
CA TRP A 54 -11.86 0.99 -1.21
C TRP A 54 -11.13 -0.31 -1.01
N THR A 55 -11.74 -1.40 -1.44
CA THR A 55 -11.16 -2.71 -1.27
C THR A 55 -10.06 -2.99 -2.30
N VAL A 56 -9.02 -3.68 -1.86
CA VAL A 56 -7.90 -4.03 -2.70
C VAL A 56 -8.33 -5.05 -3.76
N GLN A 57 -9.40 -5.77 -3.46
CA GLN A 57 -9.93 -6.79 -4.35
C GLN A 57 -10.46 -6.16 -5.62
N ASN A 58 -11.40 -5.24 -5.47
CA ASN A 58 -12.03 -4.57 -6.62
C ASN A 58 -11.14 -3.49 -7.20
N CYS A 59 -9.96 -3.33 -6.64
CA CYS A 59 -8.99 -2.39 -7.15
C CYS A 59 -8.00 -3.14 -8.04
N ASP A 60 -8.06 -4.47 -7.95
CA ASP A 60 -7.27 -5.40 -8.78
C ASP A 60 -5.76 -5.13 -8.79
N LEU A 61 -5.18 -4.93 -7.62
CA LEU A 61 -3.71 -4.73 -7.53
C LEU A 61 -3.00 -6.07 -7.73
N ASP A 62 -3.79 -7.10 -7.97
CA ASP A 62 -3.30 -8.43 -8.22
C ASP A 62 -2.73 -8.55 -9.63
N GLN A 63 -3.33 -7.80 -10.56
CA GLN A 63 -2.92 -7.85 -11.95
C GLN A 63 -2.56 -6.46 -12.49
N GLN A 64 -3.31 -5.46 -12.09
CA GLN A 64 -3.09 -4.10 -12.58
C GLN A 64 -1.89 -3.44 -11.92
N ILE A 66 1.68 -2.39 -10.10
CA ILE A 66 2.13 -2.60 -8.75
C ILE A 66 1.93 -1.30 -7.96
N VAL A 67 1.65 -1.40 -6.69
CA VAL A 67 1.41 -0.22 -5.86
C VAL A 67 2.73 0.39 -5.41
N HIS A 68 2.87 1.69 -5.60
CA HIS A 68 4.08 2.39 -5.18
C HIS A 68 3.82 3.12 -3.88
N ILE A 69 4.40 2.63 -2.81
CA ILE A 69 4.19 3.25 -1.52
C ILE A 69 5.47 3.90 -1.01
N VAL A 70 5.41 5.20 -0.80
CA VAL A 70 6.55 5.95 -0.33
C VAL A 70 6.25 6.62 1.00
N GLN A 71 7.26 6.75 1.85
CA GLN A 71 7.09 7.37 3.15
C GLN A 71 7.46 8.84 3.08
N ARG A 72 6.66 9.66 3.73
CA ARG A 72 6.93 11.09 3.81
C ARG A 72 6.93 11.52 5.27
N PRO A 73 8.07 11.39 5.95
CA PRO A 73 8.18 11.71 7.35
C PRO A 73 8.37 13.21 7.60
N TRP A 74 7.41 13.82 8.27
CA TRP A 74 7.48 15.24 8.59
C TRP A 74 7.98 15.43 10.02
N ARG A 75 8.47 14.34 10.61
CA ARG A 75 8.97 14.37 11.98
C ARG A 75 10.40 13.85 12.03
N LYS A 76 10.95 13.59 10.86
CA LYS A 76 12.30 13.05 10.75
C LYS A 76 13.21 14.05 10.08
N MET A 1 -5.73 -12.66 -1.29
CA MET A 1 -5.26 -11.77 -2.36
C MET A 1 -3.85 -11.30 -2.07
N ILE A 2 -2.95 -11.56 -2.98
CA ILE A 2 -1.56 -11.15 -2.81
C ILE A 2 -1.21 -10.04 -3.77
N VAL A 3 -0.99 -8.85 -3.24
CA VAL A 3 -0.62 -7.71 -4.05
C VAL A 3 0.87 -7.44 -3.91
N PHE A 4 1.40 -6.58 -4.74
CA PHE A 4 2.80 -6.26 -4.70
C PHE A 4 2.98 -4.79 -4.39
N VAL A 5 3.90 -4.47 -3.49
CA VAL A 5 4.15 -3.09 -3.11
C VAL A 5 5.63 -2.75 -3.10
N ARG A 6 5.92 -1.51 -3.40
CA ARG A 6 7.27 -0.99 -3.36
C ARG A 6 7.37 -0.02 -2.21
N PHE A 7 8.56 0.17 -1.69
CA PHE A 7 8.73 1.11 -0.61
C PHE A 7 9.96 1.97 -0.86
N ASN A 8 9.72 3.23 -1.24
CA ASN A 8 10.79 4.23 -1.51
C ASN A 8 11.94 3.70 -2.38
N SER A 9 11.69 2.65 -3.16
CA SER A 9 12.72 2.05 -3.98
C SER A 9 12.09 1.23 -5.10
N SER A 10 12.91 0.82 -6.06
CA SER A 10 12.45 -0.01 -7.16
C SER A 10 12.21 -1.42 -6.65
N HIS A 11 11.15 -2.06 -7.15
CA HIS A 11 10.74 -3.40 -6.71
C HIS A 11 10.25 -3.35 -5.26
N GLY A 12 9.84 -4.47 -4.74
CA GLY A 12 9.37 -4.49 -3.38
C GLY A 12 9.07 -5.86 -2.86
N PHE A 13 7.96 -6.00 -2.18
CA PHE A 13 7.57 -7.25 -1.57
C PHE A 13 6.08 -7.50 -1.75
N PRO A 14 5.65 -8.76 -1.75
CA PRO A 14 4.25 -9.13 -1.85
C PRO A 14 3.53 -9.04 -0.49
N VAL A 15 2.27 -8.66 -0.54
CA VAL A 15 1.47 -8.55 0.66
C VAL A 15 0.22 -9.40 0.52
N GLU A 16 0.03 -10.33 1.43
CA GLU A 16 -1.12 -11.21 1.41
C GLU A 16 -2.24 -10.64 2.27
N VAL A 17 -3.33 -10.27 1.62
CA VAL A 17 -4.49 -9.71 2.31
C VAL A 17 -5.76 -10.46 1.92
N ASP A 18 -6.87 -10.09 2.52
CA ASP A 18 -8.15 -10.71 2.24
C ASP A 18 -8.80 -10.05 1.04
N SER A 19 -9.85 -10.66 0.53
CA SER A 19 -10.59 -10.12 -0.61
C SER A 19 -11.37 -8.86 -0.22
N ASP A 20 -11.64 -8.73 1.07
CA ASP A 20 -12.39 -7.58 1.57
C ASP A 20 -11.50 -6.66 2.37
N THR A 21 -10.27 -6.54 1.94
CA THR A 21 -9.32 -5.66 2.59
C THR A 21 -9.46 -4.25 2.02
N SER A 22 -9.59 -3.28 2.89
CA SER A 22 -9.71 -1.91 2.47
C SER A 22 -8.31 -1.32 2.22
N ILE A 23 -8.24 -0.32 1.35
CA ILE A 23 -6.97 0.34 1.03
C ILE A 23 -6.33 0.90 2.30
N PHE A 24 -7.15 1.45 3.18
CA PHE A 24 -6.68 2.01 4.46
C PHE A 24 -6.04 0.90 5.30
N GLN A 25 -6.70 -0.24 5.35
CA GLN A 25 -6.23 -1.39 6.10
C GLN A 25 -4.92 -1.87 5.52
N LEU A 26 -4.87 -2.03 4.21
CA LEU A 26 -3.67 -2.47 3.51
C LEU A 26 -2.51 -1.53 3.80
N LYS A 27 -2.80 -0.24 3.78
CA LYS A 27 -1.80 0.79 4.06
C LYS A 27 -1.23 0.59 5.47
N GLU A 28 -2.11 0.37 6.43
CA GLU A 28 -1.70 0.15 7.81
C GLU A 28 -0.97 -1.19 7.96
N VAL A 29 -1.40 -2.20 7.21
CA VAL A 29 -0.74 -3.51 7.24
C VAL A 29 0.72 -3.37 6.81
N VAL A 30 0.94 -2.64 5.73
CA VAL A 30 2.29 -2.39 5.23
C VAL A 30 3.10 -1.61 6.27
N ALA A 31 2.49 -0.55 6.80
CA ALA A 31 3.12 0.28 7.81
C ALA A 31 3.48 -0.54 9.04
N LYS A 32 2.54 -1.35 9.48
CA LYS A 32 2.71 -2.22 10.64
C LYS A 32 3.82 -3.24 10.40
N ARG A 33 3.83 -3.81 9.20
CA ARG A 33 4.79 -4.83 8.83
C ARG A 33 6.23 -4.30 8.86
N GLN A 34 6.45 -3.16 8.21
CA GLN A 34 7.79 -2.59 8.13
C GLN A 34 8.13 -1.73 9.35
N GLY A 35 7.15 -1.45 10.17
CA GLY A 35 7.38 -0.67 11.36
C GLY A 35 7.53 0.81 11.07
N VAL A 36 6.57 1.35 10.35
CA VAL A 36 6.57 2.77 10.00
C VAL A 36 5.19 3.37 10.29
N PRO A 37 5.10 4.70 10.49
CA PRO A 37 3.84 5.37 10.74
C PRO A 37 3.06 5.61 9.46
N ALA A 38 1.81 5.18 9.42
CA ALA A 38 0.97 5.36 8.25
C ALA A 38 0.50 6.82 8.12
N ASP A 39 0.81 7.63 9.14
CA ASP A 39 0.46 9.07 9.13
C ASP A 39 1.03 9.78 7.91
N GLN A 40 2.33 9.65 7.74
CA GLN A 40 3.02 10.31 6.63
C GLN A 40 3.27 9.36 5.47
N LEU A 41 2.75 8.15 5.59
CA LEU A 41 2.90 7.15 4.56
C LEU A 41 1.97 7.47 3.40
N ARG A 42 2.50 7.46 2.20
CA ARG A 42 1.70 7.76 1.02
C ARG A 42 1.72 6.61 0.05
N VAL A 43 0.55 6.23 -0.43
CA VAL A 43 0.44 5.11 -1.36
C VAL A 43 -0.06 5.56 -2.74
N ILE A 44 0.67 5.19 -3.78
CA ILE A 44 0.29 5.50 -5.15
C ILE A 44 0.19 4.21 -5.96
N PHE A 45 -0.95 4.00 -6.59
CA PHE A 45 -1.14 2.83 -7.40
C PHE A 45 -1.43 3.21 -8.84
N ALA A 46 -0.46 2.94 -9.70
CA ALA A 46 -0.56 3.21 -11.12
C ALA A 46 -0.81 4.70 -11.40
N GLY A 47 0.17 5.51 -11.07
CA GLY A 47 0.12 6.93 -11.39
C GLY A 47 -0.74 7.78 -10.47
N LYS A 48 -1.53 7.16 -9.61
CA LYS A 48 -2.41 7.92 -8.72
C LYS A 48 -2.69 7.18 -7.42
N GLU A 49 -3.06 7.93 -6.40
CA GLU A 49 -3.40 7.36 -5.11
C GLU A 49 -4.84 6.87 -5.12
N LEU A 50 -5.21 6.12 -4.10
CA LEU A 50 -6.54 5.54 -4.05
C LEU A 50 -7.29 6.03 -2.82
N ARG A 51 -8.60 5.87 -2.86
CA ARG A 51 -9.45 6.18 -1.72
C ARG A 51 -9.11 5.22 -0.57
N ASN A 52 -9.28 5.67 0.66
CA ASN A 52 -8.88 4.86 1.81
C ASN A 52 -9.98 3.89 2.25
N ASP A 53 -11.23 4.18 1.95
CA ASP A 53 -12.32 3.34 2.42
C ASP A 53 -12.97 2.57 1.28
N TRP A 54 -12.26 1.60 0.75
CA TRP A 54 -12.78 0.78 -0.33
C TRP A 54 -11.92 -0.49 -0.49
N THR A 55 -12.50 -1.55 -1.06
CA THR A 55 -11.82 -2.84 -1.20
C THR A 55 -10.66 -2.80 -2.19
N VAL A 56 -9.61 -3.54 -1.87
CA VAL A 56 -8.43 -3.65 -2.70
C VAL A 56 -8.65 -4.64 -3.85
N GLN A 57 -9.54 -5.61 -3.63
CA GLN A 57 -9.80 -6.66 -4.61
C GLN A 57 -10.39 -6.08 -5.89
N ASN A 58 -11.33 -5.17 -5.73
CA ASN A 58 -12.00 -4.56 -6.88
C ASN A 58 -11.15 -3.42 -7.46
N CYS A 59 -10.01 -3.17 -6.85
CA CYS A 59 -9.15 -2.08 -7.30
C CYS A 59 -8.02 -2.62 -8.20
N ASP A 60 -7.83 -3.95 -8.17
CA ASP A 60 -6.86 -4.65 -9.05
C ASP A 60 -5.39 -4.27 -8.76
N LEU A 61 -5.03 -4.12 -7.47
CA LEU A 61 -3.65 -3.73 -7.10
C LEU A 61 -2.61 -4.78 -7.45
N ASP A 62 -3.04 -6.01 -7.68
CA ASP A 62 -2.11 -7.08 -8.01
C ASP A 62 -2.00 -7.27 -9.51
N GLN A 63 -2.75 -6.49 -10.25
CA GLN A 63 -2.78 -6.62 -11.70
C GLN A 63 -1.94 -5.55 -12.39
N GLN A 64 -2.19 -4.29 -12.06
CA GLN A 64 -1.47 -3.19 -12.70
C GLN A 64 -0.08 -3.00 -12.09
N ILE A 66 2.68 -2.82 -9.93
CA ILE A 66 2.93 -2.86 -8.52
C ILE A 66 2.57 -1.51 -7.88
N VAL A 67 2.27 -1.53 -6.60
CA VAL A 67 1.91 -0.31 -5.88
C VAL A 67 3.17 0.42 -5.40
N HIS A 68 3.21 1.71 -5.61
CA HIS A 68 4.34 2.51 -5.18
C HIS A 68 4.04 3.20 -3.86
N ILE A 69 4.69 2.74 -2.81
CA ILE A 69 4.49 3.30 -1.50
C ILE A 69 5.71 4.12 -1.08
N VAL A 70 5.48 5.33 -0.60
CA VAL A 70 6.55 6.18 -0.17
C VAL A 70 6.31 6.68 1.25
N GLN A 71 7.36 6.65 2.05
CA GLN A 71 7.29 7.10 3.41
C GLN A 71 8.17 8.32 3.61
N ARG A 72 7.61 9.33 4.23
CA ARG A 72 8.35 10.54 4.53
C ARG A 72 8.04 10.99 5.95
N PRO A 73 8.78 10.44 6.94
CA PRO A 73 8.57 10.76 8.35
C PRO A 73 8.90 12.20 8.65
N TRP A 74 8.15 12.80 9.54
CA TRP A 74 8.35 14.18 9.89
C TRP A 74 9.05 14.31 11.24
N ARG A 75 8.78 13.39 12.15
CA ARG A 75 9.39 13.47 13.47
C ARG A 75 10.33 12.29 13.74
N LYS A 76 10.77 11.63 12.68
CA LYS A 76 11.69 10.52 12.83
C LYS A 76 13.03 11.00 13.37
N MET A 1 -5.57 -13.70 -3.06
CA MET A 1 -5.19 -12.47 -3.79
C MET A 1 -3.90 -11.90 -3.22
N ILE A 2 -2.92 -11.71 -4.08
CA ILE A 2 -1.62 -11.21 -3.68
C ILE A 2 -1.25 -10.00 -4.51
N VAL A 3 -1.16 -8.86 -3.88
CA VAL A 3 -0.85 -7.64 -4.59
C VAL A 3 0.65 -7.36 -4.57
N PHE A 4 1.14 -6.79 -5.64
CA PHE A 4 2.54 -6.45 -5.76
C PHE A 4 2.76 -5.02 -5.32
N VAL A 5 3.69 -4.82 -4.40
CA VAL A 5 3.91 -3.49 -3.86
C VAL A 5 5.41 -3.18 -3.69
N ARG A 6 5.78 -1.94 -4.00
CA ARG A 6 7.16 -1.47 -3.82
C ARG A 6 7.17 -0.38 -2.78
N PHE A 7 8.13 -0.42 -1.89
CA PHE A 7 8.28 0.63 -0.92
C PHE A 7 9.39 1.58 -1.37
N ASN A 8 9.24 2.85 -1.06
CA ASN A 8 10.21 3.88 -1.46
C ASN A 8 11.64 3.57 -1.00
N SER A 9 11.77 2.82 0.08
CA SER A 9 13.07 2.46 0.60
C SER A 9 13.30 0.93 0.52
N SER A 10 12.62 0.30 -0.43
CA SER A 10 12.72 -1.15 -0.60
C SER A 10 12.49 -1.49 -2.08
N HIS A 11 12.32 -2.76 -2.35
CA HIS A 11 12.03 -3.22 -3.70
C HIS A 11 10.60 -3.74 -3.78
N GLY A 12 10.26 -4.38 -4.88
CA GLY A 12 8.94 -4.92 -5.04
C GLY A 12 8.77 -6.25 -4.36
N PHE A 13 7.74 -6.36 -3.55
CA PHE A 13 7.43 -7.60 -2.86
C PHE A 13 5.93 -7.86 -2.88
N PRO A 14 5.53 -9.13 -2.96
CA PRO A 14 4.13 -9.50 -2.97
C PRO A 14 3.51 -9.54 -1.56
N VAL A 15 2.35 -8.92 -1.43
CA VAL A 15 1.64 -8.89 -0.17
C VAL A 15 0.24 -9.47 -0.33
N GLU A 16 -0.03 -10.55 0.39
CA GLU A 16 -1.33 -11.20 0.32
C GLU A 16 -2.35 -10.43 1.15
N VAL A 17 -3.50 -10.19 0.56
CA VAL A 17 -4.55 -9.45 1.23
C VAL A 17 -5.86 -10.20 1.16
N ASP A 18 -6.90 -9.62 1.71
CA ASP A 18 -8.22 -10.21 1.69
C ASP A 18 -9.13 -9.41 0.77
N SER A 19 -10.26 -9.96 0.43
CA SER A 19 -11.21 -9.30 -0.44
C SER A 19 -11.92 -8.14 0.28
N ASP A 20 -11.63 -7.96 1.55
CA ASP A 20 -12.23 -6.89 2.33
C ASP A 20 -11.17 -5.96 2.88
N THR A 21 -9.96 -6.08 2.35
CA THR A 21 -8.87 -5.24 2.77
C THR A 21 -8.98 -3.86 2.14
N SER A 22 -9.14 -2.85 2.95
CA SER A 22 -9.20 -1.50 2.46
C SER A 22 -7.78 -1.00 2.21
N ILE A 23 -7.63 -0.06 1.29
CA ILE A 23 -6.31 0.49 0.98
C ILE A 23 -5.70 1.15 2.23
N PHE A 24 -6.58 1.66 3.09
CA PHE A 24 -6.15 2.26 4.36
C PHE A 24 -5.46 1.20 5.21
N GLN A 25 -6.06 0.01 5.27
CA GLN A 25 -5.52 -1.09 6.04
C GLN A 25 -4.28 -1.63 5.38
N LEU A 26 -4.29 -1.70 4.06
CA LEU A 26 -3.13 -2.16 3.30
C LEU A 26 -1.93 -1.26 3.60
N LYS A 27 -2.19 0.04 3.71
CA LYS A 27 -1.16 1.00 4.08
C LYS A 27 -0.61 0.63 5.44
N GLU A 28 -1.50 0.45 6.40
CA GLU A 28 -1.14 0.09 7.76
C GLU A 28 -0.30 -1.18 7.81
N VAL A 29 -0.79 -2.23 7.14
CA VAL A 29 -0.09 -3.52 7.12
C VAL A 29 1.36 -3.37 6.71
N VAL A 30 1.60 -2.72 5.58
CA VAL A 30 2.95 -2.52 5.09
C VAL A 30 3.74 -1.60 6.02
N ALA A 31 3.09 -0.52 6.46
CA ALA A 31 3.72 0.46 7.33
C ALA A 31 4.23 -0.17 8.62
N LYS A 32 3.34 -0.83 9.34
CA LYS A 32 3.67 -1.43 10.61
C LYS A 32 4.67 -2.58 10.44
N ARG A 33 4.55 -3.27 9.31
CA ARG A 33 5.43 -4.40 9.03
C ARG A 33 6.88 -3.92 8.87
N GLN A 34 7.05 -2.86 8.09
CA GLN A 34 8.36 -2.31 7.82
C GLN A 34 8.86 -1.45 8.99
N GLY A 35 7.93 -0.83 9.69
CA GLY A 35 8.29 -0.01 10.83
C GLY A 35 8.28 1.46 10.51
N VAL A 36 7.36 1.86 9.65
CA VAL A 36 7.24 3.24 9.25
C VAL A 36 5.89 3.82 9.70
N PRO A 37 5.73 5.16 9.68
CA PRO A 37 4.49 5.80 10.10
C PRO A 37 3.43 5.78 9.01
N ALA A 38 2.36 5.04 9.24
CA ALA A 38 1.26 4.95 8.30
C ALA A 38 0.51 6.26 8.21
N ASP A 39 0.63 7.06 9.27
CA ASP A 39 -0.03 8.36 9.36
C ASP A 39 0.45 9.30 8.26
N GLN A 40 1.73 9.20 7.93
CA GLN A 40 2.33 10.04 6.91
C GLN A 40 2.79 9.22 5.72
N LEU A 41 2.19 8.06 5.56
CA LEU A 41 2.54 7.17 4.48
C LEU A 41 1.57 7.38 3.32
N ARG A 42 2.09 7.43 2.10
CA ARG A 42 1.26 7.67 0.94
C ARG A 42 1.31 6.50 -0.04
N VAL A 43 0.16 6.12 -0.56
CA VAL A 43 0.10 5.06 -1.54
C VAL A 43 -0.18 5.64 -2.92
N ILE A 44 0.59 5.22 -3.90
CA ILE A 44 0.44 5.70 -5.26
C ILE A 44 0.34 4.52 -6.24
N PHE A 45 -0.63 4.59 -7.12
CA PHE A 45 -0.82 3.58 -8.13
C PHE A 45 -1.24 4.23 -9.43
N ALA A 46 -0.54 3.90 -10.52
CA ALA A 46 -0.81 4.46 -11.84
C ALA A 46 -0.60 5.97 -11.87
N GLY A 47 0.10 6.49 -10.86
CA GLY A 47 0.36 7.91 -10.80
C GLY A 47 -0.73 8.67 -10.04
N LYS A 48 -1.63 7.94 -9.40
CA LYS A 48 -2.70 8.56 -8.64
C LYS A 48 -2.89 7.86 -7.29
N GLU A 49 -3.70 8.47 -6.44
CA GLU A 49 -3.97 7.93 -5.11
C GLU A 49 -5.18 7.01 -5.12
N LEU A 50 -5.18 6.04 -4.23
CA LEU A 50 -6.27 5.08 -4.13
C LEU A 50 -7.19 5.41 -2.97
N ARG A 51 -8.48 5.11 -3.16
CA ARG A 51 -9.46 5.30 -2.10
C ARG A 51 -9.12 4.40 -0.89
N ASN A 52 -8.93 5.03 0.26
CA ASN A 52 -8.47 4.31 1.45
C ASN A 52 -9.58 3.52 2.14
N ASP A 53 -10.80 4.01 2.06
CA ASP A 53 -11.92 3.40 2.79
C ASP A 53 -12.56 2.26 2.01
N TRP A 54 -12.18 2.09 0.77
CA TRP A 54 -12.81 1.09 -0.06
C TRP A 54 -11.97 -0.19 -0.15
N THR A 55 -12.55 -1.23 -0.76
CA THR A 55 -11.90 -2.54 -0.85
C THR A 55 -10.88 -2.60 -1.99
N VAL A 56 -9.75 -3.26 -1.70
CA VAL A 56 -8.70 -3.46 -2.68
C VAL A 56 -9.08 -4.54 -3.69
N GLN A 57 -10.09 -5.34 -3.36
CA GLN A 57 -10.54 -6.43 -4.21
C GLN A 57 -10.99 -5.91 -5.57
N ASN A 58 -11.75 -4.83 -5.55
CA ASN A 58 -12.26 -4.25 -6.79
C ASN A 58 -11.21 -3.35 -7.44
N CYS A 59 -10.24 -2.92 -6.64
CA CYS A 59 -9.15 -2.09 -7.16
C CYS A 59 -8.22 -2.93 -7.99
N ASP A 60 -8.02 -4.17 -7.56
CA ASP A 60 -7.16 -5.13 -8.24
C ASP A 60 -5.73 -4.65 -8.34
N LEU A 61 -4.95 -5.01 -7.37
CA LEU A 61 -3.54 -4.70 -7.37
C LEU A 61 -2.77 -6.01 -7.46
N ASP A 62 -3.53 -7.05 -7.78
CA ASP A 62 -3.03 -8.40 -7.89
C ASP A 62 -2.64 -8.72 -9.32
N GLN A 63 -3.52 -8.37 -10.25
CA GLN A 63 -3.29 -8.69 -11.66
C GLN A 63 -2.77 -7.47 -12.43
N GLN A 64 -2.93 -6.29 -11.85
CA GLN A 64 -2.50 -5.06 -12.51
C GLN A 64 -1.02 -4.79 -12.26
N ILE A 66 2.32 -2.73 -10.40
CA ILE A 66 2.78 -2.79 -9.04
C ILE A 66 2.45 -1.48 -8.29
N VAL A 67 2.12 -1.63 -7.01
CA VAL A 67 1.73 -0.49 -6.18
C VAL A 67 2.98 0.19 -5.61
N HIS A 68 2.97 1.50 -5.57
CA HIS A 68 4.10 2.26 -5.05
C HIS A 68 3.72 2.91 -3.72
N ILE A 69 4.50 2.64 -2.69
CA ILE A 69 4.25 3.24 -1.39
C ILE A 69 5.42 4.12 -0.96
N VAL A 70 5.15 5.40 -0.77
CA VAL A 70 6.18 6.35 -0.40
C VAL A 70 5.90 6.95 0.98
N GLN A 71 6.96 7.24 1.71
CA GLN A 71 6.82 7.81 3.04
C GLN A 71 7.11 9.30 3.01
N ARG A 72 6.21 10.08 3.57
CA ARG A 72 6.39 11.52 3.67
C ARG A 72 6.14 11.94 5.12
N PRO A 73 7.15 11.74 5.99
CA PRO A 73 6.99 11.98 7.42
C PRO A 73 6.98 13.46 7.79
N TRP A 74 6.33 13.75 8.91
CA TRP A 74 6.24 15.10 9.42
C TRP A 74 6.83 15.16 10.83
N ARG A 75 7.63 16.20 11.09
CA ARG A 75 8.27 16.39 12.41
C ARG A 75 9.30 15.28 12.67
N LYS A 76 9.69 14.60 11.60
CA LYS A 76 10.65 13.52 11.70
C LYS A 76 12.06 14.08 11.56
N MET A 1 -5.74 -12.89 -1.33
CA MET A 1 -4.84 -12.86 -2.50
C MET A 1 -3.53 -12.17 -2.13
N ILE A 2 -2.52 -12.33 -2.96
CA ILE A 2 -1.22 -11.73 -2.71
C ILE A 2 -0.89 -10.73 -3.81
N VAL A 3 -0.66 -9.49 -3.41
CA VAL A 3 -0.31 -8.46 -4.37
C VAL A 3 1.10 -7.97 -4.10
N PHE A 4 1.72 -7.42 -5.11
CA PHE A 4 3.07 -6.92 -4.97
C PHE A 4 3.04 -5.43 -4.66
N VAL A 5 3.90 -5.00 -3.77
CA VAL A 5 3.94 -3.61 -3.39
C VAL A 5 5.38 -3.11 -3.25
N ARG A 6 5.63 -1.93 -3.79
CA ARG A 6 6.94 -1.32 -3.73
C ARG A 6 6.96 -0.20 -2.73
N PHE A 7 7.82 -0.30 -1.75
CA PHE A 7 7.95 0.73 -0.75
C PHE A 7 9.09 1.67 -1.13
N ASN A 8 8.98 2.93 -0.70
CA ASN A 8 10.02 3.93 -0.99
C ASN A 8 11.37 3.48 -0.44
N SER A 9 12.40 3.58 -1.29
CA SER A 9 13.77 3.18 -0.93
C SER A 9 13.87 1.66 -0.78
N SER A 10 12.94 0.97 -1.41
CA SER A 10 12.90 -0.48 -1.40
C SER A 10 12.34 -0.99 -2.72
N HIS A 11 12.27 -2.28 -2.89
CA HIS A 11 11.74 -2.86 -4.11
C HIS A 11 10.32 -3.36 -3.87
N GLY A 12 9.87 -4.28 -4.69
CA GLY A 12 8.53 -4.79 -4.57
C GLY A 12 8.47 -6.11 -3.85
N PHE A 13 7.78 -6.12 -2.74
CA PHE A 13 7.63 -7.33 -1.95
C PHE A 13 6.17 -7.77 -1.93
N PRO A 14 5.92 -9.08 -1.85
CA PRO A 14 4.56 -9.63 -1.86
C PRO A 14 3.84 -9.45 -0.52
N VAL A 15 2.65 -8.89 -0.58
CA VAL A 15 1.83 -8.69 0.59
C VAL A 15 0.51 -9.43 0.44
N GLU A 16 0.26 -10.36 1.32
CA GLU A 16 -0.97 -11.11 1.29
C GLU A 16 -2.08 -10.31 1.96
N VAL A 17 -3.17 -10.14 1.25
CA VAL A 17 -4.29 -9.36 1.73
C VAL A 17 -5.58 -10.16 1.63
N ASP A 18 -6.67 -9.55 2.06
CA ASP A 18 -7.98 -10.16 1.98
C ASP A 18 -8.78 -9.47 0.91
N SER A 19 -9.96 -9.97 0.66
CA SER A 19 -10.85 -9.37 -0.33
C SER A 19 -11.33 -8.00 0.14
N ASP A 20 -11.48 -7.87 1.45
CA ASP A 20 -12.02 -6.67 2.03
C ASP A 20 -10.95 -5.75 2.58
N THR A 21 -9.69 -6.03 2.27
CA THR A 21 -8.60 -5.18 2.71
C THR A 21 -8.69 -3.84 2.01
N SER A 22 -9.20 -2.84 2.71
CA SER A 22 -9.31 -1.50 2.16
C SER A 22 -7.92 -0.95 1.88
N ILE A 23 -7.80 -0.08 0.89
CA ILE A 23 -6.52 0.54 0.55
C ILE A 23 -5.94 1.26 1.78
N PHE A 24 -6.84 1.82 2.59
CA PHE A 24 -6.47 2.47 3.85
C PHE A 24 -5.75 1.47 4.75
N GLN A 25 -6.35 0.30 4.91
CA GLN A 25 -5.78 -0.77 5.73
C GLN A 25 -4.51 -1.33 5.10
N LEU A 26 -4.52 -1.48 3.77
CA LEU A 26 -3.36 -1.97 3.03
C LEU A 26 -2.13 -1.14 3.35
N LYS A 27 -2.32 0.18 3.38
CA LYS A 27 -1.27 1.12 3.72
C LYS A 27 -0.66 0.74 5.07
N GLU A 28 -1.52 0.43 6.01
CA GLU A 28 -1.11 0.12 7.36
C GLU A 28 -0.49 -1.27 7.49
N VAL A 29 -0.88 -2.19 6.63
CA VAL A 29 -0.29 -3.53 6.63
C VAL A 29 1.18 -3.43 6.23
N VAL A 30 1.43 -2.61 5.23
CA VAL A 30 2.79 -2.39 4.77
C VAL A 30 3.56 -1.54 5.78
N ALA A 31 2.86 -0.60 6.39
CA ALA A 31 3.46 0.29 7.39
C ALA A 31 3.98 -0.50 8.58
N LYS A 32 3.13 -1.39 9.11
CA LYS A 32 3.52 -2.21 10.26
C LYS A 32 4.63 -3.17 9.89
N ARG A 33 4.63 -3.62 8.64
CA ARG A 33 5.63 -4.56 8.17
C ARG A 33 7.00 -3.91 8.14
N GLN A 34 7.02 -2.65 7.76
CA GLN A 34 8.25 -1.89 7.67
C GLN A 34 8.55 -1.14 8.97
N GLY A 35 7.60 -1.18 9.90
CA GLY A 35 7.78 -0.50 11.17
C GLY A 35 7.87 1.01 11.01
N VAL A 36 7.08 1.54 10.10
CA VAL A 36 7.11 2.95 9.81
C VAL A 36 5.79 3.61 10.20
N PRO A 37 5.80 4.94 10.45
CA PRO A 37 4.59 5.69 10.80
C PRO A 37 3.58 5.68 9.65
N ALA A 38 2.47 4.97 9.87
CA ALA A 38 1.42 4.84 8.87
C ALA A 38 0.74 6.18 8.61
N ASP A 39 0.80 7.05 9.60
CA ASP A 39 0.20 8.38 9.50
C ASP A 39 0.85 9.20 8.39
N GLN A 40 2.14 9.02 8.23
CA GLN A 40 2.91 9.75 7.23
C GLN A 40 3.16 8.89 6.00
N LEU A 41 2.35 7.86 5.82
CA LEU A 41 2.52 6.96 4.70
C LEU A 41 1.53 7.31 3.58
N ARG A 42 1.98 7.24 2.34
CA ARG A 42 1.16 7.60 1.21
C ARG A 42 1.17 6.50 0.14
N VAL A 43 -0.01 6.10 -0.30
CA VAL A 43 -0.14 5.08 -1.32
C VAL A 43 -0.29 5.72 -2.71
N ILE A 44 0.49 5.24 -3.67
CA ILE A 44 0.46 5.77 -5.03
C ILE A 44 0.41 4.65 -6.07
N PHE A 45 -0.55 4.71 -6.95
CA PHE A 45 -0.68 3.76 -8.03
C PHE A 45 -1.30 4.47 -9.22
N ALA A 46 -0.84 4.14 -10.42
CA ALA A 46 -1.31 4.78 -11.65
C ALA A 46 -0.91 6.25 -11.67
N GLY A 47 -0.03 6.63 -10.74
CA GLY A 47 0.44 8.00 -10.68
C GLY A 47 -0.32 8.83 -9.66
N LYS A 48 -1.36 8.27 -9.05
CA LYS A 48 -2.15 9.02 -8.09
C LYS A 48 -2.57 8.16 -6.88
N GLU A 49 -3.39 8.74 -6.03
CA GLU A 49 -3.87 8.04 -4.85
C GLU A 49 -5.00 7.09 -5.21
N LEU A 50 -5.01 5.94 -4.57
CA LEU A 50 -6.07 4.97 -4.76
C LEU A 50 -7.29 5.30 -3.90
N ARG A 51 -8.19 4.36 -3.76
CA ARG A 51 -9.40 4.59 -2.99
C ARG A 51 -9.23 4.01 -1.58
N ASN A 52 -8.85 4.87 -0.65
CA ASN A 52 -8.59 4.46 0.73
C ASN A 52 -9.80 3.79 1.37
N ASP A 53 -10.99 4.21 0.99
CA ASP A 53 -12.22 3.69 1.57
C ASP A 53 -12.75 2.47 0.81
N TRP A 54 -12.01 2.01 -0.19
CA TRP A 54 -12.47 0.88 -0.98
C TRP A 54 -11.53 -0.32 -0.82
N THR A 55 -11.98 -1.48 -1.31
CA THR A 55 -11.24 -2.73 -1.17
C THR A 55 -10.05 -2.79 -2.12
N VAL A 56 -9.07 -3.61 -1.77
CA VAL A 56 -7.87 -3.79 -2.57
C VAL A 56 -8.13 -4.74 -3.74
N GLN A 57 -9.04 -5.70 -3.53
CA GLN A 57 -9.33 -6.68 -4.56
C GLN A 57 -10.07 -6.05 -5.72
N ASN A 58 -11.03 -5.22 -5.41
CA ASN A 58 -11.83 -4.58 -6.44
C ASN A 58 -11.09 -3.37 -7.01
N CYS A 59 -9.91 -3.08 -6.47
CA CYS A 59 -9.09 -1.97 -6.93
C CYS A 59 -8.22 -2.41 -8.10
N ASP A 60 -8.33 -3.70 -8.47
CA ASP A 60 -7.62 -4.29 -9.62
C ASP A 60 -6.11 -4.38 -9.41
N LEU A 61 -5.65 -4.17 -8.18
CA LEU A 61 -4.20 -4.20 -7.89
C LEU A 61 -3.61 -5.58 -8.09
N ASP A 62 -4.45 -6.58 -8.13
CA ASP A 62 -4.01 -7.95 -8.33
C ASP A 62 -3.81 -8.26 -9.80
N GLN A 63 -4.55 -7.58 -10.64
CA GLN A 63 -4.52 -7.86 -12.07
C GLN A 63 -3.67 -6.82 -12.83
N GLN A 64 -3.50 -5.64 -12.25
CA GLN A 64 -2.78 -4.58 -12.91
C GLN A 64 -1.31 -4.54 -12.46
N ILE A 66 2.13 -2.97 -10.28
CA ILE A 66 2.49 -3.12 -8.89
C ILE A 66 2.15 -1.85 -8.11
N VAL A 67 1.78 -2.02 -6.85
CA VAL A 67 1.40 -0.91 -6.01
C VAL A 67 2.64 -0.24 -5.43
N HIS A 68 2.64 1.08 -5.37
CA HIS A 68 3.76 1.82 -4.80
C HIS A 68 3.32 2.57 -3.55
N ILE A 69 4.18 2.58 -2.55
CA ILE A 69 3.88 3.27 -1.31
C ILE A 69 5.09 4.07 -0.84
N VAL A 70 4.90 5.35 -0.64
CA VAL A 70 5.98 6.21 -0.21
C VAL A 70 5.70 6.75 1.18
N GLN A 71 6.74 6.98 1.93
CA GLN A 71 6.61 7.50 3.28
C GLN A 71 7.18 8.90 3.35
N ARG A 72 6.63 9.72 4.21
CA ARG A 72 7.18 11.02 4.47
C ARG A 72 8.07 10.93 5.70
N PRO A 73 9.39 10.78 5.52
CA PRO A 73 10.32 10.57 6.61
C PRO A 73 10.70 11.85 7.31
N TRP A 74 10.10 12.08 8.46
CA TRP A 74 10.45 13.21 9.29
C TRP A 74 11.69 12.87 10.09
N ARG A 75 11.78 11.59 10.44
CA ARG A 75 12.91 11.05 11.16
C ARG A 75 13.50 9.90 10.36
N LYS A 76 14.57 10.18 9.65
CA LYS A 76 15.24 9.19 8.84
C LYS A 76 16.74 9.35 8.92
N MET A 1 -4.96 -12.57 -1.53
CA MET A 1 -4.41 -12.06 -2.80
C MET A 1 -3.06 -11.42 -2.56
N ILE A 2 -2.09 -11.75 -3.38
CA ILE A 2 -0.76 -11.20 -3.24
C ILE A 2 -0.53 -10.08 -4.23
N VAL A 3 -0.23 -8.90 -3.73
CA VAL A 3 0.02 -7.76 -4.57
C VAL A 3 1.47 -7.31 -4.45
N PHE A 4 2.09 -7.04 -5.56
CA PHE A 4 3.46 -6.57 -5.57
C PHE A 4 3.50 -5.09 -5.30
N VAL A 5 4.49 -4.65 -4.56
CA VAL A 5 4.59 -3.26 -4.19
C VAL A 5 6.04 -2.76 -4.23
N ARG A 6 6.22 -1.54 -4.72
CA ARG A 6 7.52 -0.90 -4.80
C ARG A 6 7.67 0.09 -3.66
N PHE A 7 8.41 -0.27 -2.64
CA PHE A 7 8.58 0.60 -1.49
C PHE A 7 9.81 1.50 -1.69
N ASN A 8 9.70 2.74 -1.24
CA ASN A 8 10.77 3.76 -1.38
C ASN A 8 12.16 3.24 -0.97
N SER A 9 12.23 2.57 0.16
CA SER A 9 13.51 2.11 0.67
C SER A 9 13.65 0.59 0.54
N SER A 10 13.01 0.02 -0.46
CA SER A 10 13.06 -1.42 -0.67
C SER A 10 12.83 -1.75 -2.14
N HIS A 11 12.73 -3.03 -2.45
CA HIS A 11 12.47 -3.47 -3.80
C HIS A 11 10.98 -3.77 -3.98
N GLY A 12 10.62 -4.34 -5.11
CA GLY A 12 9.25 -4.69 -5.37
C GLY A 12 8.89 -6.01 -4.73
N PHE A 13 8.55 -5.97 -3.45
CA PHE A 13 8.21 -7.18 -2.73
C PHE A 13 6.71 -7.43 -2.76
N PRO A 14 6.30 -8.70 -2.65
CA PRO A 14 4.90 -9.06 -2.67
C PRO A 14 4.25 -9.01 -1.28
N VAL A 15 3.14 -8.32 -1.18
CA VAL A 15 2.39 -8.20 0.05
C VAL A 15 1.07 -8.96 -0.07
N GLU A 16 0.89 -9.94 0.78
CA GLU A 16 -0.32 -10.73 0.77
C GLU A 16 -1.42 -9.99 1.53
N VAL A 17 -2.51 -9.69 0.83
CA VAL A 17 -3.63 -8.98 1.41
C VAL A 17 -4.92 -9.80 1.25
N ASP A 18 -5.94 -9.41 1.99
CA ASP A 18 -7.22 -10.11 1.94
C ASP A 18 -8.15 -9.42 0.94
N SER A 19 -9.16 -10.12 0.49
CA SER A 19 -10.10 -9.56 -0.46
C SER A 19 -10.95 -8.44 0.15
N ASP A 20 -10.97 -8.37 1.48
CA ASP A 20 -11.72 -7.33 2.16
C ASP A 20 -10.81 -6.31 2.79
N THR A 21 -9.54 -6.32 2.42
CA THR A 21 -8.59 -5.38 2.94
C THR A 21 -8.84 -3.98 2.37
N SER A 22 -9.34 -3.10 3.22
CA SER A 22 -9.59 -1.72 2.83
C SER A 22 -8.27 -1.03 2.48
N ILE A 23 -8.33 -0.02 1.62
CA ILE A 23 -7.12 0.71 1.24
C ILE A 23 -6.52 1.41 2.47
N PHE A 24 -7.38 1.82 3.39
CA PHE A 24 -6.92 2.43 4.62
C PHE A 24 -6.21 1.39 5.47
N GLN A 25 -6.77 0.18 5.48
CA GLN A 25 -6.19 -0.94 6.22
C GLN A 25 -4.90 -1.37 5.55
N LEU A 26 -4.88 -1.34 4.23
CA LEU A 26 -3.70 -1.68 3.45
C LEU A 26 -2.54 -0.77 3.82
N LYS A 27 -2.88 0.50 4.06
CA LYS A 27 -1.90 1.48 4.50
C LYS A 27 -1.29 1.00 5.82
N GLU A 28 -2.16 0.58 6.73
CA GLU A 28 -1.73 0.09 8.02
C GLU A 28 -0.93 -1.20 7.91
N VAL A 29 -1.33 -2.07 6.98
CA VAL A 29 -0.63 -3.35 6.77
C VAL A 29 0.84 -3.12 6.45
N VAL A 30 1.09 -2.28 5.45
CA VAL A 30 2.45 -1.97 5.05
C VAL A 30 3.19 -1.22 6.15
N ALA A 31 2.48 -0.30 6.80
CA ALA A 31 3.05 0.47 7.89
C ALA A 31 3.41 -0.43 9.07
N LYS A 32 2.57 -1.42 9.30
CA LYS A 32 2.76 -2.38 10.37
C LYS A 32 3.97 -3.26 10.07
N ARG A 33 4.01 -3.77 8.84
CA ARG A 33 5.09 -4.66 8.41
C ARG A 33 6.44 -3.94 8.46
N GLN A 34 6.49 -2.75 7.90
CA GLN A 34 7.73 -2.00 7.78
C GLN A 34 8.09 -1.28 9.07
N GLY A 35 7.09 -0.84 9.81
CA GLY A 35 7.34 -0.11 11.04
C GLY A 35 7.42 1.38 10.79
N VAL A 36 6.49 1.88 10.01
CA VAL A 36 6.45 3.30 9.66
C VAL A 36 5.08 3.89 10.00
N PRO A 37 5.01 5.22 10.20
CA PRO A 37 3.74 5.91 10.48
C PRO A 37 2.80 5.86 9.26
N ALA A 38 1.64 5.25 9.45
CA ALA A 38 0.69 5.08 8.36
C ALA A 38 0.04 6.40 7.95
N ASP A 39 0.02 7.36 8.87
CA ASP A 39 -0.58 8.66 8.57
C ASP A 39 0.26 9.42 7.56
N GLN A 40 1.58 9.28 7.68
CA GLN A 40 2.50 9.95 6.78
C GLN A 40 2.79 9.11 5.54
N LEU A 41 2.55 7.81 5.66
CA LEU A 41 2.81 6.85 4.58
C LEU A 41 1.99 7.18 3.33
N ARG A 42 2.66 7.20 2.18
CA ARG A 42 2.03 7.53 0.90
C ARG A 42 1.84 6.29 0.03
N VAL A 43 0.65 6.13 -0.54
CA VAL A 43 0.38 5.03 -1.43
C VAL A 43 -0.02 5.53 -2.82
N ILE A 44 0.62 4.98 -3.84
CA ILE A 44 0.34 5.33 -5.22
C ILE A 44 0.12 4.07 -6.03
N PHE A 45 -0.90 4.07 -6.86
CA PHE A 45 -1.20 2.93 -7.70
C PHE A 45 -1.60 3.39 -9.09
N ALA A 46 -0.93 2.85 -10.10
CA ALA A 46 -1.20 3.15 -11.50
C ALA A 46 -0.98 4.64 -11.82
N GLY A 47 -0.24 5.32 -10.94
CA GLY A 47 0.04 6.73 -11.14
C GLY A 47 -0.94 7.62 -10.40
N LYS A 48 -1.88 7.03 -9.71
CA LYS A 48 -2.88 7.78 -8.96
C LYS A 48 -2.92 7.33 -7.51
N GLU A 49 -3.74 8.00 -6.72
CA GLU A 49 -3.91 7.63 -5.33
C GLU A 49 -5.33 7.14 -5.13
N LEU A 50 -5.45 5.99 -4.48
CA LEU A 50 -6.74 5.37 -4.24
C LEU A 50 -7.47 6.02 -3.08
N ARG A 51 -8.71 5.63 -2.89
CA ARG A 51 -9.51 6.16 -1.79
C ARG A 51 -9.50 5.20 -0.62
N ASN A 52 -9.34 5.74 0.58
CA ASN A 52 -9.20 4.96 1.80
C ASN A 52 -10.44 4.11 2.12
N ASP A 53 -11.60 4.52 1.66
CA ASP A 53 -12.85 3.83 1.99
C ASP A 53 -13.17 2.69 1.01
N TRP A 54 -12.22 2.35 0.17
CA TRP A 54 -12.44 1.30 -0.82
C TRP A 54 -11.62 0.06 -0.47
N THR A 55 -11.99 -1.08 -1.05
CA THR A 55 -11.30 -2.33 -0.80
C THR A 55 -10.26 -2.60 -1.89
N VAL A 56 -9.19 -3.30 -1.53
CA VAL A 56 -8.09 -3.58 -2.45
C VAL A 56 -8.50 -4.58 -3.54
N GLN A 57 -9.45 -5.45 -3.22
CA GLN A 57 -9.86 -6.48 -4.17
C GLN A 57 -10.66 -5.87 -5.32
N ASN A 58 -11.63 -5.04 -4.98
CA ASN A 58 -12.46 -4.41 -6.00
C ASN A 58 -11.75 -3.21 -6.61
N CYS A 59 -10.58 -2.90 -6.11
CA CYS A 59 -9.77 -1.83 -6.64
C CYS A 59 -8.79 -2.44 -7.66
N ASP A 60 -8.51 -3.72 -7.47
CA ASP A 60 -7.62 -4.50 -8.33
C ASP A 60 -6.19 -3.98 -8.33
N LEU A 61 -5.45 -4.36 -7.29
CA LEU A 61 -4.04 -3.97 -7.20
C LEU A 61 -3.13 -5.12 -7.59
N ASP A 62 -3.74 -6.29 -7.82
CA ASP A 62 -3.00 -7.46 -8.26
C ASP A 62 -2.55 -7.23 -9.70
N GLN A 63 -3.49 -6.73 -10.48
CA GLN A 63 -3.26 -6.44 -11.88
C GLN A 63 -3.30 -4.92 -12.09
N GLN A 64 -3.17 -4.51 -13.36
CA GLN A 64 -3.22 -3.09 -13.74
C GLN A 64 -2.07 -2.30 -13.13
N ILE A 66 1.92 -2.28 -11.02
CA ILE A 66 2.34 -2.61 -9.67
C ILE A 66 2.12 -1.41 -8.73
N VAL A 67 1.96 -1.69 -7.45
CA VAL A 67 1.69 -0.66 -6.45
C VAL A 67 2.99 0.03 -6.03
N HIS A 68 2.94 1.34 -5.89
CA HIS A 68 4.10 2.12 -5.44
C HIS A 68 3.82 2.74 -4.08
N ILE A 69 4.65 2.45 -3.11
CA ILE A 69 4.48 3.02 -1.79
C ILE A 69 5.74 3.76 -1.38
N VAL A 70 5.60 5.04 -1.15
CA VAL A 70 6.73 5.85 -0.80
C VAL A 70 6.66 6.28 0.66
N GLN A 71 7.79 6.14 1.35
CA GLN A 71 7.91 6.54 2.72
C GLN A 71 9.32 7.02 3.00
N ARG A 72 9.44 8.09 3.76
CA ARG A 72 10.74 8.58 4.16
C ARG A 72 11.14 7.88 5.45
N PRO A 73 12.19 7.03 5.41
CA PRO A 73 12.65 6.32 6.60
C PRO A 73 13.16 7.27 7.67
N TRP A 74 12.33 7.48 8.69
CA TRP A 74 12.70 8.37 9.77
C TRP A 74 13.55 7.60 10.78
N ARG A 75 13.34 6.30 10.81
CA ARG A 75 14.11 5.42 11.67
C ARG A 75 14.70 4.28 10.85
N LYS A 76 15.79 4.57 10.17
CA LYS A 76 16.46 3.59 9.35
C LYS A 76 17.76 3.16 10.02
N MET A 1 -5.85 -12.44 -2.57
CA MET A 1 -4.88 -12.36 -3.67
C MET A 1 -3.59 -11.70 -3.20
N ILE A 2 -2.50 -12.06 -3.84
CA ILE A 2 -1.21 -11.50 -3.49
C ILE A 2 -0.79 -10.50 -4.56
N VAL A 3 -0.40 -9.32 -4.12
CA VAL A 3 0.04 -8.28 -5.03
C VAL A 3 1.46 -7.85 -4.68
N PHE A 4 2.22 -7.48 -5.68
CA PHE A 4 3.59 -7.03 -5.46
C PHE A 4 3.57 -5.57 -5.04
N VAL A 5 4.32 -5.25 -4.01
CA VAL A 5 4.39 -3.89 -3.52
C VAL A 5 5.84 -3.47 -3.30
N ARG A 6 6.18 -2.30 -3.82
CA ARG A 6 7.52 -1.77 -3.65
C ARG A 6 7.49 -0.57 -2.72
N PHE A 7 8.23 -0.66 -1.63
CA PHE A 7 8.27 0.41 -0.67
C PHE A 7 9.49 1.30 -0.91
N ASN A 8 9.23 2.61 -1.03
CA ASN A 8 10.30 3.61 -1.24
C ASN A 8 11.04 3.34 -2.55
N SER A 9 10.36 2.63 -3.46
CA SER A 9 10.90 2.23 -4.78
C SER A 9 12.22 1.45 -4.68
N SER A 10 12.54 0.97 -3.48
CA SER A 10 13.78 0.27 -3.26
C SER A 10 13.59 -1.23 -3.47
N HIS A 11 12.84 -1.86 -2.58
CA HIS A 11 12.62 -3.30 -2.63
C HIS A 11 11.15 -3.61 -2.89
N GLY A 12 10.90 -4.76 -3.48
CA GLY A 12 9.55 -5.17 -3.79
C GLY A 12 9.19 -6.48 -3.15
N PHE A 13 8.17 -6.47 -2.32
CA PHE A 13 7.73 -7.67 -1.62
C PHE A 13 6.26 -7.97 -1.92
N PRO A 14 5.88 -9.25 -1.89
CA PRO A 14 4.50 -9.66 -2.13
C PRO A 14 3.62 -9.48 -0.89
N VAL A 15 2.48 -8.83 -1.08
CA VAL A 15 1.55 -8.60 0.01
C VAL A 15 0.25 -9.35 -0.25
N GLU A 16 -0.12 -10.21 0.69
CA GLU A 16 -1.35 -10.99 0.57
C GLU A 16 -2.51 -10.22 1.21
N VAL A 17 -3.50 -9.90 0.40
CA VAL A 17 -4.66 -9.16 0.88
C VAL A 17 -5.94 -9.96 0.71
N ASP A 18 -6.94 -9.58 1.47
CA ASP A 18 -8.24 -10.23 1.45
C ASP A 18 -9.19 -9.46 0.53
N SER A 19 -10.28 -10.09 0.13
CA SER A 19 -11.28 -9.48 -0.74
C SER A 19 -11.89 -8.24 -0.08
N ASP A 20 -11.83 -8.19 1.24
CA ASP A 20 -12.42 -7.10 1.98
C ASP A 20 -11.37 -6.26 2.69
N THR A 21 -10.13 -6.38 2.24
CA THR A 21 -9.06 -5.58 2.79
C THR A 21 -9.17 -4.16 2.26
N SER A 22 -9.51 -3.24 3.13
CA SER A 22 -9.62 -1.86 2.76
C SER A 22 -8.24 -1.25 2.52
N ILE A 23 -8.16 -0.27 1.64
CA ILE A 23 -6.89 0.40 1.32
C ILE A 23 -6.26 0.98 2.59
N PHE A 24 -7.12 1.44 3.50
CA PHE A 24 -6.66 1.96 4.79
C PHE A 24 -5.88 0.88 5.54
N GLN A 25 -6.43 -0.31 5.58
CA GLN A 25 -5.80 -1.44 6.25
C GLN A 25 -4.54 -1.85 5.52
N LEU A 26 -4.61 -1.90 4.19
CA LEU A 26 -3.47 -2.26 3.36
C LEU A 26 -2.30 -1.32 3.63
N LYS A 27 -2.60 -0.03 3.73
CA LYS A 27 -1.61 0.98 4.03
C LYS A 27 -0.93 0.66 5.36
N GLU A 28 -1.75 0.35 6.36
CA GLU A 28 -1.25 0.04 7.68
C GLU A 28 -0.44 -1.26 7.68
N VAL A 29 -0.88 -2.25 6.91
CA VAL A 29 -0.18 -3.53 6.82
C VAL A 29 1.25 -3.32 6.33
N VAL A 30 1.39 -2.55 5.25
CA VAL A 30 2.70 -2.27 4.69
C VAL A 30 3.50 -1.37 5.63
N ALA A 31 2.83 -0.41 6.25
CA ALA A 31 3.47 0.50 7.18
C ALA A 31 4.03 -0.26 8.37
N LYS A 32 3.23 -1.16 8.89
CA LYS A 32 3.62 -1.99 10.01
C LYS A 32 4.71 -2.96 9.58
N ARG A 33 4.59 -3.44 8.36
CA ARG A 33 5.55 -4.36 7.77
C ARG A 33 6.94 -3.73 7.77
N GLN A 34 7.00 -2.46 7.42
CA GLN A 34 8.25 -1.72 7.33
C GLN A 34 8.61 -1.03 8.63
N GLY A 35 7.65 -0.94 9.53
CA GLY A 35 7.89 -0.26 10.79
C GLY A 35 7.94 1.24 10.60
N VAL A 36 6.99 1.76 9.84
CA VAL A 36 6.94 3.19 9.53
C VAL A 36 5.54 3.74 9.87
N PRO A 37 5.42 5.07 10.08
CA PRO A 37 4.14 5.70 10.36
C PRO A 37 3.19 5.63 9.17
N ALA A 38 2.04 5.01 9.36
CA ALA A 38 1.06 4.85 8.29
C ALA A 38 0.34 6.15 8.00
N ASP A 39 0.39 7.07 8.93
CA ASP A 39 -0.27 8.37 8.77
C ASP A 39 0.31 9.15 7.61
N GLN A 40 1.63 9.16 7.52
CA GLN A 40 2.31 9.89 6.46
C GLN A 40 2.72 8.97 5.32
N LEU A 41 2.07 7.83 5.24
CA LEU A 41 2.35 6.88 4.19
C LEU A 41 1.35 7.06 3.06
N ARG A 42 1.83 7.03 1.83
CA ARG A 42 0.96 7.23 0.68
C ARG A 42 1.08 6.08 -0.30
N VAL A 43 -0.06 5.57 -0.73
CA VAL A 43 -0.10 4.49 -1.69
C VAL A 43 -0.34 5.04 -3.10
N ILE A 44 0.45 4.55 -4.04
CA ILE A 44 0.35 4.97 -5.43
C ILE A 44 0.10 3.77 -6.34
N PHE A 45 -0.93 3.86 -7.14
CA PHE A 45 -1.28 2.79 -8.05
C PHE A 45 -1.70 3.36 -9.39
N ALA A 46 -1.03 2.91 -10.46
CA ALA A 46 -1.34 3.34 -11.82
C ALA A 46 -1.20 4.87 -11.99
N GLY A 47 -0.41 5.48 -11.13
CA GLY A 47 -0.20 6.92 -11.21
C GLY A 47 -1.21 7.72 -10.41
N LYS A 48 -1.98 7.05 -9.57
CA LYS A 48 -2.95 7.71 -8.73
C LYS A 48 -2.85 7.22 -7.31
N GLU A 49 -3.62 7.81 -6.43
CA GLU A 49 -3.66 7.38 -5.06
C GLU A 49 -5.07 6.95 -4.72
N LEU A 50 -5.19 5.75 -4.20
CA LEU A 50 -6.49 5.20 -3.87
C LEU A 50 -7.05 5.83 -2.60
N ARG A 51 -8.35 5.74 -2.44
CA ARG A 51 -9.00 6.22 -1.25
C ARG A 51 -8.92 5.16 -0.16
N ASN A 52 -8.65 5.59 1.06
CA ASN A 52 -8.44 4.66 2.17
C ASN A 52 -9.71 3.90 2.53
N ASP A 53 -10.85 4.53 2.32
CA ASP A 53 -12.11 3.93 2.68
C ASP A 53 -12.73 3.17 1.52
N TRP A 54 -12.03 2.14 1.07
CA TRP A 54 -12.50 1.30 -0.02
C TRP A 54 -11.73 -0.01 -0.04
N THR A 55 -12.32 -1.04 -0.66
CA THR A 55 -11.70 -2.37 -0.73
C THR A 55 -10.62 -2.44 -1.81
N VAL A 56 -9.56 -3.20 -1.52
CA VAL A 56 -8.43 -3.36 -2.41
C VAL A 56 -8.79 -4.23 -3.62
N GLN A 57 -9.75 -5.14 -3.43
CA GLN A 57 -10.13 -6.04 -4.49
C GLN A 57 -10.88 -5.30 -5.59
N ASN A 58 -11.68 -4.31 -5.21
CA ASN A 58 -12.45 -3.55 -6.18
C ASN A 58 -11.57 -2.52 -6.89
N CYS A 59 -10.44 -2.22 -6.29
CA CYS A 59 -9.48 -1.30 -6.89
C CYS A 59 -8.62 -2.05 -7.91
N ASP A 60 -8.57 -3.38 -7.76
CA ASP A 60 -7.83 -4.27 -8.66
C ASP A 60 -6.35 -3.94 -8.72
N LEU A 61 -5.63 -4.24 -7.65
CA LEU A 61 -4.21 -3.96 -7.59
C LEU A 61 -3.39 -5.08 -8.18
N ASP A 62 -4.07 -6.11 -8.66
CA ASP A 62 -3.40 -7.25 -9.25
C ASP A 62 -3.30 -7.09 -10.77
N GLN A 63 -3.88 -6.02 -11.28
CA GLN A 63 -3.84 -5.73 -12.71
C GLN A 63 -2.49 -5.15 -13.12
N GLN A 64 -1.94 -4.30 -12.28
CA GLN A 64 -0.64 -3.72 -12.54
C GLN A 64 0.44 -4.72 -12.16
N ILE A 66 3.21 -4.00 -10.25
CA ILE A 66 3.57 -3.77 -8.87
C ILE A 66 2.95 -2.48 -8.34
N VAL A 67 2.61 -2.49 -7.06
CA VAL A 67 2.04 -1.33 -6.40
C VAL A 67 3.17 -0.51 -5.80
N HIS A 68 3.04 0.80 -5.82
CA HIS A 68 4.06 1.69 -5.31
C HIS A 68 3.61 2.33 -4.01
N ILE A 69 4.47 2.29 -3.01
CA ILE A 69 4.16 2.90 -1.74
C ILE A 69 5.33 3.74 -1.26
N VAL A 70 5.08 5.01 -1.06
CA VAL A 70 6.10 5.94 -0.63
C VAL A 70 5.70 6.63 0.68
N GLN A 71 6.68 6.94 1.49
CA GLN A 71 6.45 7.62 2.73
C GLN A 71 6.70 9.10 2.55
N ARG A 72 5.89 9.93 3.18
CA ARG A 72 6.04 11.36 3.06
C ARG A 72 6.59 11.96 4.35
N PRO A 73 7.92 12.21 4.38
CA PRO A 73 8.60 12.78 5.56
C PRO A 73 8.01 14.11 6.01
N TRP A 74 7.70 14.20 7.28
CA TRP A 74 7.19 15.42 7.87
C TRP A 74 8.35 16.18 8.54
N ARG A 75 9.06 15.48 9.41
CA ARG A 75 10.25 16.00 10.08
C ARG A 75 11.29 14.89 10.17
N LYS A 76 11.27 14.03 9.17
CA LYS A 76 12.14 12.87 9.12
C LYS A 76 13.37 13.19 8.28
N MET A 1 -5.47 -12.42 -1.06
CA MET A 1 -5.04 -11.67 -2.25
C MET A 1 -3.60 -11.20 -2.09
N ILE A 2 -2.76 -11.56 -3.01
CA ILE A 2 -1.36 -11.16 -2.96
C ILE A 2 -1.02 -10.19 -4.07
N VAL A 3 -0.65 -8.99 -3.71
CA VAL A 3 -0.26 -7.99 -4.68
C VAL A 3 1.16 -7.55 -4.43
N PHE A 4 1.83 -7.12 -5.46
CA PHE A 4 3.21 -6.69 -5.35
C PHE A 4 3.26 -5.21 -5.02
N VAL A 5 4.18 -4.84 -4.15
CA VAL A 5 4.31 -3.46 -3.70
C VAL A 5 5.76 -2.99 -3.77
N ARG A 6 5.94 -1.80 -4.32
CA ARG A 6 7.25 -1.19 -4.43
C ARG A 6 7.36 0.02 -3.52
N PHE A 7 8.11 -0.13 -2.46
CA PHE A 7 8.30 0.93 -1.51
C PHE A 7 9.39 1.88 -2.02
N ASN A 8 9.21 3.19 -1.76
CA ASN A 8 10.13 4.24 -2.22
C ASN A 8 11.59 3.95 -1.83
N SER A 9 11.79 3.15 -0.80
CA SER A 9 13.12 2.83 -0.31
C SER A 9 13.78 1.72 -1.15
N SER A 10 13.43 1.66 -2.44
CA SER A 10 14.01 0.69 -3.38
C SER A 10 13.69 -0.75 -2.96
N HIS A 11 12.55 -0.95 -2.34
CA HIS A 11 12.18 -2.25 -1.83
C HIS A 11 10.84 -2.72 -2.39
N GLY A 12 10.89 -3.73 -3.23
CA GLY A 12 9.69 -4.28 -3.82
C GLY A 12 9.43 -5.70 -3.34
N PHE A 13 8.31 -5.91 -2.67
CA PHE A 13 7.97 -7.22 -2.15
C PHE A 13 6.48 -7.51 -2.32
N PRO A 14 6.07 -8.80 -2.29
CA PRO A 14 4.67 -9.18 -2.38
C PRO A 14 3.97 -9.05 -1.04
N VAL A 15 2.84 -8.37 -1.03
CA VAL A 15 2.08 -8.17 0.17
C VAL A 15 0.79 -8.99 0.13
N GLU A 16 0.61 -9.85 1.12
CA GLU A 16 -0.55 -10.70 1.21
C GLU A 16 -1.64 -10.04 2.05
N VAL A 17 -2.73 -9.70 1.42
CA VAL A 17 -3.85 -9.07 2.09
C VAL A 17 -5.13 -9.87 1.88
N ASP A 18 -6.22 -9.38 2.44
CA ASP A 18 -7.50 -10.07 2.33
C ASP A 18 -8.33 -9.47 1.23
N SER A 19 -9.48 -10.08 0.98
CA SER A 19 -10.39 -9.59 -0.02
C SER A 19 -11.22 -8.42 0.52
N ASP A 20 -11.01 -8.12 1.79
CA ASP A 20 -11.72 -7.05 2.45
C ASP A 20 -10.75 -5.96 2.87
N THR A 21 -9.56 -6.01 2.34
CA THR A 21 -8.56 -5.04 2.68
C THR A 21 -8.78 -3.74 1.93
N SER A 22 -9.33 -2.76 2.63
CA SER A 22 -9.52 -1.45 2.07
C SER A 22 -8.16 -0.82 1.82
N ILE A 23 -8.07 0.08 0.85
CA ILE A 23 -6.81 0.73 0.54
C ILE A 23 -6.23 1.44 1.77
N PHE A 24 -7.10 1.94 2.64
CA PHE A 24 -6.67 2.57 3.89
C PHE A 24 -5.98 1.53 4.76
N GLN A 25 -6.62 0.37 4.88
CA GLN A 25 -6.10 -0.73 5.66
C GLN A 25 -4.81 -1.27 5.05
N LEU A 26 -4.81 -1.33 3.71
CA LEU A 26 -3.65 -1.81 2.96
C LEU A 26 -2.39 -1.05 3.35
N LYS A 27 -2.51 0.27 3.43
CA LYS A 27 -1.40 1.11 3.82
C LYS A 27 -0.90 0.72 5.21
N GLU A 28 -1.84 0.53 6.12
CA GLU A 28 -1.51 0.19 7.48
C GLU A 28 -0.91 -1.21 7.60
N VAL A 29 -1.36 -2.13 6.76
CA VAL A 29 -0.82 -3.48 6.75
C VAL A 29 0.67 -3.45 6.43
N VAL A 30 1.01 -2.71 5.38
CA VAL A 30 2.40 -2.56 4.98
C VAL A 30 3.17 -1.76 6.03
N ALA A 31 2.52 -0.76 6.60
CA ALA A 31 3.13 0.09 7.61
C ALA A 31 3.61 -0.73 8.81
N LYS A 32 2.74 -1.60 9.33
CA LYS A 32 3.11 -2.42 10.47
C LYS A 32 4.04 -3.56 10.05
N ARG A 33 3.96 -3.94 8.79
CA ARG A 33 4.78 -5.02 8.25
C ARG A 33 6.25 -4.57 8.16
N GLN A 34 6.46 -3.33 7.76
CA GLN A 34 7.81 -2.78 7.62
C GLN A 34 8.23 -2.04 8.88
N GLY A 35 7.27 -1.64 9.68
CA GLY A 35 7.56 -0.89 10.89
C GLY A 35 7.76 0.57 10.61
N VAL A 36 6.85 1.15 9.83
CA VAL A 36 6.92 2.55 9.47
C VAL A 36 5.64 3.29 9.89
N PRO A 37 5.74 4.61 10.13
CA PRO A 37 4.58 5.42 10.52
C PRO A 37 3.55 5.51 9.40
N ALA A 38 2.37 4.98 9.64
CA ALA A 38 1.31 4.96 8.63
C ALA A 38 0.75 6.35 8.37
N ASP A 39 0.82 7.23 9.36
CA ASP A 39 0.36 8.61 9.20
C ASP A 39 1.28 9.38 8.27
N GLN A 40 2.53 8.95 8.21
CA GLN A 40 3.52 9.59 7.37
C GLN A 40 3.85 8.68 6.20
N LEU A 41 2.88 7.85 5.83
CA LEU A 41 3.04 6.93 4.72
C LEU A 41 1.96 7.18 3.69
N ARG A 42 2.30 7.05 2.41
CA ARG A 42 1.34 7.29 1.35
C ARG A 42 1.38 6.20 0.30
N VAL A 43 0.20 5.76 -0.14
CA VAL A 43 0.11 4.75 -1.17
C VAL A 43 0.02 5.40 -2.54
N ILE A 44 0.78 4.89 -3.49
CA ILE A 44 0.82 5.45 -4.84
C ILE A 44 0.55 4.38 -5.90
N PHE A 45 -0.27 4.73 -6.85
CA PHE A 45 -0.60 3.86 -7.95
C PHE A 45 -0.95 4.69 -9.16
N ALA A 46 -0.32 4.40 -10.29
CA ALA A 46 -0.58 5.10 -11.56
C ALA A 46 -0.24 6.59 -11.46
N GLY A 47 0.60 6.95 -10.50
CA GLY A 47 0.99 8.33 -10.33
C GLY A 47 0.10 9.08 -9.34
N LYS A 48 -0.92 8.42 -8.84
CA LYS A 48 -1.83 9.01 -7.89
C LYS A 48 -1.93 8.16 -6.64
N GLU A 49 -2.79 8.52 -5.73
CA GLU A 49 -3.02 7.72 -4.56
C GLU A 49 -4.38 7.06 -4.67
N LEU A 50 -4.47 5.82 -4.24
CA LEU A 50 -5.73 5.10 -4.36
C LEU A 50 -6.72 5.52 -3.30
N ARG A 51 -7.98 5.41 -3.67
CA ARG A 51 -9.09 5.70 -2.78
C ARG A 51 -9.05 4.78 -1.56
N ASN A 52 -8.73 5.36 -0.42
CA ASN A 52 -8.57 4.61 0.83
C ASN A 52 -9.86 3.89 1.25
N ASP A 53 -10.98 4.38 0.75
CA ASP A 53 -12.30 3.87 1.10
C ASP A 53 -12.65 2.58 0.33
N TRP A 54 -11.95 2.32 -0.75
CA TRP A 54 -12.27 1.17 -1.60
C TRP A 54 -11.45 -0.06 -1.23
N THR A 55 -11.97 -1.23 -1.60
CA THR A 55 -11.30 -2.50 -1.32
C THR A 55 -10.29 -2.83 -2.41
N VAL A 56 -9.20 -3.47 -2.02
CA VAL A 56 -8.14 -3.82 -2.93
C VAL A 56 -8.56 -4.97 -3.85
N GLN A 57 -9.45 -5.83 -3.34
CA GLN A 57 -9.89 -7.01 -4.06
C GLN A 57 -10.63 -6.63 -5.33
N ASN A 58 -11.65 -5.81 -5.19
CA ASN A 58 -12.49 -5.43 -6.32
C ASN A 58 -11.76 -4.49 -7.28
N CYS A 59 -10.69 -3.86 -6.79
CA CYS A 59 -9.90 -2.96 -7.63
C CYS A 59 -9.00 -3.77 -8.57
N ASP A 60 -8.85 -5.06 -8.25
CA ASP A 60 -8.10 -6.02 -9.06
C ASP A 60 -6.67 -5.56 -9.35
N LEU A 61 -5.94 -5.17 -8.30
CA LEU A 61 -4.54 -4.76 -8.44
C LEU A 61 -3.70 -5.87 -9.07
N ASP A 62 -4.13 -7.11 -8.86
CA ASP A 62 -3.45 -8.29 -9.41
C ASP A 62 -3.53 -8.29 -10.94
N GLN A 63 -4.56 -7.66 -11.48
CA GLN A 63 -4.79 -7.61 -12.91
C GLN A 63 -4.38 -6.25 -13.48
N GLN A 64 -3.78 -5.43 -12.64
CA GLN A 64 -3.37 -4.10 -13.05
C GLN A 64 -1.86 -3.95 -12.88
N ILE A 66 1.60 -2.46 -10.67
CA ILE A 66 2.07 -2.76 -9.33
C ILE A 66 1.84 -1.56 -8.40
N VAL A 67 1.62 -1.85 -7.13
CA VAL A 67 1.36 -0.83 -6.14
C VAL A 67 2.67 -0.25 -5.60
N HIS A 68 2.72 1.05 -5.46
CA HIS A 68 3.89 1.72 -4.93
C HIS A 68 3.54 2.40 -3.61
N ILE A 69 4.50 2.54 -2.73
CA ILE A 69 4.27 3.21 -1.46
C ILE A 69 5.44 4.11 -1.09
N VAL A 70 5.15 5.38 -0.88
CA VAL A 70 6.17 6.34 -0.56
C VAL A 70 6.10 6.74 0.91
N GLN A 71 7.25 6.95 1.51
CA GLN A 71 7.32 7.36 2.89
C GLN A 71 7.58 8.85 2.95
N ARG A 72 6.70 9.59 3.60
CA ARG A 72 6.84 11.03 3.70
C ARG A 72 6.74 11.47 5.16
N PRO A 73 7.87 11.46 5.86
CA PRO A 73 7.93 11.91 7.22
C PRO A 73 8.38 13.37 7.31
N TRP A 74 8.08 14.01 8.42
CA TRP A 74 8.50 15.38 8.63
C TRP A 74 9.94 15.44 9.12
N ARG A 75 10.86 15.32 8.16
CA ARG A 75 12.30 15.35 8.41
C ARG A 75 12.73 14.26 9.39
N LYS A 76 12.89 13.05 8.87
CA LYS A 76 13.36 11.94 9.66
C LYS A 76 14.53 11.28 8.96
N MET A 1 -5.51 -12.91 -0.76
CA MET A 1 -5.17 -12.17 -1.98
C MET A 1 -3.80 -11.53 -1.83
N ILE A 2 -2.88 -11.91 -2.69
CA ILE A 2 -1.53 -11.38 -2.67
C ILE A 2 -1.37 -10.29 -3.71
N VAL A 3 -1.08 -9.09 -3.26
CA VAL A 3 -0.83 -7.99 -4.15
C VAL A 3 0.63 -7.61 -4.09
N PHE A 4 1.13 -7.01 -5.15
CA PHE A 4 2.51 -6.61 -5.20
C PHE A 4 2.66 -5.19 -4.70
N VAL A 5 3.58 -4.98 -3.78
CA VAL A 5 3.79 -3.67 -3.21
C VAL A 5 5.28 -3.34 -3.12
N ARG A 6 5.66 -2.17 -3.61
CA ARG A 6 7.03 -1.72 -3.51
C ARG A 6 7.09 -0.49 -2.62
N PHE A 7 7.84 -0.58 -1.55
CA PHE A 7 7.94 0.50 -0.59
C PHE A 7 9.12 1.40 -0.94
N ASN A 8 8.97 2.70 -0.68
CA ASN A 8 10.03 3.73 -0.89
C ASN A 8 10.66 3.65 -2.28
N SER A 9 9.87 3.21 -3.25
CA SER A 9 10.32 3.09 -4.65
C SER A 9 11.41 2.01 -4.79
N SER A 10 11.47 1.11 -3.83
CA SER A 10 12.43 0.01 -3.84
C SER A 10 11.84 -1.17 -4.62
N HIS A 11 12.26 -2.38 -4.28
CA HIS A 11 11.77 -3.57 -4.94
C HIS A 11 10.37 -3.92 -4.46
N GLY A 12 9.67 -4.71 -5.24
CA GLY A 12 8.33 -5.09 -4.91
C GLY A 12 8.27 -6.39 -4.14
N PHE A 13 7.54 -6.37 -3.04
CA PHE A 13 7.37 -7.55 -2.23
C PHE A 13 5.90 -7.97 -2.20
N PRO A 14 5.61 -9.26 -1.95
CA PRO A 14 4.25 -9.77 -1.92
C PRO A 14 3.54 -9.49 -0.59
N VAL A 15 2.39 -8.86 -0.68
CA VAL A 15 1.60 -8.56 0.51
C VAL A 15 0.30 -9.37 0.49
N GLU A 16 0.14 -10.25 1.46
CA GLU A 16 -1.02 -11.12 1.54
C GLU A 16 -2.12 -10.45 2.36
N VAL A 17 -3.21 -10.12 1.71
CA VAL A 17 -4.35 -9.49 2.35
C VAL A 17 -5.65 -10.18 1.94
N ASP A 18 -6.76 -9.63 2.36
CA ASP A 18 -8.06 -10.17 2.02
C ASP A 18 -8.60 -9.49 0.79
N SER A 19 -9.65 -10.04 0.22
CA SER A 19 -10.30 -9.43 -0.93
C SER A 19 -11.28 -8.36 -0.45
N ASP A 20 -11.23 -8.08 0.85
CA ASP A 20 -12.08 -7.08 1.47
C ASP A 20 -11.23 -6.05 2.19
N THR A 21 -9.92 -6.19 2.06
CA THR A 21 -8.97 -5.30 2.70
C THR A 21 -9.06 -3.91 2.09
N SER A 22 -9.49 -2.94 2.88
CA SER A 22 -9.54 -1.58 2.42
C SER A 22 -8.11 -1.04 2.24
N ILE A 23 -7.94 -0.13 1.30
CA ILE A 23 -6.63 0.44 1.00
C ILE A 23 -5.96 1.04 2.25
N PHE A 24 -6.76 1.66 3.12
CA PHE A 24 -6.22 2.23 4.35
C PHE A 24 -5.67 1.13 5.25
N GLN A 25 -6.40 0.03 5.32
CA GLN A 25 -5.98 -1.12 6.12
C GLN A 25 -4.70 -1.70 5.52
N LEU A 26 -4.68 -1.78 4.20
CA LEU A 26 -3.52 -2.27 3.47
C LEU A 26 -2.30 -1.40 3.78
N LYS A 27 -2.50 -0.09 3.76
CA LYS A 27 -1.44 0.85 4.07
C LYS A 27 -0.97 0.66 5.51
N GLU A 28 -1.92 0.42 6.39
CA GLU A 28 -1.64 0.19 7.80
C GLU A 28 -0.87 -1.13 7.99
N VAL A 29 -1.18 -2.13 7.17
CA VAL A 29 -0.48 -3.41 7.21
C VAL A 29 0.97 -3.23 6.81
N VAL A 30 1.20 -2.56 5.70
CA VAL A 30 2.56 -2.32 5.22
C VAL A 30 3.30 -1.41 6.20
N ALA A 31 2.58 -0.46 6.78
CA ALA A 31 3.15 0.47 7.74
C ALA A 31 3.75 -0.26 8.93
N LYS A 32 2.97 -1.13 9.56
CA LYS A 32 3.44 -1.89 10.71
C LYS A 32 4.45 -2.95 10.28
N ARG A 33 4.30 -3.44 9.07
CA ARG A 33 5.17 -4.48 8.54
C ARG A 33 6.60 -3.96 8.41
N GLN A 34 6.73 -2.70 8.00
CA GLN A 34 8.05 -2.10 7.81
C GLN A 34 8.44 -1.24 9.02
N GLY A 35 7.47 -0.82 9.80
CA GLY A 35 7.75 0.00 10.97
C GLY A 35 7.80 1.48 10.61
N VAL A 36 6.81 1.92 9.84
CA VAL A 36 6.76 3.30 9.40
C VAL A 36 5.42 3.93 9.80
N PRO A 37 5.37 5.29 9.88
CA PRO A 37 4.14 6.00 10.26
C PRO A 37 3.07 5.91 9.18
N ALA A 38 1.96 5.23 9.49
CA ALA A 38 0.87 5.03 8.54
C ALA A 38 0.18 6.35 8.19
N ASP A 39 0.20 7.29 9.12
CA ASP A 39 -0.41 8.60 8.88
C ASP A 39 0.36 9.36 7.85
N GLN A 40 1.67 9.28 7.93
CA GLN A 40 2.55 9.98 7.02
C GLN A 40 2.95 9.06 5.86
N LEU A 41 2.20 7.99 5.70
CA LEU A 41 2.45 7.03 4.63
C LEU A 41 1.49 7.30 3.49
N ARG A 42 1.99 7.25 2.28
CA ARG A 42 1.19 7.55 1.11
C ARG A 42 1.19 6.39 0.12
N VAL A 43 0.01 6.01 -0.34
CA VAL A 43 -0.10 4.96 -1.33
C VAL A 43 -0.34 5.55 -2.72
N ILE A 44 0.62 5.34 -3.61
CA ILE A 44 0.53 5.87 -4.95
C ILE A 44 0.49 4.73 -5.96
N PHE A 45 -0.39 4.85 -6.92
CA PHE A 45 -0.51 3.86 -7.95
C PHE A 45 -0.44 4.52 -9.31
N ALA A 46 0.69 4.32 -9.99
CA ALA A 46 0.98 4.92 -11.31
C ALA A 46 1.17 6.44 -11.19
N GLY A 47 0.13 7.12 -10.79
CA GLY A 47 0.19 8.55 -10.61
C GLY A 47 -0.96 9.06 -9.76
N LYS A 48 -1.78 8.15 -9.29
CA LYS A 48 -2.94 8.49 -8.49
C LYS A 48 -2.85 7.83 -7.12
N GLU A 49 -3.83 8.08 -6.30
CA GLU A 49 -3.91 7.47 -5.00
C GLU A 49 -5.21 6.70 -4.88
N LEU A 50 -5.12 5.48 -4.43
CA LEU A 50 -6.29 4.62 -4.28
C LEU A 50 -7.16 5.08 -3.13
N ARG A 51 -8.46 4.99 -3.31
CA ARG A 51 -9.43 5.35 -2.26
C ARG A 51 -9.19 4.52 -1.00
N ASN A 52 -8.75 5.21 0.06
CA ASN A 52 -8.36 4.56 1.33
C ASN A 52 -9.47 3.69 1.95
N ASP A 53 -10.71 4.06 1.78
CA ASP A 53 -11.80 3.34 2.45
C ASP A 53 -12.48 2.31 1.55
N TRP A 54 -11.85 1.94 0.45
CA TRP A 54 -12.45 0.98 -0.45
C TRP A 54 -11.62 -0.29 -0.56
N THR A 55 -12.20 -1.34 -1.14
CA THR A 55 -11.58 -2.66 -1.24
C THR A 55 -10.38 -2.68 -2.20
N VAL A 56 -9.37 -3.47 -1.84
CA VAL A 56 -8.18 -3.65 -2.65
C VAL A 56 -8.45 -4.63 -3.80
N GLN A 57 -9.50 -5.44 -3.64
CA GLN A 57 -9.86 -6.44 -4.64
C GLN A 57 -10.15 -5.79 -5.99
N ASN A 58 -10.94 -4.72 -5.95
CA ASN A 58 -11.35 -4.05 -7.17
C ASN A 58 -10.29 -3.02 -7.62
N CYS A 59 -9.15 -3.03 -6.95
CA CYS A 59 -8.06 -2.17 -7.33
C CYS A 59 -7.12 -2.91 -8.28
N ASP A 60 -7.27 -4.25 -8.31
CA ASP A 60 -6.50 -5.13 -9.20
C ASP A 60 -5.00 -4.92 -9.07
N LEU A 61 -4.55 -4.69 -7.84
CA LEU A 61 -3.12 -4.46 -7.55
C LEU A 61 -2.30 -5.75 -7.70
N ASP A 62 -2.98 -6.80 -8.10
CA ASP A 62 -2.35 -8.09 -8.34
C ASP A 62 -2.33 -8.41 -9.84
N GLN A 63 -3.16 -7.72 -10.60
CA GLN A 63 -3.31 -8.02 -12.01
C GLN A 63 -2.67 -6.96 -12.92
N GLN A 64 -2.99 -5.69 -12.71
CA GLN A 64 -2.48 -4.66 -13.60
C GLN A 64 -1.06 -4.21 -13.25
N ILE A 66 1.89 -2.77 -9.85
CA ILE A 66 2.30 -2.87 -8.47
C ILE A 66 1.99 -1.57 -7.72
N VAL A 67 1.82 -1.66 -6.42
CA VAL A 67 1.52 -0.50 -5.60
C VAL A 67 2.82 0.17 -5.15
N HIS A 68 2.89 1.48 -5.29
CA HIS A 68 4.07 2.23 -4.89
C HIS A 68 3.77 3.00 -3.62
N ILE A 69 4.35 2.58 -2.52
CA ILE A 69 4.09 3.22 -1.25
C ILE A 69 5.25 4.10 -0.82
N VAL A 70 4.95 5.38 -0.66
CA VAL A 70 5.93 6.38 -0.29
C VAL A 70 5.67 6.87 1.13
N GLN A 71 6.71 7.08 1.90
CA GLN A 71 6.53 7.61 3.24
C GLN A 71 7.21 8.97 3.37
N ARG A 72 6.59 9.86 4.10
CA ARG A 72 7.17 11.16 4.37
C ARG A 72 7.16 11.45 5.86
N PRO A 73 8.09 10.83 6.60
CA PRO A 73 8.20 10.97 8.04
C PRO A 73 9.18 12.08 8.42
N TRP A 74 9.10 12.51 9.65
CA TRP A 74 10.01 13.53 10.14
C TRP A 74 11.00 12.92 11.13
N ARG A 75 10.65 11.76 11.65
CA ARG A 75 11.50 11.08 12.60
C ARG A 75 11.56 9.59 12.28
N LYS A 76 12.55 9.19 11.51
CA LYS A 76 12.71 7.80 11.12
C LYS A 76 14.18 7.48 10.91
N MET A 1 -6.02 -11.15 -1.26
CA MET A 1 -5.05 -11.92 -2.05
C MET A 1 -3.66 -11.33 -1.94
N ILE A 2 -2.70 -11.95 -2.58
CA ILE A 2 -1.34 -11.45 -2.58
C ILE A 2 -1.16 -10.37 -3.63
N VAL A 3 -0.94 -9.14 -3.18
CA VAL A 3 -0.74 -8.02 -4.08
C VAL A 3 0.74 -7.69 -4.17
N PHE A 4 1.09 -6.85 -5.13
CA PHE A 4 2.48 -6.45 -5.31
C PHE A 4 2.68 -5.04 -4.79
N VAL A 5 3.63 -4.87 -3.90
CA VAL A 5 3.90 -3.58 -3.29
C VAL A 5 5.39 -3.27 -3.32
N ARG A 6 5.73 -2.02 -3.55
CA ARG A 6 7.11 -1.61 -3.54
C ARG A 6 7.30 -0.38 -2.67
N PHE A 7 8.16 -0.52 -1.68
CA PHE A 7 8.48 0.57 -0.81
C PHE A 7 9.61 1.38 -1.43
N ASN A 8 9.68 2.66 -1.12
CA ASN A 8 10.71 3.56 -1.67
C ASN A 8 12.15 2.99 -1.48
N SER A 9 12.31 2.14 -0.47
CA SER A 9 13.61 1.56 -0.18
C SER A 9 13.70 0.10 -0.69
N SER A 10 12.78 -0.27 -1.57
CA SER A 10 12.74 -1.62 -2.10
C SER A 10 12.41 -1.61 -3.59
N HIS A 11 12.45 -2.79 -4.21
CA HIS A 11 12.13 -2.93 -5.62
C HIS A 11 10.68 -3.37 -5.78
N GLY A 12 10.34 -4.45 -5.09
CA GLY A 12 9.01 -4.99 -5.16
C GLY A 12 8.87 -6.24 -4.34
N PHE A 13 7.86 -6.28 -3.51
CA PHE A 13 7.61 -7.43 -2.65
C PHE A 13 6.11 -7.73 -2.59
N PRO A 14 5.76 -9.01 -2.55
CA PRO A 14 4.36 -9.42 -2.47
C PRO A 14 3.81 -9.29 -1.04
N VAL A 15 2.60 -8.79 -0.94
CA VAL A 15 1.93 -8.62 0.33
C VAL A 15 0.59 -9.33 0.32
N GLU A 16 0.44 -10.29 1.20
CA GLU A 16 -0.79 -11.06 1.30
C GLU A 16 -1.82 -10.34 2.15
N VAL A 17 -2.89 -9.89 1.51
CA VAL A 17 -3.97 -9.22 2.23
C VAL A 17 -5.27 -9.99 2.06
N ASP A 18 -6.29 -9.55 2.76
CA ASP A 18 -7.61 -10.19 2.69
C ASP A 18 -8.28 -9.84 1.37
N SER A 19 -9.29 -10.61 1.00
CA SER A 19 -10.06 -10.35 -0.21
C SER A 19 -10.75 -8.99 -0.11
N ASP A 20 -11.03 -8.54 1.11
CA ASP A 20 -11.63 -7.24 1.30
C ASP A 20 -10.80 -6.38 2.20
N THR A 21 -9.68 -5.97 1.68
CA THR A 21 -8.78 -5.09 2.36
C THR A 21 -8.92 -3.69 1.79
N SER A 22 -9.54 -2.81 2.55
CA SER A 22 -9.71 -1.44 2.13
C SER A 22 -8.33 -0.80 1.93
N ILE A 23 -8.21 0.08 0.95
CA ILE A 23 -6.94 0.73 0.65
C ILE A 23 -6.35 1.40 1.90
N PHE A 24 -7.23 1.90 2.78
CA PHE A 24 -6.80 2.51 4.03
C PHE A 24 -6.07 1.48 4.90
N GLN A 25 -6.70 0.30 5.05
CA GLN A 25 -6.14 -0.78 5.83
C GLN A 25 -4.89 -1.33 5.16
N LEU A 26 -4.93 -1.41 3.84
CA LEU A 26 -3.80 -1.90 3.06
C LEU A 26 -2.56 -1.06 3.33
N LYS A 27 -2.75 0.25 3.42
CA LYS A 27 -1.69 1.18 3.75
C LYS A 27 -1.09 0.83 5.11
N GLU A 28 -1.96 0.51 6.06
CA GLU A 28 -1.54 0.16 7.40
C GLU A 28 -0.88 -1.21 7.46
N VAL A 29 -1.32 -2.13 6.59
CA VAL A 29 -0.73 -3.47 6.54
C VAL A 29 0.75 -3.39 6.22
N VAL A 30 1.09 -2.59 5.22
CA VAL A 30 2.49 -2.41 4.84
C VAL A 30 3.23 -1.60 5.92
N ALA A 31 2.55 -0.59 6.45
CA ALA A 31 3.12 0.25 7.50
C ALA A 31 3.48 -0.60 8.72
N LYS A 32 2.57 -1.48 9.09
CA LYS A 32 2.74 -2.37 10.22
C LYS A 32 3.87 -3.37 9.93
N ARG A 33 3.91 -3.85 8.69
CA ARG A 33 4.92 -4.82 8.27
C ARG A 33 6.33 -4.24 8.40
N GLN A 34 6.45 -2.97 8.08
CA GLN A 34 7.73 -2.28 8.12
C GLN A 34 7.96 -1.56 9.44
N GLY A 35 6.91 -1.46 10.25
CA GLY A 35 7.02 -0.76 11.52
C GLY A 35 7.22 0.72 11.32
N VAL A 36 6.43 1.31 10.42
CA VAL A 36 6.53 2.72 10.11
C VAL A 36 5.18 3.42 10.33
N PRO A 37 5.20 4.75 10.55
CA PRO A 37 3.98 5.52 10.73
C PRO A 37 3.20 5.66 9.42
N ALA A 38 1.94 5.25 9.47
CA ALA A 38 1.08 5.29 8.29
C ALA A 38 0.59 6.71 8.01
N ASP A 39 0.92 7.64 8.91
CA ASP A 39 0.53 9.04 8.75
C ASP A 39 1.30 9.68 7.61
N GLN A 40 2.60 9.53 7.65
CA GLN A 40 3.48 10.12 6.65
C GLN A 40 3.71 9.16 5.50
N LEU A 41 2.93 8.09 5.48
CA LEU A 41 3.05 7.08 4.46
C LEU A 41 2.06 7.33 3.34
N ARG A 42 2.51 7.22 2.11
CA ARG A 42 1.67 7.44 0.96
C ARG A 42 1.62 6.21 0.08
N VAL A 43 0.44 5.92 -0.47
CA VAL A 43 0.28 4.81 -1.37
C VAL A 43 -0.16 5.28 -2.75
N ILE A 44 0.53 4.79 -3.78
CA ILE A 44 0.24 5.18 -5.14
C ILE A 44 -0.03 3.94 -6.02
N PHE A 45 -1.09 4.02 -6.78
CA PHE A 45 -1.49 2.97 -7.70
C PHE A 45 -2.26 3.60 -8.84
N ALA A 46 -1.95 3.19 -10.08
CA ALA A 46 -2.58 3.75 -11.29
C ALA A 46 -2.08 5.17 -11.55
N GLY A 47 -0.95 5.50 -10.95
CA GLY A 47 -0.36 6.82 -11.14
C GLY A 47 -0.81 7.83 -10.11
N LYS A 48 -1.75 7.44 -9.25
CA LYS A 48 -2.28 8.35 -8.24
C LYS A 48 -2.66 7.56 -6.99
N GLU A 49 -3.33 8.19 -6.06
CA GLU A 49 -3.76 7.51 -4.85
C GLU A 49 -5.17 6.96 -5.04
N LEU A 50 -5.47 5.87 -4.36
CA LEU A 50 -6.79 5.27 -4.43
C LEU A 50 -7.64 5.70 -3.28
N ARG A 51 -8.94 5.57 -3.46
CA ARG A 51 -9.90 5.85 -2.41
C ARG A 51 -9.70 4.87 -1.26
N ASN A 52 -9.46 5.41 -0.09
CA ASN A 52 -9.13 4.60 1.09
C ASN A 52 -10.30 3.72 1.55
N ASP A 53 -11.52 4.10 1.18
CA ASP A 53 -12.72 3.38 1.62
C ASP A 53 -13.15 2.30 0.62
N TRP A 54 -12.27 1.89 -0.26
CA TRP A 54 -12.63 0.88 -1.24
C TRP A 54 -11.74 -0.35 -1.10
N THR A 55 -12.28 -1.50 -1.47
CA THR A 55 -11.60 -2.78 -1.36
C THR A 55 -10.50 -2.93 -2.43
N VAL A 56 -9.46 -3.68 -2.09
CA VAL A 56 -8.33 -3.89 -2.98
C VAL A 56 -8.65 -4.93 -4.07
N GLN A 57 -9.52 -5.89 -3.74
CA GLN A 57 -9.87 -6.96 -4.68
C GLN A 57 -10.53 -6.38 -5.94
N ASN A 58 -11.29 -5.32 -5.77
CA ASN A 58 -12.01 -4.71 -6.89
C ASN A 58 -11.09 -3.79 -7.71
N CYS A 59 -9.96 -3.40 -7.13
CA CYS A 59 -9.03 -2.52 -7.83
C CYS A 59 -7.90 -3.31 -8.49
N ASP A 60 -7.74 -4.57 -8.07
CA ASP A 60 -6.74 -5.49 -8.63
C ASP A 60 -5.31 -4.95 -8.54
N LEU A 61 -4.83 -4.79 -7.32
CA LEU A 61 -3.46 -4.31 -7.07
C LEU A 61 -2.46 -5.45 -7.16
N ASP A 62 -2.94 -6.59 -7.59
CA ASP A 62 -2.10 -7.76 -7.77
C ASP A 62 -2.03 -8.14 -9.24
N GLN A 63 -2.71 -7.36 -10.07
CA GLN A 63 -2.76 -7.64 -11.50
C GLN A 63 -2.16 -6.50 -12.33
N GLN A 64 -2.81 -5.33 -12.29
CA GLN A 64 -2.41 -4.21 -13.12
C GLN A 64 -1.06 -3.62 -12.71
N ILE A 66 1.75 -2.17 -9.54
CA ILE A 66 2.27 -2.47 -8.24
C ILE A 66 2.05 -1.24 -7.35
N VAL A 67 1.90 -1.46 -6.06
CA VAL A 67 1.64 -0.37 -5.15
C VAL A 67 2.92 0.37 -4.80
N HIS A 68 3.03 1.59 -5.27
CA HIS A 68 4.18 2.44 -5.00
C HIS A 68 4.00 3.13 -3.67
N ILE A 69 4.78 2.74 -2.68
CA ILE A 69 4.66 3.33 -1.36
C ILE A 69 5.89 4.13 -0.99
N VAL A 70 5.69 5.36 -0.57
CA VAL A 70 6.77 6.24 -0.18
C VAL A 70 6.44 6.92 1.16
N GLN A 71 7.48 7.30 1.88
CA GLN A 71 7.30 7.99 3.14
C GLN A 71 8.28 9.15 3.23
N ARG A 72 7.88 10.21 3.90
CA ARG A 72 8.76 11.35 4.10
C ARG A 72 8.97 11.62 5.59
N PRO A 73 9.97 10.96 6.18
CA PRO A 73 10.28 11.10 7.59
C PRO A 73 11.24 12.25 7.89
N TRP A 74 11.58 12.41 9.15
CA TRP A 74 12.48 13.47 9.56
C TRP A 74 13.52 12.93 10.53
N ARG A 75 14.77 12.86 10.07
CA ARG A 75 15.89 12.37 10.89
C ARG A 75 15.66 10.94 11.36
N LYS A 76 15.13 10.12 10.48
CA LYS A 76 14.90 8.71 10.79
C LYS A 76 15.98 7.86 10.13
N MET A 1 -5.83 -12.87 -2.93
CA MET A 1 -4.73 -12.75 -3.90
C MET A 1 -3.51 -12.14 -3.25
N ILE A 2 -2.37 -12.34 -3.87
CA ILE A 2 -1.13 -11.76 -3.40
C ILE A 2 -0.77 -10.58 -4.29
N VAL A 3 -0.71 -9.40 -3.72
CA VAL A 3 -0.41 -8.20 -4.50
C VAL A 3 1.02 -7.77 -4.27
N PHE A 4 1.56 -7.04 -5.22
CA PHE A 4 2.93 -6.56 -5.11
C PHE A 4 2.94 -5.10 -4.71
N VAL A 5 3.84 -4.76 -3.82
CA VAL A 5 3.95 -3.40 -3.35
C VAL A 5 5.42 -3.00 -3.18
N ARG A 6 5.77 -1.88 -3.74
CA ARG A 6 7.13 -1.37 -3.67
C ARG A 6 7.22 -0.20 -2.72
N PHE A 7 7.71 -0.47 -1.53
CA PHE A 7 7.85 0.55 -0.52
C PHE A 7 9.11 1.36 -0.77
N ASN A 8 8.93 2.66 -0.96
CA ASN A 8 10.04 3.59 -1.21
C ASN A 8 10.73 3.21 -2.53
N SER A 9 9.97 2.51 -3.39
CA SER A 9 10.46 2.03 -4.69
C SER A 9 11.54 0.97 -4.52
N SER A 10 11.67 0.44 -3.31
CA SER A 10 12.68 -0.55 -3.00
C SER A 10 12.14 -1.97 -3.21
N HIS A 11 12.80 -2.71 -4.11
CA HIS A 11 12.51 -4.13 -4.37
C HIS A 11 11.11 -4.36 -4.97
N GLY A 12 10.11 -4.36 -4.12
CA GLY A 12 8.76 -4.68 -4.53
C GLY A 12 8.36 -6.02 -3.99
N PHE A 13 7.93 -6.03 -2.75
CA PHE A 13 7.60 -7.26 -2.06
C PHE A 13 6.11 -7.57 -2.16
N PRO A 14 5.73 -8.85 -2.06
CA PRO A 14 4.35 -9.28 -2.13
C PRO A 14 3.65 -9.22 -0.78
N VAL A 15 2.44 -8.70 -0.77
CA VAL A 15 1.64 -8.61 0.43
C VAL A 15 0.31 -9.34 0.24
N GLU A 16 -0.03 -10.18 1.19
CA GLU A 16 -1.26 -10.94 1.15
C GLU A 16 -2.40 -10.12 1.72
N VAL A 17 -3.51 -10.09 1.02
CA VAL A 17 -4.68 -9.31 1.45
C VAL A 17 -5.95 -10.13 1.38
N ASP A 18 -7.03 -9.58 1.90
CA ASP A 18 -8.33 -10.22 1.87
C ASP A 18 -9.22 -9.49 0.87
N SER A 19 -10.34 -10.10 0.55
CA SER A 19 -11.29 -9.55 -0.38
C SER A 19 -11.91 -8.24 0.14
N ASP A 20 -11.83 -8.01 1.45
CA ASP A 20 -12.43 -6.81 2.04
C ASP A 20 -11.36 -5.85 2.55
N THR A 21 -10.10 -6.14 2.27
CA THR A 21 -9.01 -5.30 2.73
C THR A 21 -9.09 -3.90 2.11
N SER A 22 -9.39 -2.92 2.95
CA SER A 22 -9.46 -1.56 2.50
C SER A 22 -8.05 -1.03 2.23
N ILE A 23 -7.93 -0.05 1.34
CA ILE A 23 -6.65 0.57 1.04
C ILE A 23 -6.03 1.15 2.31
N PHE A 24 -6.88 1.64 3.20
CA PHE A 24 -6.43 2.17 4.48
C PHE A 24 -5.73 1.07 5.28
N GLN A 25 -6.37 -0.10 5.32
CA GLN A 25 -5.80 -1.25 6.03
C GLN A 25 -4.51 -1.69 5.36
N LEU A 26 -4.53 -1.75 4.03
CA LEU A 26 -3.35 -2.14 3.26
C LEU A 26 -2.18 -1.21 3.57
N LYS A 27 -2.48 0.08 3.67
CA LYS A 27 -1.47 1.08 4.00
C LYS A 27 -0.87 0.77 5.36
N GLU A 28 -1.73 0.45 6.32
CA GLU A 28 -1.30 0.12 7.66
C GLU A 28 -0.49 -1.17 7.68
N VAL A 29 -0.91 -2.15 6.89
CA VAL A 29 -0.21 -3.44 6.81
C VAL A 29 1.23 -3.24 6.36
N VAL A 30 1.41 -2.47 5.31
CA VAL A 30 2.75 -2.19 4.81
C VAL A 30 3.51 -1.31 5.78
N ALA A 31 2.81 -0.36 6.39
CA ALA A 31 3.41 0.56 7.34
C ALA A 31 3.98 -0.18 8.54
N LYS A 32 3.17 -1.00 9.19
CA LYS A 32 3.60 -1.73 10.38
C LYS A 32 4.67 -2.76 10.02
N ARG A 33 4.60 -3.27 8.80
CA ARG A 33 5.55 -4.27 8.34
C ARG A 33 6.94 -3.67 8.18
N GLN A 34 6.97 -2.39 7.84
CA GLN A 34 8.23 -1.69 7.62
C GLN A 34 8.60 -0.82 8.82
N GLY A 35 7.72 -0.79 9.81
CA GLY A 35 7.97 -0.02 11.02
C GLY A 35 7.86 1.48 10.79
N VAL A 36 6.96 1.86 9.90
CA VAL A 36 6.79 3.27 9.56
C VAL A 36 5.37 3.75 9.91
N PRO A 37 5.19 5.07 10.11
CA PRO A 37 3.88 5.64 10.40
C PRO A 37 2.97 5.64 9.18
N ALA A 38 1.77 5.10 9.33
CA ALA A 38 0.81 5.02 8.25
C ALA A 38 0.08 6.34 8.05
N ASP A 39 0.11 7.16 9.09
CA ASP A 39 -0.54 8.47 9.06
C ASP A 39 0.17 9.42 8.12
N GLN A 40 1.49 9.28 8.06
CA GLN A 40 2.31 10.08 7.18
C GLN A 40 2.82 9.25 6.01
N LEU A 41 2.09 8.21 5.68
CA LEU A 41 2.46 7.33 4.59
C LEU A 41 1.60 7.59 3.36
N ARG A 42 2.23 7.60 2.19
CA ARG A 42 1.54 7.90 0.96
C ARG A 42 1.37 6.64 0.12
N VAL A 43 0.20 6.50 -0.50
CA VAL A 43 -0.07 5.37 -1.36
C VAL A 43 -0.40 5.84 -2.79
N ILE A 44 0.41 5.43 -3.74
CA ILE A 44 0.24 5.81 -5.12
C ILE A 44 0.11 4.58 -6.00
N PHE A 45 -0.84 4.62 -6.90
CA PHE A 45 -1.03 3.54 -7.84
C PHE A 45 -1.49 4.10 -9.16
N ALA A 46 -0.78 3.74 -10.21
CA ALA A 46 -1.11 4.19 -11.57
C ALA A 46 -1.01 5.70 -11.70
N GLY A 47 -0.20 6.31 -10.85
CA GLY A 47 0.00 7.74 -10.90
C GLY A 47 -0.94 8.52 -9.99
N LYS A 48 -1.92 7.84 -9.42
CA LYS A 48 -2.87 8.51 -8.56
C LYS A 48 -2.90 7.90 -7.17
N GLU A 49 -3.33 8.69 -6.20
CA GLU A 49 -3.45 8.22 -4.83
C GLU A 49 -4.71 7.38 -4.69
N LEU A 50 -4.62 6.31 -3.93
CA LEU A 50 -5.76 5.44 -3.71
C LEU A 50 -6.59 5.93 -2.54
N ARG A 51 -7.90 5.97 -2.73
CA ARG A 51 -8.80 6.34 -1.65
C ARG A 51 -8.68 5.31 -0.52
N ASN A 52 -8.56 5.79 0.69
CA ASN A 52 -8.34 4.91 1.84
C ASN A 52 -9.54 3.99 2.11
N ASP A 53 -10.73 4.44 1.75
CA ASP A 53 -11.94 3.66 1.99
C ASP A 53 -12.42 2.99 0.73
N TRP A 54 -11.69 1.98 0.31
CA TRP A 54 -12.04 1.17 -0.85
C TRP A 54 -11.37 -0.19 -0.74
N THR A 55 -12.01 -1.20 -1.33
CA THR A 55 -11.48 -2.56 -1.27
C THR A 55 -10.33 -2.76 -2.26
N VAL A 56 -9.32 -3.47 -1.79
CA VAL A 56 -8.15 -3.78 -2.60
C VAL A 56 -8.48 -4.86 -3.63
N GLN A 57 -9.52 -5.64 -3.36
CA GLN A 57 -9.89 -6.75 -4.23
C GLN A 57 -10.41 -6.25 -5.57
N ASN A 58 -11.24 -5.22 -5.53
CA ASN A 58 -11.82 -4.66 -6.75
C ASN A 58 -10.79 -3.85 -7.55
N CYS A 59 -9.63 -3.67 -6.97
CA CYS A 59 -8.57 -2.94 -7.64
C CYS A 59 -7.71 -3.87 -8.50
N ASP A 60 -7.84 -5.19 -8.23
CA ASP A 60 -7.14 -6.23 -9.01
C ASP A 60 -5.65 -5.97 -9.17
N LEU A 61 -4.96 -5.70 -8.07
CA LEU A 61 -3.52 -5.43 -8.10
C LEU A 61 -2.74 -6.63 -8.64
N ASP A 62 -3.33 -7.80 -8.53
CA ASP A 62 -2.71 -9.03 -9.04
C ASP A 62 -2.59 -8.97 -10.56
N GLN A 63 -3.53 -8.29 -11.21
CA GLN A 63 -3.55 -8.17 -12.65
C GLN A 63 -2.97 -6.82 -13.10
N GLN A 64 -3.26 -5.77 -12.35
CA GLN A 64 -2.81 -4.43 -12.71
C GLN A 64 -1.34 -4.22 -12.33
N ILE A 66 1.95 -2.53 -10.01
CA ILE A 66 2.40 -2.71 -8.64
C ILE A 66 2.07 -1.45 -7.83
N VAL A 67 1.83 -1.61 -6.54
CA VAL A 67 1.48 -0.49 -5.67
C VAL A 67 2.74 0.27 -5.25
N HIS A 68 2.72 1.57 -5.43
CA HIS A 68 3.84 2.42 -5.05
C HIS A 68 3.56 3.10 -3.72
N ILE A 69 4.24 2.69 -2.68
CA ILE A 69 4.05 3.28 -1.38
C ILE A 69 5.32 3.95 -0.93
N VAL A 70 5.23 5.22 -0.60
CA VAL A 70 6.37 5.99 -0.18
C VAL A 70 6.04 6.84 1.03
N GLN A 71 7.02 7.06 1.88
CA GLN A 71 6.83 7.84 3.09
C GLN A 71 7.32 9.26 2.88
N ARG A 72 6.57 10.22 3.39
CA ARG A 72 6.98 11.61 3.36
C ARG A 72 7.36 12.06 4.76
N PRO A 73 8.65 12.03 5.08
CA PRO A 73 9.14 12.43 6.39
C PRO A 73 9.03 13.93 6.61
N TRP A 74 7.95 14.34 7.25
CA TRP A 74 7.76 15.75 7.58
C TRP A 74 8.74 16.15 8.67
N ARG A 75 9.22 15.15 9.39
CA ARG A 75 10.23 15.33 10.41
C ARG A 75 11.41 14.44 10.08
N LYS A 76 12.43 15.02 9.49
CA LYS A 76 13.61 14.28 9.12
C LYS A 76 14.88 15.01 9.52
N MET A 1 -5.86 -12.03 -2.11
CA MET A 1 -4.82 -12.43 -3.07
C MET A 1 -3.51 -11.73 -2.74
N ILE A 2 -2.45 -12.11 -3.41
CA ILE A 2 -1.15 -11.50 -3.18
C ILE A 2 -0.89 -10.41 -4.21
N VAL A 3 -0.64 -9.21 -3.73
CA VAL A 3 -0.34 -8.10 -4.61
C VAL A 3 1.12 -7.69 -4.42
N PHE A 4 1.62 -6.89 -5.33
CA PHE A 4 3.01 -6.46 -5.26
C PHE A 4 3.08 -4.98 -4.95
N VAL A 5 3.99 -4.61 -4.06
CA VAL A 5 4.16 -3.22 -3.71
C VAL A 5 5.63 -2.84 -3.69
N ARG A 6 5.89 -1.62 -4.07
CA ARG A 6 7.23 -1.07 -4.05
C ARG A 6 7.32 -0.12 -2.88
N PHE A 7 8.49 -0.02 -2.29
CA PHE A 7 8.67 0.87 -1.17
C PHE A 7 9.89 1.74 -1.40
N ASN A 8 9.81 2.98 -0.97
CA ASN A 8 10.90 3.95 -1.16
C ASN A 8 12.20 3.50 -0.49
N SER A 9 12.09 2.65 0.51
CA SER A 9 13.27 2.17 1.22
C SER A 9 13.64 0.74 0.80
N SER A 10 13.05 0.26 -0.27
CA SER A 10 13.30 -1.10 -0.74
C SER A 10 13.04 -1.20 -2.24
N HIS A 11 12.98 -2.42 -2.75
CA HIS A 11 12.72 -2.65 -4.16
C HIS A 11 11.23 -2.90 -4.36
N GLY A 12 10.78 -4.06 -3.96
CA GLY A 12 9.38 -4.43 -4.08
C GLY A 12 9.13 -5.77 -3.44
N PHE A 13 8.02 -5.90 -2.75
CA PHE A 13 7.69 -7.13 -2.06
C PHE A 13 6.21 -7.47 -2.20
N PRO A 14 5.88 -8.78 -2.18
CA PRO A 14 4.50 -9.24 -2.26
C PRO A 14 3.77 -9.14 -0.92
N VAL A 15 2.52 -8.74 -0.96
CA VAL A 15 1.70 -8.60 0.23
C VAL A 15 0.41 -9.41 0.10
N GLU A 16 0.16 -10.25 1.07
CA GLU A 16 -1.03 -11.08 1.10
C GLU A 16 -2.20 -10.31 1.69
N VAL A 17 -3.23 -10.08 0.89
CA VAL A 17 -4.39 -9.34 1.34
C VAL A 17 -5.66 -10.15 1.12
N ASP A 18 -6.78 -9.63 1.59
CA ASP A 18 -8.07 -10.28 1.43
C ASP A 18 -8.90 -9.52 0.42
N SER A 19 -10.06 -10.04 0.12
CA SER A 19 -10.96 -9.39 -0.83
C SER A 19 -11.55 -8.12 -0.24
N ASP A 20 -11.81 -8.14 1.05
CA ASP A 20 -12.44 -7.01 1.72
C ASP A 20 -11.42 -6.09 2.39
N THR A 21 -10.15 -6.28 2.10
CA THR A 21 -9.12 -5.44 2.68
C THR A 21 -9.24 -4.02 2.14
N SER A 22 -9.53 -3.08 3.03
CA SER A 22 -9.65 -1.69 2.65
C SER A 22 -8.27 -1.13 2.30
N ILE A 23 -8.24 -0.15 1.40
CA ILE A 23 -6.98 0.46 0.97
C ILE A 23 -6.25 1.11 2.15
N PHE A 24 -7.00 1.75 3.06
CA PHE A 24 -6.41 2.35 4.25
C PHE A 24 -5.82 1.27 5.13
N GLN A 25 -6.54 0.16 5.23
CA GLN A 25 -6.08 -0.98 6.01
C GLN A 25 -4.85 -1.59 5.36
N LEU A 26 -4.86 -1.65 4.04
CA LEU A 26 -3.73 -2.17 3.28
C LEU A 26 -2.49 -1.33 3.55
N LYS A 27 -2.63 -0.02 3.46
CA LYS A 27 -1.53 0.89 3.72
C LYS A 27 -1.06 0.71 5.17
N GLU A 28 -2.01 0.48 6.05
CA GLU A 28 -1.75 0.25 7.45
C GLU A 28 -0.96 -1.06 7.65
N VAL A 29 -1.38 -2.10 6.91
CA VAL A 29 -0.70 -3.40 6.96
C VAL A 29 0.73 -3.28 6.51
N VAL A 30 0.95 -2.63 5.38
CA VAL A 30 2.29 -2.45 4.86
C VAL A 30 3.12 -1.58 5.81
N ALA A 31 2.47 -0.59 6.42
CA ALA A 31 3.12 0.29 7.35
C ALA A 31 3.71 -0.47 8.52
N LYS A 32 2.87 -1.24 9.21
CA LYS A 32 3.32 -2.03 10.35
C LYS A 32 4.29 -3.12 9.91
N ARG A 33 4.10 -3.61 8.70
CA ARG A 33 4.95 -4.66 8.15
C ARG A 33 6.39 -4.14 8.00
N GLN A 34 6.52 -2.95 7.44
CA GLN A 34 7.82 -2.33 7.23
C GLN A 34 8.29 -1.63 8.50
N GLY A 35 7.36 -1.42 9.42
CA GLY A 35 7.69 -0.74 10.66
C GLY A 35 7.77 0.75 10.47
N VAL A 36 6.90 1.27 9.63
CA VAL A 36 6.88 2.68 9.32
C VAL A 36 5.55 3.30 9.73
N PRO A 37 5.48 4.64 9.85
CA PRO A 37 4.25 5.34 10.22
C PRO A 37 3.25 5.39 9.08
N ALA A 38 2.08 4.80 9.31
CA ALA A 38 1.01 4.79 8.30
C ALA A 38 0.42 6.18 8.12
N ASP A 39 0.58 7.01 9.16
CA ASP A 39 0.06 8.39 9.15
C ASP A 39 0.54 9.16 7.94
N GLN A 40 1.86 9.18 7.74
CA GLN A 40 2.45 9.92 6.65
C GLN A 40 2.93 9.01 5.55
N LEU A 41 2.23 7.90 5.37
CA LEU A 41 2.55 6.97 4.32
C LEU A 41 1.66 7.24 3.11
N ARG A 42 2.27 7.33 1.94
CA ARG A 42 1.55 7.63 0.72
C ARG A 42 1.61 6.48 -0.27
N VAL A 43 0.46 5.99 -0.66
CA VAL A 43 0.39 4.91 -1.64
C VAL A 43 0.04 5.45 -3.01
N ILE A 44 0.92 5.23 -3.98
CA ILE A 44 0.72 5.72 -5.32
C ILE A 44 0.57 4.58 -6.31
N PHE A 45 -0.47 4.62 -7.08
CA PHE A 45 -0.75 3.64 -8.09
C PHE A 45 -1.12 4.34 -9.38
N ALA A 46 -0.38 4.05 -10.44
CA ALA A 46 -0.62 4.63 -11.77
C ALA A 46 -0.45 6.16 -11.78
N GLY A 47 0.18 6.70 -10.74
CA GLY A 47 0.40 8.12 -10.66
C GLY A 47 -0.55 8.83 -9.71
N LYS A 48 -1.47 8.09 -9.12
CA LYS A 48 -2.44 8.66 -8.19
C LYS A 48 -2.53 7.82 -6.93
N GLU A 49 -3.21 8.32 -5.94
CA GLU A 49 -3.42 7.57 -4.72
C GLU A 49 -4.81 6.95 -4.72
N LEU A 50 -4.88 5.71 -4.30
CA LEU A 50 -6.14 4.98 -4.28
C LEU A 50 -7.05 5.50 -3.19
N ARG A 51 -8.34 5.32 -3.40
CA ARG A 51 -9.34 5.66 -2.42
C ARG A 51 -9.19 4.78 -1.17
N ASN A 52 -8.73 5.40 -0.10
CA ASN A 52 -8.41 4.68 1.13
C ASN A 52 -9.63 4.07 1.80
N ASP A 53 -10.80 4.59 1.47
CA ASP A 53 -12.04 4.14 2.10
C ASP A 53 -12.69 2.98 1.34
N TRP A 54 -12.02 2.48 0.32
CA TRP A 54 -12.58 1.39 -0.48
C TRP A 54 -11.75 0.09 -0.34
N THR A 55 -12.22 -0.97 -0.98
CA THR A 55 -11.58 -2.28 -0.93
C THR A 55 -10.44 -2.40 -1.94
N VAL A 56 -9.55 -3.35 -1.71
CA VAL A 56 -8.38 -3.54 -2.56
C VAL A 56 -8.66 -4.48 -3.75
N GLN A 57 -9.45 -5.52 -3.54
CA GLN A 57 -9.68 -6.50 -4.59
C GLN A 57 -10.55 -5.94 -5.70
N ASN A 58 -11.48 -5.05 -5.36
CA ASN A 58 -12.34 -4.42 -6.36
C ASN A 58 -11.51 -3.49 -7.25
N CYS A 59 -10.32 -3.13 -6.78
CA CYS A 59 -9.43 -2.29 -7.55
C CYS A 59 -8.54 -3.15 -8.46
N ASP A 60 -8.50 -4.46 -8.17
CA ASP A 60 -7.74 -5.44 -8.97
C ASP A 60 -6.26 -5.08 -9.11
N LEU A 61 -5.62 -4.74 -7.98
CA LEU A 61 -4.20 -4.35 -7.98
C LEU A 61 -3.31 -5.36 -8.68
N ASP A 62 -3.35 -6.61 -8.24
CA ASP A 62 -2.50 -7.66 -8.80
C ASP A 62 -2.79 -7.90 -10.28
N GLN A 63 -3.99 -7.60 -10.69
CA GLN A 63 -4.40 -7.78 -12.08
C GLN A 63 -4.20 -6.50 -12.88
N GLN A 64 -3.50 -5.53 -12.30
CA GLN A 64 -3.26 -4.26 -12.97
C GLN A 64 -1.80 -3.88 -13.00
N ILE A 66 1.86 -2.71 -10.11
CA ILE A 66 2.45 -2.73 -8.79
C ILE A 66 2.25 -1.36 -8.11
N VAL A 67 1.99 -1.38 -6.82
CA VAL A 67 1.74 -0.15 -6.08
C VAL A 67 3.06 0.46 -5.61
N HIS A 68 3.18 1.76 -5.76
CA HIS A 68 4.37 2.47 -5.32
C HIS A 68 4.10 3.13 -3.98
N ILE A 69 4.68 2.60 -2.93
CA ILE A 69 4.44 3.12 -1.61
C ILE A 69 5.63 3.91 -1.11
N VAL A 70 5.42 5.19 -0.83
CA VAL A 70 6.47 6.07 -0.36
C VAL A 70 6.08 6.72 0.97
N GLN A 71 7.02 6.79 1.89
CA GLN A 71 6.78 7.41 3.16
C GLN A 71 7.51 8.74 3.25
N ARG A 72 6.99 9.64 4.06
CA ARG A 72 7.61 10.91 4.29
C ARG A 72 7.39 11.34 5.74
N PRO A 73 8.34 11.01 6.63
CA PRO A 73 8.24 11.35 8.04
C PRO A 73 8.32 12.85 8.31
N TRP A 74 7.16 13.50 8.40
CA TRP A 74 7.10 14.93 8.72
C TRP A 74 7.70 15.16 10.10
N ARG A 75 7.04 14.60 11.10
CA ARG A 75 7.46 14.72 12.47
C ARG A 75 7.54 13.33 13.10
N LYS A 76 7.76 12.35 12.25
CA LYS A 76 7.85 10.96 12.66
C LYS A 76 9.30 10.53 12.83
N MET A 1 -5.30 -12.70 -1.03
CA MET A 1 -4.93 -11.80 -2.13
C MET A 1 -3.54 -11.23 -1.90
N ILE A 2 -2.60 -11.65 -2.70
CA ILE A 2 -1.23 -11.19 -2.60
C ILE A 2 -0.91 -10.20 -3.71
N VAL A 3 -0.69 -8.96 -3.33
CA VAL A 3 -0.32 -7.94 -4.28
C VAL A 3 1.12 -7.51 -4.06
N PHE A 4 1.73 -6.95 -5.06
CA PHE A 4 3.12 -6.54 -4.95
C PHE A 4 3.20 -5.07 -4.54
N VAL A 5 4.10 -4.79 -3.61
CA VAL A 5 4.25 -3.43 -3.10
C VAL A 5 5.73 -3.02 -3.04
N ARG A 6 6.02 -1.86 -3.58
CA ARG A 6 7.36 -1.30 -3.54
C ARG A 6 7.41 -0.20 -2.50
N PHE A 7 7.99 -0.50 -1.36
CA PHE A 7 8.08 0.47 -0.30
C PHE A 7 9.24 1.42 -0.56
N ASN A 8 8.98 2.72 -0.38
CA ASN A 8 9.96 3.78 -0.62
C ASN A 8 10.27 3.85 -2.12
N SER A 9 9.40 3.22 -2.91
CA SER A 9 9.55 3.12 -4.36
C SER A 9 10.79 2.26 -4.69
N SER A 10 11.20 1.46 -3.71
CA SER A 10 12.34 0.59 -3.85
C SER A 10 11.88 -0.79 -4.33
N HIS A 11 12.56 -1.84 -3.89
CA HIS A 11 12.23 -3.22 -4.28
C HIS A 11 10.80 -3.57 -3.91
N GLY A 12 10.14 -4.32 -4.78
CA GLY A 12 8.78 -4.71 -4.54
C GLY A 12 8.66 -6.06 -3.89
N PHE A 13 7.95 -6.12 -2.78
CA PHE A 13 7.74 -7.35 -2.06
C PHE A 13 6.26 -7.67 -1.99
N PRO A 14 5.90 -8.96 -1.99
CA PRO A 14 4.51 -9.40 -1.92
C PRO A 14 3.87 -9.13 -0.56
N VAL A 15 2.68 -8.55 -0.59
CA VAL A 15 1.92 -8.27 0.60
C VAL A 15 0.60 -9.05 0.56
N GLU A 16 0.34 -9.83 1.60
CA GLU A 16 -0.84 -10.66 1.66
C GLU A 16 -1.97 -9.94 2.38
N VAL A 17 -3.09 -9.78 1.70
CA VAL A 17 -4.27 -9.17 2.27
C VAL A 17 -5.53 -9.94 1.85
N ASP A 18 -6.65 -9.58 2.44
CA ASP A 18 -7.92 -10.20 2.10
C ASP A 18 -8.58 -9.46 0.96
N SER A 19 -9.63 -10.05 0.42
CA SER A 19 -10.36 -9.47 -0.69
C SER A 19 -11.03 -8.15 -0.30
N ASP A 20 -11.56 -8.11 0.90
CA ASP A 20 -12.30 -6.94 1.36
C ASP A 20 -11.40 -5.93 2.07
N THR A 21 -10.11 -6.06 1.86
CA THR A 21 -9.14 -5.15 2.45
C THR A 21 -9.23 -3.79 1.77
N SER A 22 -9.46 -2.76 2.55
CA SER A 22 -9.50 -1.42 2.00
C SER A 22 -8.08 -0.92 1.78
N ILE A 23 -7.93 0.09 0.95
CA ILE A 23 -6.61 0.66 0.67
C ILE A 23 -5.97 1.20 1.96
N PHE A 24 -6.82 1.66 2.89
CA PHE A 24 -6.33 2.14 4.17
C PHE A 24 -5.74 0.99 4.96
N GLN A 25 -6.47 -0.12 5.00
CA GLN A 25 -5.99 -1.31 5.69
C GLN A 25 -4.71 -1.80 5.05
N LEU A 26 -4.70 -1.80 3.72
CA LEU A 26 -3.53 -2.22 2.95
C LEU A 26 -2.33 -1.36 3.33
N LYS A 27 -2.54 -0.05 3.42
CA LYS A 27 -1.48 0.86 3.81
C LYS A 27 -1.01 0.54 5.23
N GLU A 28 -1.95 0.28 6.11
CA GLU A 28 -1.66 -0.07 7.50
C GLU A 28 -0.91 -1.41 7.59
N VAL A 29 -1.28 -2.36 6.74
CA VAL A 29 -0.61 -3.65 6.69
C VAL A 29 0.86 -3.48 6.34
N VAL A 30 1.11 -2.66 5.33
CA VAL A 30 2.48 -2.40 4.90
C VAL A 30 3.20 -1.53 5.94
N ALA A 31 2.47 -0.60 6.54
CA ALA A 31 3.02 0.28 7.55
C ALA A 31 3.58 -0.52 8.72
N LYS A 32 2.77 -1.41 9.27
CA LYS A 32 3.22 -2.24 10.40
C LYS A 32 4.28 -3.24 9.93
N ARG A 33 4.20 -3.62 8.67
CA ARG A 33 5.14 -4.58 8.08
C ARG A 33 6.54 -3.97 8.04
N GLN A 34 6.60 -2.67 7.85
CA GLN A 34 7.88 -1.96 7.78
C GLN A 34 8.18 -1.23 9.09
N GLY A 35 7.20 -1.23 9.98
CA GLY A 35 7.35 -0.55 11.25
C GLY A 35 7.41 0.96 11.09
N VAL A 36 6.55 1.48 10.23
CA VAL A 36 6.51 2.90 9.93
C VAL A 36 5.12 3.47 10.20
N PRO A 37 5.00 4.81 10.34
CA PRO A 37 3.73 5.48 10.55
C PRO A 37 2.90 5.57 9.26
N ALA A 38 1.66 5.11 9.31
CA ALA A 38 0.79 5.12 8.14
C ALA A 38 0.20 6.51 7.89
N ASP A 39 0.33 7.38 8.88
CA ASP A 39 -0.17 8.76 8.77
C ASP A 39 0.51 9.49 7.63
N GLN A 40 1.83 9.57 7.69
CA GLN A 40 2.63 10.25 6.69
C GLN A 40 3.08 9.27 5.61
N LEU A 41 2.40 8.15 5.52
CA LEU A 41 2.70 7.15 4.53
C LEU A 41 1.86 7.37 3.29
N ARG A 42 2.51 7.49 2.16
CA ARG A 42 1.83 7.76 0.92
C ARG A 42 1.76 6.53 0.03
N VAL A 43 0.58 6.27 -0.50
CA VAL A 43 0.40 5.15 -1.41
C VAL A 43 0.15 5.66 -2.83
N ILE A 44 0.93 5.15 -3.77
CA ILE A 44 0.80 5.54 -5.15
C ILE A 44 0.58 4.33 -6.05
N PHE A 45 -0.47 4.39 -6.82
CA PHE A 45 -0.80 3.36 -7.77
C PHE A 45 -1.19 4.00 -9.08
N ALA A 46 -0.45 3.70 -10.14
CA ALA A 46 -0.71 4.28 -11.48
C ALA A 46 -0.40 5.78 -11.49
N GLY A 47 0.41 6.22 -10.53
CA GLY A 47 0.80 7.62 -10.45
C GLY A 47 -0.19 8.45 -9.66
N LYS A 48 -1.10 7.79 -8.97
CA LYS A 48 -2.11 8.48 -8.18
C LYS A 48 -2.39 7.72 -6.90
N GLU A 49 -2.95 8.39 -5.91
CA GLU A 49 -3.31 7.73 -4.67
C GLU A 49 -4.68 7.13 -4.78
N LEU A 50 -4.90 6.02 -4.10
CA LEU A 50 -6.19 5.34 -4.17
C LEU A 50 -7.08 5.74 -3.01
N ARG A 51 -8.36 5.55 -3.23
CA ARG A 51 -9.38 5.80 -2.22
C ARG A 51 -9.14 4.88 -1.01
N ASN A 52 -8.88 5.49 0.13
CA ASN A 52 -8.53 4.76 1.36
C ASN A 52 -9.62 3.76 1.78
N ASP A 53 -10.85 4.05 1.46
CA ASP A 53 -11.94 3.18 1.86
C ASP A 53 -12.60 2.53 0.67
N TRP A 54 -11.96 1.50 0.18
CA TRP A 54 -12.48 0.70 -0.92
C TRP A 54 -11.71 -0.60 -1.01
N THR A 55 -12.41 -1.68 -1.34
CA THR A 55 -11.82 -3.00 -1.47
C THR A 55 -10.71 -3.04 -2.53
N VAL A 56 -9.55 -3.55 -2.13
CA VAL A 56 -8.40 -3.66 -3.00
C VAL A 56 -8.66 -4.70 -4.10
N GLN A 57 -9.55 -5.64 -3.81
CA GLN A 57 -9.89 -6.68 -4.76
C GLN A 57 -10.60 -6.08 -5.96
N ASN A 58 -11.51 -5.15 -5.68
CA ASN A 58 -12.28 -4.49 -6.74
C ASN A 58 -11.39 -3.48 -7.47
N CYS A 59 -10.30 -3.08 -6.82
CA CYS A 59 -9.35 -2.16 -7.42
C CYS A 59 -8.46 -2.89 -8.44
N ASP A 60 -8.44 -4.23 -8.32
CA ASP A 60 -7.72 -5.12 -9.26
C ASP A 60 -6.19 -4.99 -9.14
N LEU A 61 -5.69 -4.62 -7.97
CA LEU A 61 -4.23 -4.47 -7.78
C LEU A 61 -3.49 -5.80 -7.94
N ASP A 62 -4.22 -6.89 -7.87
CA ASP A 62 -3.63 -8.22 -8.04
C ASP A 62 -3.29 -8.46 -9.50
N GLN A 63 -4.17 -8.01 -10.37
CA GLN A 63 -4.00 -8.18 -11.81
C GLN A 63 -3.22 -7.02 -12.41
N GLN A 64 -3.41 -5.84 -11.84
CA GLN A 64 -2.78 -4.63 -12.36
C GLN A 64 -1.34 -4.44 -11.88
N ILE A 66 2.11 -2.67 -9.94
CA ILE A 66 2.62 -2.80 -8.59
C ILE A 66 2.39 -1.49 -7.82
N VAL A 67 2.16 -1.61 -6.53
CA VAL A 67 1.88 -0.45 -5.70
C VAL A 67 3.17 0.18 -5.19
N HIS A 68 3.28 1.49 -5.30
CA HIS A 68 4.43 2.21 -4.80
C HIS A 68 4.05 2.96 -3.53
N ILE A 69 4.52 2.49 -2.40
CA ILE A 69 4.22 3.14 -1.14
C ILE A 69 5.45 3.83 -0.61
N VAL A 70 5.39 5.14 -0.47
CA VAL A 70 6.53 5.91 -0.02
C VAL A 70 6.25 6.54 1.34
N GLN A 71 7.23 6.46 2.21
CA GLN A 71 7.10 7.04 3.54
C GLN A 71 7.71 8.43 3.55
N ARG A 72 7.01 9.37 4.12
CA ARG A 72 7.51 10.72 4.21
C ARG A 72 8.01 10.99 5.63
N PRO A 73 9.34 11.05 5.82
CA PRO A 73 9.97 11.27 7.13
C PRO A 73 9.62 12.63 7.74
N TRP A 74 8.75 12.59 8.74
CA TRP A 74 8.41 13.77 9.51
C TRP A 74 8.90 13.60 10.95
N ARG A 75 8.90 12.36 11.40
CA ARG A 75 9.35 12.03 12.74
C ARG A 75 10.55 11.10 12.65
N LYS A 76 11.14 11.02 11.46
CA LYS A 76 12.28 10.18 11.23
C LYS A 76 13.47 11.02 10.79
N MET A 1 -5.29 -12.74 -1.64
CA MET A 1 -4.93 -11.92 -2.80
C MET A 1 -3.52 -11.39 -2.65
N ILE A 2 -2.64 -11.84 -3.48
CA ILE A 2 -1.25 -11.40 -3.40
C ILE A 2 -1.00 -10.28 -4.39
N VAL A 3 -0.61 -9.14 -3.88
CA VAL A 3 -0.29 -8.01 -4.73
C VAL A 3 1.18 -7.62 -4.54
N PHE A 4 1.76 -7.08 -5.59
CA PHE A 4 3.15 -6.69 -5.52
C PHE A 4 3.26 -5.23 -5.13
N VAL A 5 4.23 -4.92 -4.29
CA VAL A 5 4.40 -3.57 -3.81
C VAL A 5 5.88 -3.17 -3.73
N ARG A 6 6.17 -1.95 -4.15
CA ARG A 6 7.50 -1.39 -4.09
C ARG A 6 7.56 -0.28 -3.05
N PHE A 7 8.36 -0.49 -2.02
CA PHE A 7 8.48 0.49 -0.95
C PHE A 7 9.60 1.49 -1.23
N ASN A 8 9.45 2.69 -0.69
CA ASN A 8 10.44 3.78 -0.81
C ASN A 8 11.87 3.30 -0.55
N SER A 9 12.73 3.47 -1.55
CA SER A 9 14.15 3.10 -1.46
C SER A 9 14.35 1.59 -1.32
N SER A 10 13.32 0.84 -1.61
CA SER A 10 13.37 -0.60 -1.55
C SER A 10 12.88 -1.18 -2.88
N HIS A 11 12.79 -2.49 -2.96
CA HIS A 11 12.36 -3.13 -4.19
C HIS A 11 10.96 -3.73 -4.03
N GLY A 12 10.52 -4.42 -5.07
CA GLY A 12 9.19 -4.98 -5.07
C GLY A 12 9.09 -6.28 -4.29
N PHE A 13 8.12 -6.33 -3.41
CA PHE A 13 7.85 -7.51 -2.62
C PHE A 13 6.36 -7.81 -2.63
N PRO A 14 5.98 -9.09 -2.61
CA PRO A 14 4.58 -9.48 -2.62
C PRO A 14 3.93 -9.40 -1.22
N VAL A 15 2.73 -8.86 -1.17
CA VAL A 15 1.99 -8.75 0.07
C VAL A 15 0.64 -9.47 -0.07
N GLU A 16 0.40 -10.42 0.82
CA GLU A 16 -0.84 -11.19 0.82
C GLU A 16 -1.93 -10.38 1.52
N VAL A 17 -2.89 -9.91 0.76
CA VAL A 17 -3.99 -9.13 1.31
C VAL A 17 -5.30 -9.90 1.19
N ASP A 18 -6.29 -9.44 1.91
CA ASP A 18 -7.58 -10.10 1.93
C ASP A 18 -8.54 -9.40 0.96
N SER A 19 -9.56 -10.12 0.51
CA SER A 19 -10.54 -9.59 -0.43
C SER A 19 -11.36 -8.42 0.17
N ASP A 20 -11.21 -8.18 1.46
CA ASP A 20 -11.93 -7.10 2.11
C ASP A 20 -10.96 -6.05 2.69
N THR A 21 -9.68 -6.21 2.38
CA THR A 21 -8.67 -5.29 2.86
C THR A 21 -8.80 -3.95 2.14
N SER A 22 -9.27 -2.94 2.86
CA SER A 22 -9.41 -1.62 2.31
C SER A 22 -8.03 -1.00 2.06
N ILE A 23 -7.96 -0.04 1.13
CA ILE A 23 -6.70 0.62 0.80
C ILE A 23 -6.08 1.26 2.05
N PHE A 24 -6.93 1.79 2.92
CA PHE A 24 -6.50 2.37 4.19
C PHE A 24 -5.84 1.31 5.05
N GLN A 25 -6.48 0.15 5.12
CA GLN A 25 -5.98 -0.98 5.89
C GLN A 25 -4.66 -1.46 5.34
N LEU A 26 -4.57 -1.55 4.02
CA LEU A 26 -3.35 -1.99 3.35
C LEU A 26 -2.17 -1.09 3.72
N LYS A 27 -2.41 0.23 3.71
CA LYS A 27 -1.38 1.19 4.07
C LYS A 27 -0.92 0.96 5.50
N GLU A 28 -1.87 0.72 6.38
CA GLU A 28 -1.60 0.46 7.78
C GLU A 28 -0.87 -0.88 7.96
N VAL A 29 -1.23 -1.88 7.15
CA VAL A 29 -0.60 -3.20 7.20
C VAL A 29 0.90 -3.09 6.92
N VAL A 30 1.24 -2.43 5.83
CA VAL A 30 2.64 -2.24 5.46
C VAL A 30 3.35 -1.40 6.52
N ALA A 31 2.63 -0.39 7.03
CA ALA A 31 3.16 0.51 8.04
C ALA A 31 3.50 -0.23 9.33
N LYS A 32 2.55 -0.99 9.86
CA LYS A 32 2.76 -1.72 11.12
C LYS A 32 3.82 -2.81 10.95
N ARG A 33 3.87 -3.43 9.77
CA ARG A 33 4.84 -4.48 9.51
C ARG A 33 6.27 -3.95 9.62
N GLN A 34 6.50 -2.77 9.08
CA GLN A 34 7.84 -2.19 9.10
C GLN A 34 8.02 -1.26 10.29
N GLY A 35 6.95 -1.01 11.02
CA GLY A 35 7.02 -0.15 12.18
C GLY A 35 7.20 1.30 11.81
N VAL A 36 6.51 1.72 10.77
CA VAL A 36 6.60 3.10 10.30
C VAL A 36 5.24 3.79 10.45
N PRO A 37 5.23 5.12 10.58
CA PRO A 37 3.98 5.88 10.74
C PRO A 37 3.17 5.94 9.46
N ALA A 38 1.98 5.34 9.48
CA ALA A 38 1.10 5.33 8.32
C ALA A 38 0.60 6.73 7.99
N ASP A 39 0.70 7.64 8.97
CA ASP A 39 0.29 9.04 8.76
C ASP A 39 1.28 9.75 7.87
N GLN A 40 2.49 9.20 7.80
CA GLN A 40 3.54 9.78 6.98
C GLN A 40 3.78 8.89 5.77
N LEU A 41 2.87 7.95 5.57
CA LEU A 41 3.00 6.99 4.48
C LEU A 41 2.02 7.33 3.36
N ARG A 42 2.49 7.23 2.14
CA ARG A 42 1.69 7.54 0.95
C ARG A 42 1.66 6.35 0.01
N VAL A 43 0.48 6.01 -0.47
CA VAL A 43 0.33 4.90 -1.38
C VAL A 43 0.03 5.41 -2.79
N ILE A 44 0.80 4.93 -3.75
CA ILE A 44 0.62 5.30 -5.14
C ILE A 44 0.43 4.05 -5.98
N PHE A 45 -0.70 3.95 -6.64
CA PHE A 45 -0.98 2.82 -7.49
C PHE A 45 -1.16 3.28 -8.93
N ALA A 46 -0.26 2.82 -9.80
CA ALA A 46 -0.31 3.16 -11.23
C ALA A 46 -0.12 4.65 -11.45
N GLY A 47 0.45 5.33 -10.47
CA GLY A 47 0.67 6.75 -10.58
C GLY A 47 -0.48 7.58 -10.04
N LYS A 48 -1.48 6.92 -9.47
CA LYS A 48 -2.64 7.62 -8.93
C LYS A 48 -2.93 7.16 -7.50
N GLU A 49 -3.85 7.86 -6.87
CA GLU A 49 -4.30 7.51 -5.54
C GLU A 49 -5.70 6.92 -5.63
N LEU A 50 -5.96 5.94 -4.81
CA LEU A 50 -7.25 5.27 -4.78
C LEU A 50 -8.10 5.85 -3.65
N ARG A 51 -9.18 5.18 -3.33
CA ARG A 51 -10.02 5.59 -2.23
C ARG A 51 -9.73 4.71 -1.02
N ASN A 52 -9.36 5.36 0.06
CA ASN A 52 -8.91 4.68 1.29
C ASN A 52 -9.92 3.67 1.86
N ASP A 53 -11.21 3.95 1.77
CA ASP A 53 -12.20 3.08 2.40
C ASP A 53 -12.75 2.01 1.44
N TRP A 54 -12.06 1.76 0.36
CA TRP A 54 -12.50 0.75 -0.59
C TRP A 54 -11.56 -0.44 -0.58
N THR A 55 -12.10 -1.61 -0.89
CA THR A 55 -11.34 -2.85 -0.89
C THR A 55 -10.25 -2.85 -1.97
N VAL A 56 -9.16 -3.54 -1.68
CA VAL A 56 -8.03 -3.66 -2.55
C VAL A 56 -8.36 -4.62 -3.71
N GLN A 57 -9.31 -5.53 -3.46
CA GLN A 57 -9.71 -6.53 -4.44
C GLN A 57 -10.31 -5.84 -5.67
N ASN A 58 -11.35 -5.07 -5.44
CA ASN A 58 -12.08 -4.39 -6.52
C ASN A 58 -11.21 -3.35 -7.24
N CYS A 59 -10.12 -2.94 -6.61
CA CYS A 59 -9.22 -1.97 -7.23
C CYS A 59 -8.30 -2.63 -8.26
N ASP A 60 -8.34 -3.98 -8.30
CA ASP A 60 -7.56 -4.79 -9.25
C ASP A 60 -6.09 -4.42 -9.27
N LEU A 61 -5.43 -4.53 -8.14
CA LEU A 61 -4.00 -4.22 -8.06
C LEU A 61 -3.17 -5.27 -8.79
N ASP A 62 -3.33 -6.53 -8.35
CA ASP A 62 -2.59 -7.66 -8.93
C ASP A 62 -2.76 -7.75 -10.45
N GLN A 63 -3.93 -7.40 -10.93
CA GLN A 63 -4.23 -7.49 -12.35
C GLN A 63 -3.57 -6.39 -13.17
N GLN A 64 -3.51 -5.20 -12.62
CA GLN A 64 -3.02 -4.06 -13.38
C GLN A 64 -1.53 -3.79 -13.20
N ILE A 66 1.99 -2.70 -10.23
CA ILE A 66 2.59 -2.85 -8.92
C ILE A 66 2.37 -1.57 -8.12
N VAL A 67 2.22 -1.70 -6.82
CA VAL A 67 1.97 -0.57 -5.96
C VAL A 67 3.26 0.10 -5.54
N HIS A 68 3.27 1.41 -5.52
CA HIS A 68 4.43 2.16 -5.07
C HIS A 68 4.10 2.87 -3.78
N ILE A 69 4.66 2.41 -2.70
CA ILE A 69 4.41 3.01 -1.41
C ILE A 69 5.61 3.83 -0.98
N VAL A 70 5.39 5.11 -0.82
CA VAL A 70 6.46 6.02 -0.46
C VAL A 70 6.17 6.70 0.87
N GLN A 71 7.17 6.77 1.71
CA GLN A 71 7.04 7.43 2.99
C GLN A 71 7.71 8.78 2.94
N ARG A 72 6.94 9.82 3.19
CA ARG A 72 7.46 11.17 3.20
C ARG A 72 7.01 11.89 4.46
N PRO A 73 7.80 11.78 5.53
CA PRO A 73 7.46 12.36 6.82
C PRO A 73 7.63 13.88 6.84
N TRP A 74 6.53 14.57 7.02
CA TRP A 74 6.55 16.01 7.13
C TRP A 74 6.94 16.40 8.54
N ARG A 75 6.66 15.48 9.47
CA ARG A 75 6.97 15.69 10.86
C ARG A 75 7.08 14.32 11.56
N LYS A 76 8.32 13.88 11.78
CA LYS A 76 8.56 12.61 12.42
C LYS A 76 9.47 12.77 13.64
N MET A 1 -5.41 -12.89 -1.30
CA MET A 1 -5.07 -12.00 -2.43
C MET A 1 -3.70 -11.38 -2.21
N ILE A 2 -2.78 -11.72 -3.06
CA ILE A 2 -1.43 -11.20 -2.97
C ILE A 2 -1.23 -10.05 -3.94
N VAL A 3 -0.87 -8.90 -3.43
CA VAL A 3 -0.62 -7.75 -4.26
C VAL A 3 0.84 -7.33 -4.16
N PHE A 4 1.36 -6.82 -5.26
CA PHE A 4 2.74 -6.42 -5.30
C PHE A 4 2.88 -4.95 -4.93
N VAL A 5 3.77 -4.68 -4.00
CA VAL A 5 3.93 -3.33 -3.51
C VAL A 5 5.41 -2.96 -3.29
N ARG A 6 5.77 -1.76 -3.74
CA ARG A 6 7.11 -1.22 -3.57
C ARG A 6 7.10 -0.12 -2.55
N PHE A 7 7.67 -0.35 -1.38
CA PHE A 7 7.75 0.69 -0.39
C PHE A 7 8.91 1.60 -0.72
N ASN A 8 8.64 2.90 -0.79
CA ASN A 8 9.65 3.91 -1.11
C ASN A 8 10.13 3.70 -2.56
N SER A 9 9.36 2.91 -3.32
CA SER A 9 9.69 2.57 -4.70
C SER A 9 11.06 1.88 -4.79
N SER A 10 11.40 1.16 -3.72
CA SER A 10 12.69 0.47 -3.63
C SER A 10 12.79 -0.69 -4.64
N HIS A 11 12.17 -1.82 -4.31
CA HIS A 11 12.26 -3.01 -5.17
C HIS A 11 10.89 -3.64 -5.41
N GLY A 12 10.21 -4.04 -4.34
CA GLY A 12 8.90 -4.63 -4.49
C GLY A 12 8.78 -5.94 -3.73
N PHE A 13 7.71 -6.06 -2.97
CA PHE A 13 7.45 -7.25 -2.20
C PHE A 13 5.96 -7.62 -2.29
N PRO A 14 5.63 -8.91 -2.20
CA PRO A 14 4.26 -9.38 -2.29
C PRO A 14 3.56 -9.43 -0.93
N VAL A 15 2.57 -8.57 -0.76
CA VAL A 15 1.81 -8.55 0.47
C VAL A 15 0.49 -9.29 0.28
N GLU A 16 0.25 -10.26 1.15
CA GLU A 16 -0.94 -11.07 1.07
C GLU A 16 -2.04 -10.51 1.97
N VAL A 17 -3.13 -10.11 1.36
CA VAL A 17 -4.26 -9.58 2.08
C VAL A 17 -5.53 -10.36 1.74
N ASP A 18 -6.64 -9.97 2.33
CA ASP A 18 -7.91 -10.64 2.10
C ASP A 18 -8.66 -9.97 0.98
N SER A 19 -9.77 -10.59 0.57
CA SER A 19 -10.61 -10.04 -0.48
C SER A 19 -11.21 -8.72 -0.02
N ASP A 20 -11.55 -8.65 1.26
CA ASP A 20 -12.14 -7.45 1.82
C ASP A 20 -11.09 -6.68 2.58
N THR A 21 -10.15 -6.13 1.84
CA THR A 21 -9.11 -5.33 2.43
C THR A 21 -9.15 -3.91 1.87
N SER A 22 -9.50 -2.96 2.71
CA SER A 22 -9.54 -1.57 2.30
C SER A 22 -8.12 -1.03 2.14
N ILE A 23 -7.96 -0.05 1.25
CA ILE A 23 -6.64 0.55 0.99
C ILE A 23 -6.06 1.11 2.29
N PHE A 24 -6.91 1.63 3.16
CA PHE A 24 -6.50 2.13 4.47
C PHE A 24 -5.80 1.04 5.25
N GLN A 25 -6.42 -0.13 5.31
CA GLN A 25 -5.87 -1.27 6.01
C GLN A 25 -4.60 -1.74 5.32
N LEU A 26 -4.63 -1.80 3.99
CA LEU A 26 -3.48 -2.22 3.20
C LEU A 26 -2.27 -1.33 3.49
N LYS A 27 -2.50 -0.03 3.59
CA LYS A 27 -1.47 0.93 3.92
C LYS A 27 -0.87 0.62 5.28
N GLU A 28 -1.75 0.34 6.23
CA GLU A 28 -1.36 0.04 7.59
C GLU A 28 -0.62 -1.30 7.70
N VAL A 29 -1.00 -2.26 6.85
CA VAL A 29 -0.34 -3.56 6.82
C VAL A 29 1.12 -3.40 6.43
N VAL A 30 1.36 -2.60 5.39
CA VAL A 30 2.71 -2.35 4.92
C VAL A 30 3.46 -1.50 5.95
N ALA A 31 2.76 -0.56 6.55
CA ALA A 31 3.33 0.33 7.56
C ALA A 31 3.87 -0.46 8.75
N LYS A 32 3.05 -1.37 9.28
CA LYS A 32 3.47 -2.18 10.42
C LYS A 32 4.58 -3.15 10.02
N ARG A 33 4.55 -3.58 8.77
CA ARG A 33 5.52 -4.51 8.23
C ARG A 33 6.90 -3.88 8.21
N GLN A 34 7.00 -2.70 7.63
CA GLN A 34 8.26 -2.01 7.48
C GLN A 34 8.64 -1.24 8.75
N GLY A 35 7.68 -1.08 9.64
CA GLY A 35 7.94 -0.36 10.88
C GLY A 35 8.03 1.13 10.66
N VAL A 36 7.07 1.66 9.93
CA VAL A 36 7.05 3.07 9.61
C VAL A 36 5.71 3.70 10.01
N PRO A 37 5.69 5.02 10.27
CA PRO A 37 4.46 5.73 10.65
C PRO A 37 3.38 5.65 9.57
N ALA A 38 2.31 4.95 9.88
CA ALA A 38 1.21 4.75 8.94
C ALA A 38 0.44 6.03 8.69
N ASP A 39 0.45 6.92 9.68
CA ASP A 39 -0.24 8.20 9.58
C ASP A 39 0.43 9.12 8.55
N GLN A 40 1.73 8.96 8.41
CA GLN A 40 2.52 9.78 7.51
C GLN A 40 2.85 8.99 6.23
N LEU A 41 2.05 7.96 5.98
CA LEU A 41 2.27 7.11 4.82
C LEU A 41 1.28 7.45 3.70
N ARG A 42 1.73 7.34 2.46
CA ARG A 42 0.92 7.67 1.30
C ARG A 42 1.00 6.53 0.26
N VAL A 43 -0.14 6.15 -0.29
CA VAL A 43 -0.16 5.07 -1.27
C VAL A 43 -0.31 5.60 -2.70
N ILE A 44 0.64 5.24 -3.55
CA ILE A 44 0.61 5.66 -4.96
C ILE A 44 0.54 4.43 -5.86
N PHE A 45 -0.36 4.46 -6.80
CA PHE A 45 -0.50 3.37 -7.74
C PHE A 45 -0.26 3.87 -9.14
N ALA A 46 0.85 3.44 -9.73
CA ALA A 46 1.26 3.83 -11.09
C ALA A 46 1.64 5.30 -11.16
N GLY A 47 0.67 6.18 -10.96
CA GLY A 47 0.93 7.61 -11.02
C GLY A 47 -0.14 8.42 -10.31
N LYS A 48 -0.91 7.77 -9.47
CA LYS A 48 -1.95 8.44 -8.71
C LYS A 48 -2.13 7.78 -7.36
N GLU A 49 -2.81 8.44 -6.45
CA GLU A 49 -3.04 7.87 -5.14
C GLU A 49 -4.42 7.22 -5.07
N LEU A 50 -4.59 6.32 -4.12
CA LEU A 50 -5.84 5.62 -3.96
C LEU A 50 -6.60 6.14 -2.75
N ARG A 51 -7.92 6.05 -2.80
CA ARG A 51 -8.75 6.43 -1.67
C ARG A 51 -8.57 5.42 -0.54
N ASN A 52 -8.76 5.85 0.70
CA ASN A 52 -8.55 4.95 1.82
C ASN A 52 -9.75 4.02 2.06
N ASP A 53 -10.94 4.47 1.65
CA ASP A 53 -12.16 3.70 1.87
C ASP A 53 -12.60 3.01 0.59
N TRP A 54 -11.88 1.97 0.25
CA TRP A 54 -12.20 1.14 -0.90
C TRP A 54 -11.42 -0.16 -0.83
N THR A 55 -11.99 -1.22 -1.35
CA THR A 55 -11.35 -2.53 -1.32
C THR A 55 -10.30 -2.67 -2.42
N VAL A 56 -9.23 -3.38 -2.08
CA VAL A 56 -8.15 -3.62 -3.01
C VAL A 56 -8.57 -4.66 -4.06
N GLN A 57 -9.53 -5.50 -3.70
CA GLN A 57 -9.99 -6.56 -4.59
C GLN A 57 -10.60 -5.99 -5.86
N ASN A 58 -11.46 -5.00 -5.70
CA ASN A 58 -12.12 -4.38 -6.84
C ASN A 58 -11.13 -3.56 -7.68
N CYS A 59 -9.98 -3.28 -7.09
CA CYS A 59 -8.93 -2.54 -7.76
C CYS A 59 -8.02 -3.48 -8.56
N ASP A 60 -8.00 -4.76 -8.15
CA ASP A 60 -7.20 -5.81 -8.81
C ASP A 60 -5.71 -5.49 -8.82
N LEU A 61 -5.18 -5.11 -7.67
CA LEU A 61 -3.74 -4.79 -7.56
C LEU A 61 -2.88 -6.06 -7.64
N ASP A 62 -3.53 -7.20 -7.80
CA ASP A 62 -2.86 -8.47 -7.96
C ASP A 62 -2.71 -8.80 -9.44
N GLN A 63 -3.53 -8.16 -10.25
CA GLN A 63 -3.53 -8.37 -11.70
C GLN A 63 -2.90 -7.18 -12.42
N GLN A 64 -3.12 -5.98 -11.88
CA GLN A 64 -2.56 -4.77 -12.45
C GLN A 64 -1.07 -4.67 -12.13
N ILE A 66 2.43 -2.85 -10.20
CA ILE A 66 2.84 -2.85 -8.82
C ILE A 66 2.55 -1.50 -8.15
N VAL A 67 2.25 -1.55 -6.85
CA VAL A 67 1.94 -0.37 -6.08
C VAL A 67 3.21 0.27 -5.56
N HIS A 68 3.23 1.58 -5.49
CA HIS A 68 4.37 2.30 -4.95
C HIS A 68 3.93 3.11 -3.73
N ILE A 69 4.34 2.67 -2.57
CA ILE A 69 3.96 3.35 -1.36
C ILE A 69 5.05 4.32 -0.93
N VAL A 70 4.70 5.59 -0.88
CA VAL A 70 5.63 6.64 -0.53
C VAL A 70 5.36 7.15 0.87
N GLN A 71 6.40 7.31 1.66
CA GLN A 71 6.24 7.87 2.97
C GLN A 71 6.75 9.29 3.01
N ARG A 72 5.90 10.19 3.44
CA ARG A 72 6.26 11.58 3.57
C ARG A 72 6.20 11.96 5.04
N PRO A 73 7.32 11.79 5.75
CA PRO A 73 7.37 12.01 7.19
C PRO A 73 7.29 13.47 7.58
N TRP A 74 6.74 13.71 8.76
CA TRP A 74 6.65 15.04 9.30
C TRP A 74 7.86 15.27 10.20
N ARG A 75 8.09 14.31 11.11
CA ARG A 75 9.23 14.36 12.00
C ARG A 75 9.82 12.97 12.15
N LYS A 76 10.85 12.70 11.38
CA LYS A 76 11.54 11.43 11.43
C LYS A 76 13.03 11.63 11.24
N MET A 1 -5.82 -12.32 -2.43
CA MET A 1 -4.85 -12.29 -3.56
C MET A 1 -3.52 -11.73 -3.10
N ILE A 2 -2.48 -11.99 -3.86
CA ILE A 2 -1.15 -11.52 -3.53
C ILE A 2 -0.70 -10.44 -4.50
N VAL A 3 -0.62 -9.22 -4.01
CA VAL A 3 -0.22 -8.10 -4.84
C VAL A 3 1.23 -7.74 -4.54
N PHE A 4 1.83 -6.99 -5.43
CA PHE A 4 3.21 -6.57 -5.24
C PHE A 4 3.24 -5.10 -4.86
N VAL A 5 4.15 -4.73 -3.98
CA VAL A 5 4.22 -3.37 -3.50
C VAL A 5 5.68 -2.88 -3.37
N ARG A 6 5.92 -1.63 -3.76
CA ARG A 6 7.26 -1.03 -3.66
C ARG A 6 7.29 0.03 -2.59
N PHE A 7 7.75 -0.33 -1.41
CA PHE A 7 7.87 0.63 -0.32
C PHE A 7 9.17 1.40 -0.46
N ASN A 8 9.13 2.71 -0.14
CA ASN A 8 10.32 3.57 -0.21
C ASN A 8 10.81 3.69 -1.66
N SER A 9 9.93 3.28 -2.59
CA SER A 9 10.23 3.28 -4.01
C SER A 9 11.37 2.29 -4.31
N SER A 10 11.60 1.38 -3.39
CA SER A 10 12.65 0.39 -3.53
C SER A 10 12.10 -0.86 -4.24
N HIS A 11 12.78 -1.99 -4.06
CA HIS A 11 12.38 -3.24 -4.70
C HIS A 11 10.99 -3.65 -4.24
N GLY A 12 10.18 -4.12 -5.16
CA GLY A 12 8.84 -4.52 -4.83
C GLY A 12 8.76 -5.89 -4.20
N PHE A 13 7.95 -6.02 -3.18
CA PHE A 13 7.77 -7.28 -2.50
C PHE A 13 6.30 -7.68 -2.49
N PRO A 14 6.01 -8.99 -2.53
CA PRO A 14 4.64 -9.50 -2.55
C PRO A 14 3.96 -9.45 -1.19
N VAL A 15 2.74 -8.91 -1.17
CA VAL A 15 1.95 -8.80 0.02
C VAL A 15 0.60 -9.47 -0.17
N GLU A 16 0.33 -10.49 0.64
CA GLU A 16 -0.93 -11.20 0.58
C GLU A 16 -2.00 -10.43 1.32
N VAL A 17 -3.10 -10.15 0.66
CA VAL A 17 -4.20 -9.42 1.25
C VAL A 17 -5.50 -10.17 1.06
N ASP A 18 -6.47 -9.87 1.88
CA ASP A 18 -7.78 -10.46 1.77
C ASP A 18 -8.62 -9.65 0.80
N SER A 19 -9.65 -10.24 0.28
CA SER A 19 -10.52 -9.55 -0.65
C SER A 19 -11.30 -8.45 0.07
N ASP A 20 -11.50 -8.61 1.36
CA ASP A 20 -12.24 -7.64 2.15
C ASP A 20 -11.30 -6.59 2.75
N THR A 21 -10.01 -6.72 2.48
CA THR A 21 -9.03 -5.79 2.98
C THR A 21 -9.18 -4.44 2.28
N SER A 22 -9.43 -3.40 3.05
CA SER A 22 -9.55 -2.08 2.48
C SER A 22 -8.16 -1.48 2.25
N ILE A 23 -8.07 -0.53 1.34
CA ILE A 23 -6.80 0.13 1.01
C ILE A 23 -6.18 0.75 2.27
N PHE A 24 -7.03 1.32 3.12
CA PHE A 24 -6.60 1.90 4.39
C PHE A 24 -5.92 0.84 5.24
N GLN A 25 -6.53 -0.33 5.30
CA GLN A 25 -5.99 -1.43 6.08
C GLN A 25 -4.67 -1.90 5.48
N LEU A 26 -4.67 -2.11 4.16
CA LEU A 26 -3.45 -2.53 3.46
C LEU A 26 -2.32 -1.54 3.72
N LYS A 27 -2.65 -0.26 3.65
CA LYS A 27 -1.71 0.80 3.93
C LYS A 27 -1.13 0.65 5.32
N GLU A 28 -2.01 0.43 6.28
CA GLU A 28 -1.62 0.25 7.67
C GLU A 28 -0.86 -1.05 7.87
N VAL A 29 -1.27 -2.11 7.19
CA VAL A 29 -0.60 -3.41 7.31
C VAL A 29 0.87 -3.31 6.92
N VAL A 30 1.13 -2.71 5.77
CA VAL A 30 2.51 -2.55 5.29
C VAL A 30 3.29 -1.66 6.27
N ALA A 31 2.67 -0.56 6.67
CA ALA A 31 3.28 0.38 7.59
C ALA A 31 3.56 -0.26 8.94
N LYS A 32 2.59 -1.00 9.44
CA LYS A 32 2.67 -1.67 10.72
C LYS A 32 3.74 -2.75 10.70
N ARG A 33 3.79 -3.49 9.61
CA ARG A 33 4.74 -4.58 9.45
C ARG A 33 6.17 -4.07 9.51
N GLN A 34 6.44 -2.99 8.81
CA GLN A 34 7.77 -2.41 8.77
C GLN A 34 8.03 -1.48 9.94
N GLY A 35 6.95 -0.99 10.54
CA GLY A 35 7.08 -0.12 11.69
C GLY A 35 7.25 1.33 11.31
N VAL A 36 6.47 1.79 10.35
CA VAL A 36 6.54 3.17 9.91
C VAL A 36 5.19 3.86 10.10
N PRO A 37 5.19 5.21 10.24
CA PRO A 37 3.96 5.97 10.43
C PRO A 37 3.07 5.93 9.20
N ALA A 38 1.88 5.38 9.35
CA ALA A 38 0.94 5.27 8.24
C ALA A 38 0.28 6.62 7.98
N ASP A 39 0.22 7.47 9.00
CA ASP A 39 -0.39 8.79 8.86
C ASP A 39 0.46 9.71 8.00
N GLN A 40 1.69 9.31 7.77
CA GLN A 40 2.61 10.08 6.95
C GLN A 40 3.01 9.24 5.73
N LEU A 41 2.23 8.22 5.47
CA LEU A 41 2.50 7.31 4.38
C LEU A 41 1.61 7.64 3.18
N ARG A 42 2.13 7.48 1.99
CA ARG A 42 1.39 7.77 0.78
C ARG A 42 1.48 6.62 -0.22
N VAL A 43 0.34 6.20 -0.75
CA VAL A 43 0.31 5.13 -1.73
C VAL A 43 0.01 5.68 -3.12
N ILE A 44 0.62 5.10 -4.13
CA ILE A 44 0.42 5.54 -5.51
C ILE A 44 0.22 4.36 -6.44
N PHE A 45 -0.80 4.47 -7.27
CA PHE A 45 -1.10 3.46 -8.26
C PHE A 45 -1.47 4.16 -9.56
N ALA A 46 -0.65 3.97 -10.59
CA ALA A 46 -0.87 4.55 -11.92
C ALA A 46 -0.74 6.09 -11.88
N GLY A 47 -0.12 6.59 -10.81
CA GLY A 47 0.07 8.02 -10.69
C GLY A 47 -0.86 8.67 -9.68
N LYS A 48 -1.90 7.97 -9.28
CA LYS A 48 -2.86 8.52 -8.33
C LYS A 48 -2.93 7.68 -7.06
N GLU A 49 -3.34 8.31 -5.97
CA GLU A 49 -3.52 7.62 -4.71
C GLU A 49 -4.88 6.95 -4.68
N LEU A 50 -4.96 5.82 -4.02
CA LEU A 50 -6.19 5.05 -3.94
C LEU A 50 -7.05 5.52 -2.78
N ARG A 51 -8.36 5.35 -2.93
CA ARG A 51 -9.29 5.68 -1.86
C ARG A 51 -9.08 4.70 -0.70
N ASN A 52 -8.79 5.24 0.46
CA ASN A 52 -8.45 4.42 1.63
C ASN A 52 -9.61 3.53 2.09
N ASP A 53 -10.80 4.08 2.19
CA ASP A 53 -11.93 3.31 2.69
C ASP A 53 -12.64 2.55 1.60
N TRP A 54 -11.89 1.70 0.93
CA TRP A 54 -12.46 0.86 -0.12
C TRP A 54 -11.71 -0.46 -0.22
N THR A 55 -12.42 -1.51 -0.63
CA THR A 55 -11.88 -2.85 -0.75
C THR A 55 -10.74 -2.91 -1.77
N VAL A 56 -9.73 -3.73 -1.48
CA VAL A 56 -8.62 -3.92 -2.40
C VAL A 56 -9.02 -4.90 -3.51
N GLN A 57 -10.07 -5.68 -3.26
CA GLN A 57 -10.56 -6.66 -4.22
C GLN A 57 -11.09 -5.96 -5.47
N ASN A 58 -11.69 -4.80 -5.28
CA ASN A 58 -12.25 -4.01 -6.37
C ASN A 58 -11.16 -3.09 -6.98
N CYS A 59 -9.92 -3.38 -6.63
CA CYS A 59 -8.80 -2.64 -7.10
C CYS A 59 -7.88 -3.57 -7.85
N ASP A 60 -7.75 -3.33 -9.13
CA ASP A 60 -6.94 -4.16 -10.03
C ASP A 60 -5.43 -4.04 -9.77
N LEU A 61 -5.04 -4.20 -8.52
CA LEU A 61 -3.63 -4.12 -8.15
C LEU A 61 -2.92 -5.41 -8.54
N ASP A 62 -3.67 -6.49 -8.62
CA ASP A 62 -3.10 -7.78 -9.01
C ASP A 62 -3.12 -7.94 -10.51
N GLN A 63 -4.08 -7.29 -11.16
CA GLN A 63 -4.23 -7.40 -12.60
C GLN A 63 -3.30 -6.45 -13.34
N GLN A 64 -2.97 -5.34 -12.71
CA GLN A 64 -2.10 -4.36 -13.31
C GLN A 64 -0.68 -4.44 -12.74
N ILE A 66 2.70 -2.90 -10.33
CA ILE A 66 3.00 -2.95 -8.92
C ILE A 66 2.59 -1.64 -8.24
N VAL A 67 2.18 -1.73 -6.99
CA VAL A 67 1.74 -0.57 -6.23
C VAL A 67 2.93 0.10 -5.56
N HIS A 68 3.00 1.42 -5.62
CA HIS A 68 4.11 2.16 -5.03
C HIS A 68 3.70 2.82 -3.72
N ILE A 69 4.58 2.78 -2.73
CA ILE A 69 4.32 3.39 -1.44
C ILE A 69 5.54 4.18 -0.97
N VAL A 70 5.31 5.43 -0.56
CA VAL A 70 6.40 6.30 -0.10
C VAL A 70 6.09 6.91 1.28
N GLN A 71 7.10 6.96 2.14
CA GLN A 71 6.96 7.54 3.48
C GLN A 71 7.43 9.01 3.46
N ARG A 72 6.62 9.89 4.00
CA ARG A 72 6.97 11.31 4.05
C ARG A 72 6.46 11.94 5.35
N PRO A 73 7.26 11.84 6.43
CA PRO A 73 6.89 12.37 7.72
C PRO A 73 7.51 13.73 8.03
N TRP A 74 6.66 14.68 8.40
CA TRP A 74 7.11 16.00 8.79
C TRP A 74 7.40 16.02 10.30
N ARG A 75 8.68 16.06 10.66
CA ARG A 75 9.12 16.04 12.06
C ARG A 75 8.60 14.80 12.78
N LYS A 76 9.22 13.68 12.51
CA LYS A 76 8.81 12.42 13.10
C LYS A 76 10.02 11.69 13.67
N MET A 1 -5.47 -12.54 -1.13
CA MET A 1 -5.07 -11.79 -2.33
C MET A 1 -3.67 -11.24 -2.17
N ILE A 2 -2.80 -11.55 -3.11
CA ILE A 2 -1.42 -11.09 -3.07
C ILE A 2 -1.23 -9.91 -4.01
N VAL A 3 -0.80 -8.79 -3.47
CA VAL A 3 -0.55 -7.62 -4.29
C VAL A 3 0.92 -7.26 -4.25
N PHE A 4 1.43 -6.75 -5.35
CA PHE A 4 2.83 -6.36 -5.43
C PHE A 4 3.02 -4.95 -4.89
N VAL A 5 3.96 -4.80 -3.98
CA VAL A 5 4.17 -3.50 -3.34
C VAL A 5 5.65 -3.12 -3.27
N ARG A 6 5.93 -1.86 -3.52
CA ARG A 6 7.28 -1.31 -3.45
C ARG A 6 7.34 -0.28 -2.33
N PHE A 7 8.37 -0.35 -1.51
CA PHE A 7 8.50 0.61 -0.43
C PHE A 7 9.78 1.42 -0.54
N ASN A 8 9.60 2.71 -0.86
CA ASN A 8 10.68 3.71 -0.93
C ASN A 8 11.70 3.46 -2.06
N SER A 9 12.11 2.23 -2.20
CA SER A 9 13.12 1.86 -3.18
C SER A 9 12.52 1.05 -4.32
N SER A 10 13.39 0.50 -5.16
CA SER A 10 12.99 -0.30 -6.29
C SER A 10 12.56 -1.70 -5.84
N HIS A 11 12.88 -2.03 -4.58
CA HIS A 11 12.54 -3.34 -4.02
C HIS A 11 11.04 -3.53 -3.92
N GLY A 12 10.57 -4.62 -4.49
CA GLY A 12 9.16 -4.93 -4.45
C GLY A 12 8.91 -6.25 -3.76
N PHE A 13 7.91 -6.27 -2.92
CA PHE A 13 7.56 -7.47 -2.19
C PHE A 13 6.06 -7.75 -2.27
N PRO A 14 5.68 -9.03 -2.32
CA PRO A 14 4.28 -9.43 -2.40
C PRO A 14 3.58 -9.42 -1.03
N VAL A 15 2.54 -8.62 -0.92
CA VAL A 15 1.80 -8.53 0.32
C VAL A 15 0.50 -9.32 0.23
N GLU A 16 0.35 -10.30 1.10
CA GLU A 16 -0.84 -11.13 1.15
C GLU A 16 -1.88 -10.48 2.04
N VAL A 17 -3.00 -10.10 1.46
CA VAL A 17 -4.07 -9.46 2.20
C VAL A 17 -5.39 -10.17 1.96
N ASP A 18 -6.39 -9.82 2.74
CA ASP A 18 -7.71 -10.45 2.64
C ASP A 18 -8.42 -9.96 1.40
N SER A 19 -9.48 -10.68 1.02
CA SER A 19 -10.30 -10.32 -0.11
C SER A 19 -11.03 -9.00 0.15
N ASP A 20 -11.15 -8.65 1.43
CA ASP A 20 -11.78 -7.41 1.81
C ASP A 20 -10.81 -6.59 2.64
N THR A 21 -9.86 -6.01 1.96
CA THR A 21 -8.88 -5.16 2.59
C THR A 21 -8.94 -3.78 1.96
N SER A 22 -9.43 -2.81 2.70
CA SER A 22 -9.56 -1.46 2.21
C SER A 22 -8.18 -0.86 1.93
N ILE A 23 -8.10 0.06 0.99
CA ILE A 23 -6.83 0.70 0.64
C ILE A 23 -6.22 1.40 1.87
N PHE A 24 -7.07 2.00 2.70
CA PHE A 24 -6.62 2.64 3.93
C PHE A 24 -6.03 1.60 4.87
N GLN A 25 -6.70 0.45 4.97
CA GLN A 25 -6.24 -0.66 5.80
C GLN A 25 -4.94 -1.20 5.23
N LEU A 26 -4.92 -1.40 3.92
CA LEU A 26 -3.75 -1.91 3.21
C LEU A 26 -2.53 -1.06 3.51
N LYS A 27 -2.72 0.26 3.48
CA LYS A 27 -1.65 1.19 3.79
C LYS A 27 -1.12 0.92 5.19
N GLU A 28 -2.04 0.77 6.13
CA GLU A 28 -1.69 0.52 7.51
C GLU A 28 -1.08 -0.88 7.70
N VAL A 29 -1.58 -1.85 6.95
CA VAL A 29 -1.07 -3.22 7.02
C VAL A 29 0.40 -3.26 6.61
N VAL A 30 0.74 -2.60 5.51
CA VAL A 30 2.11 -2.53 5.05
C VAL A 30 2.95 -1.71 6.04
N ALA A 31 2.37 -0.60 6.51
CA ALA A 31 3.03 0.26 7.46
C ALA A 31 3.37 -0.48 8.75
N LYS A 32 2.38 -1.13 9.35
CA LYS A 32 2.58 -1.86 10.60
C LYS A 32 3.53 -3.03 10.38
N ARG A 33 3.48 -3.60 9.17
CA ARG A 33 4.32 -4.74 8.81
C ARG A 33 5.79 -4.39 8.96
N GLN A 34 6.17 -3.22 8.48
CA GLN A 34 7.54 -2.77 8.54
C GLN A 34 7.80 -1.96 9.81
N GLY A 35 6.74 -1.45 10.40
CA GLY A 35 6.86 -0.66 11.59
C GLY A 35 7.03 0.82 11.29
N VAL A 36 6.32 1.29 10.29
CA VAL A 36 6.40 2.69 9.89
C VAL A 36 5.04 3.39 10.07
N PRO A 37 5.04 4.71 10.28
CA PRO A 37 3.81 5.48 10.48
C PRO A 37 3.02 5.72 9.18
N ALA A 38 1.81 5.16 9.13
CA ALA A 38 0.95 5.30 7.97
C ALA A 38 0.32 6.69 7.90
N ASP A 39 0.37 7.42 9.01
CA ASP A 39 -0.22 8.77 9.09
C ASP A 39 0.46 9.74 8.15
N GLN A 40 1.68 9.45 7.76
CA GLN A 40 2.42 10.30 6.85
C GLN A 40 2.94 9.48 5.67
N LEU A 41 2.40 8.29 5.53
CA LEU A 41 2.82 7.37 4.49
C LEU A 41 2.09 7.68 3.18
N ARG A 42 2.86 7.82 2.11
CA ARG A 42 2.30 8.12 0.80
C ARG A 42 2.27 6.88 -0.07
N VAL A 43 1.18 6.70 -0.79
CA VAL A 43 1.07 5.58 -1.70
C VAL A 43 0.67 6.06 -3.09
N ILE A 44 1.29 5.48 -4.11
CA ILE A 44 1.02 5.85 -5.47
C ILE A 44 0.64 4.65 -6.31
N PHE A 45 -0.55 4.71 -6.87
CA PHE A 45 -1.03 3.70 -7.78
C PHE A 45 -1.54 4.41 -9.03
N ALA A 46 -0.84 4.22 -10.15
CA ALA A 46 -1.21 4.84 -11.42
C ALA A 46 -1.12 6.36 -11.34
N GLY A 47 -0.34 6.85 -10.39
CA GLY A 47 -0.15 8.28 -10.23
C GLY A 47 -1.18 8.92 -9.30
N LYS A 48 -1.87 8.09 -8.53
CA LYS A 48 -2.88 8.59 -7.60
C LYS A 48 -2.98 7.70 -6.39
N GLU A 49 -3.78 8.11 -5.42
CA GLU A 49 -4.06 7.30 -4.26
C GLU A 49 -5.43 6.65 -4.47
N LEU A 50 -5.54 5.40 -4.13
CA LEU A 50 -6.76 4.65 -4.37
C LEU A 50 -7.86 4.94 -3.37
N ARG A 51 -8.96 4.24 -3.57
CA ARG A 51 -10.16 4.36 -2.74
C ARG A 51 -9.85 3.90 -1.32
N ASN A 52 -9.64 4.86 -0.43
CA ASN A 52 -9.29 4.58 0.97
C ASN A 52 -10.27 3.61 1.60
N ASP A 53 -11.55 3.90 1.50
CA ASP A 53 -12.57 3.05 2.09
C ASP A 53 -13.18 2.15 1.04
N TRP A 54 -12.37 1.25 0.53
CA TRP A 54 -12.82 0.28 -0.45
C TRP A 54 -11.80 -0.84 -0.57
N THR A 55 -12.29 -2.03 -0.85
CA THR A 55 -11.45 -3.22 -0.94
C THR A 55 -10.43 -3.14 -2.08
N VAL A 56 -9.25 -3.66 -1.81
CA VAL A 56 -8.17 -3.72 -2.76
C VAL A 56 -8.46 -4.74 -3.87
N GLN A 57 -9.30 -5.72 -3.53
CA GLN A 57 -9.66 -6.78 -4.46
C GLN A 57 -10.30 -6.22 -5.72
N ASN A 58 -11.26 -5.33 -5.54
CA ASN A 58 -12.00 -4.75 -6.65
C ASN A 58 -11.13 -3.86 -7.53
N CYS A 59 -10.06 -3.33 -6.97
CA CYS A 59 -9.19 -2.46 -7.75
C CYS A 59 -8.15 -3.29 -8.53
N ASP A 60 -8.07 -4.59 -8.18
CA ASP A 60 -7.19 -5.55 -8.87
C ASP A 60 -5.72 -5.14 -8.87
N LEU A 61 -5.17 -4.84 -7.68
CA LEU A 61 -3.75 -4.47 -7.57
C LEU A 61 -2.85 -5.67 -7.86
N ASP A 62 -3.46 -6.84 -7.91
CA ASP A 62 -2.77 -8.07 -8.25
C ASP A 62 -2.49 -8.14 -9.74
N GLN A 63 -3.40 -7.59 -10.52
CA GLN A 63 -3.32 -7.64 -11.97
C GLN A 63 -2.85 -6.31 -12.56
N GLN A 64 -3.21 -5.22 -11.91
CA GLN A 64 -2.91 -3.89 -12.41
C GLN A 64 -1.76 -3.22 -11.66
N ILE A 66 1.97 -2.10 -9.87
CA ILE A 66 2.51 -2.37 -8.57
C ILE A 66 2.34 -1.12 -7.70
N VAL A 67 2.16 -1.30 -6.41
CA VAL A 67 1.94 -0.18 -5.51
C VAL A 67 3.25 0.48 -5.12
N HIS A 68 3.38 1.76 -5.43
CA HIS A 68 4.57 2.51 -5.08
C HIS A 68 4.33 3.26 -3.78
N ILE A 69 4.95 2.81 -2.71
CA ILE A 69 4.79 3.44 -1.43
C ILE A 69 6.06 4.20 -1.07
N VAL A 70 5.91 5.47 -0.70
CA VAL A 70 7.06 6.29 -0.35
C VAL A 70 6.86 6.93 1.01
N GLN A 71 7.91 6.91 1.83
CA GLN A 71 7.87 7.52 3.13
C GLN A 71 9.13 8.32 3.39
N ARG A 72 8.96 9.59 3.74
CA ARG A 72 10.08 10.46 4.07
C ARG A 72 9.77 11.20 5.36
N PRO A 73 10.02 10.57 6.51
CA PRO A 73 9.73 11.14 7.82
C PRO A 73 10.75 12.18 8.25
N TRP A 74 10.35 13.04 9.16
CA TRP A 74 11.21 14.11 9.64
C TRP A 74 12.05 13.66 10.83
N ARG A 75 11.41 13.00 11.78
CA ARG A 75 12.10 12.59 13.00
C ARG A 75 12.06 11.07 13.17
N LYS A 76 11.70 10.37 12.13
CA LYS A 76 11.62 8.92 12.18
C LYS A 76 12.52 8.30 11.13
N MET A 1 -5.85 -12.21 -1.58
CA MET A 1 -4.97 -12.25 -2.76
C MET A 1 -3.62 -11.62 -2.42
N ILE A 2 -2.61 -11.98 -3.16
CA ILE A 2 -1.28 -11.46 -2.95
C ILE A 2 -0.94 -10.41 -3.99
N VAL A 3 -0.65 -9.22 -3.54
CA VAL A 3 -0.31 -8.14 -4.44
C VAL A 3 1.12 -7.71 -4.23
N PHE A 4 1.76 -7.27 -5.29
CA PHE A 4 3.12 -6.80 -5.20
C PHE A 4 3.14 -5.32 -4.91
N VAL A 5 4.02 -4.92 -4.03
CA VAL A 5 4.09 -3.55 -3.62
C VAL A 5 5.55 -3.08 -3.51
N ARG A 6 5.78 -1.87 -3.97
CA ARG A 6 7.08 -1.24 -3.93
C ARG A 6 7.10 -0.24 -2.80
N PHE A 7 8.23 -0.09 -2.15
CA PHE A 7 8.35 0.87 -1.07
C PHE A 7 9.68 1.61 -1.20
N ASN A 8 9.70 2.85 -0.72
CA ASN A 8 10.89 3.69 -0.77
C ASN A 8 12.09 3.00 -0.14
N SER A 9 13.17 2.86 -0.92
CA SER A 9 14.42 2.25 -0.46
C SER A 9 14.25 0.77 -0.16
N SER A 10 13.18 0.19 -0.67
CA SER A 10 12.90 -1.22 -0.47
C SER A 10 12.82 -1.92 -1.83
N HIS A 11 12.23 -3.10 -1.85
CA HIS A 11 12.10 -3.87 -3.06
C HIS A 11 10.63 -4.08 -3.39
N GLY A 12 10.36 -4.85 -4.43
CA GLY A 12 9.00 -5.17 -4.79
C GLY A 12 8.55 -6.43 -4.10
N PHE A 13 8.16 -6.30 -2.86
CA PHE A 13 7.76 -7.44 -2.06
C PHE A 13 6.27 -7.72 -2.17
N PRO A 14 5.88 -8.99 -2.15
CA PRO A 14 4.49 -9.38 -2.22
C PRO A 14 3.81 -9.34 -0.85
N VAL A 15 2.65 -8.73 -0.80
CA VAL A 15 1.88 -8.63 0.43
C VAL A 15 0.56 -9.37 0.27
N GLU A 16 0.31 -10.32 1.15
CA GLU A 16 -0.92 -11.08 1.10
C GLU A 16 -1.98 -10.43 1.97
N VAL A 17 -3.08 -10.06 1.34
CA VAL A 17 -4.19 -9.42 2.03
C VAL A 17 -5.50 -10.09 1.65
N ASP A 18 -6.57 -9.69 2.29
CA ASP A 18 -7.89 -10.23 1.99
C ASP A 18 -8.50 -9.48 0.82
N SER A 19 -9.49 -10.08 0.21
CA SER A 19 -10.17 -9.43 -0.90
C SER A 19 -11.03 -8.29 -0.39
N ASP A 20 -11.44 -8.38 0.88
CA ASP A 20 -12.27 -7.37 1.49
C ASP A 20 -11.41 -6.33 2.24
N THR A 21 -10.10 -6.51 2.18
CA THR A 21 -9.18 -5.58 2.81
C THR A 21 -9.25 -4.22 2.14
N SER A 22 -9.60 -3.21 2.90
CA SER A 22 -9.69 -1.86 2.37
C SER A 22 -8.31 -1.29 2.18
N ILE A 23 -8.20 -0.28 1.31
CA ILE A 23 -6.92 0.38 1.07
C ILE A 23 -6.42 1.02 2.37
N PHE A 24 -7.35 1.32 3.27
CA PHE A 24 -7.01 1.90 4.57
C PHE A 24 -6.28 0.86 5.43
N GLN A 25 -6.81 -0.36 5.47
CA GLN A 25 -6.18 -1.44 6.23
C GLN A 25 -4.89 -1.85 5.55
N LEU A 26 -4.91 -1.89 4.22
CA LEU A 26 -3.73 -2.23 3.42
C LEU A 26 -2.61 -1.21 3.69
N LYS A 27 -3.00 0.04 3.83
CA LYS A 27 -2.07 1.13 4.15
C LYS A 27 -1.31 0.77 5.42
N GLU A 28 -2.05 0.30 6.40
CA GLU A 28 -1.51 -0.09 7.67
C GLU A 28 -0.64 -1.34 7.54
N VAL A 29 -1.09 -2.30 6.74
CA VAL A 29 -0.37 -3.56 6.55
C VAL A 29 1.04 -3.33 6.03
N VAL A 30 1.17 -2.50 5.00
CA VAL A 30 2.48 -2.23 4.44
C VAL A 30 3.31 -1.40 5.42
N ALA A 31 2.66 -0.46 6.08
CA ALA A 31 3.31 0.40 7.04
C ALA A 31 3.92 -0.41 8.20
N LYS A 32 3.12 -1.27 8.80
CA LYS A 32 3.57 -2.08 9.93
C LYS A 32 4.64 -3.08 9.49
N ARG A 33 4.59 -3.50 8.24
CA ARG A 33 5.54 -4.47 7.73
C ARG A 33 6.93 -3.86 7.62
N GLN A 34 6.97 -2.59 7.24
CA GLN A 34 8.23 -1.90 7.07
C GLN A 34 8.62 -1.14 8.34
N GLY A 35 7.71 -1.13 9.31
CA GLY A 35 7.98 -0.44 10.56
C GLY A 35 7.93 1.06 10.40
N VAL A 36 6.96 1.53 9.63
CA VAL A 36 6.80 2.95 9.39
C VAL A 36 5.39 3.40 9.74
N PRO A 37 5.21 4.67 10.09
CA PRO A 37 3.91 5.22 10.40
C PRO A 37 3.10 5.49 9.13
N ALA A 38 1.85 5.02 9.12
CA ALA A 38 0.97 5.22 7.96
C ALA A 38 0.43 6.64 7.94
N ASP A 39 0.79 7.38 8.98
CA ASP A 39 0.39 8.78 9.14
C ASP A 39 0.86 9.65 7.97
N GLN A 40 2.14 9.57 7.66
CA GLN A 40 2.73 10.36 6.59
C GLN A 40 3.10 9.47 5.41
N LEU A 41 2.33 8.41 5.23
CA LEU A 41 2.57 7.45 4.19
C LEU A 41 1.74 7.80 2.93
N ARG A 42 2.37 7.72 1.78
CA ARG A 42 1.71 8.06 0.51
C ARG A 42 1.68 6.86 -0.43
N VAL A 43 0.50 6.53 -0.93
CA VAL A 43 0.37 5.42 -1.87
C VAL A 43 0.21 5.94 -3.30
N ILE A 44 0.99 5.38 -4.20
CA ILE A 44 0.93 5.75 -5.60
C ILE A 44 0.58 4.52 -6.44
N PHE A 45 -0.64 4.47 -6.90
CA PHE A 45 -1.11 3.38 -7.70
C PHE A 45 -1.50 3.88 -9.07
N ALA A 46 -0.75 3.47 -10.10
CA ALA A 46 -0.99 3.89 -11.48
C ALA A 46 -0.78 5.40 -11.64
N GLY A 47 -0.12 6.01 -10.66
CA GLY A 47 0.13 7.44 -10.72
C GLY A 47 -0.82 8.25 -9.85
N LYS A 48 -1.77 7.58 -9.23
CA LYS A 48 -2.75 8.26 -8.38
C LYS A 48 -2.95 7.51 -7.06
N GLU A 49 -3.48 8.21 -6.07
CA GLU A 49 -3.78 7.61 -4.79
C GLU A 49 -5.11 6.87 -4.88
N LEU A 50 -5.37 5.98 -3.95
CA LEU A 50 -6.62 5.24 -3.95
C LEU A 50 -7.53 5.68 -2.85
N ARG A 51 -8.79 5.28 -2.94
CA ARG A 51 -9.76 5.60 -1.94
C ARG A 51 -9.67 4.63 -0.77
N ASN A 52 -9.29 5.15 0.38
CA ASN A 52 -9.10 4.35 1.60
C ASN A 52 -10.37 3.65 2.06
N ASP A 53 -11.50 4.06 1.52
CA ASP A 53 -12.79 3.52 1.93
C ASP A 53 -13.17 2.25 1.19
N TRP A 54 -12.43 1.89 0.16
CA TRP A 54 -12.82 0.75 -0.64
C TRP A 54 -11.84 -0.43 -0.53
N THR A 55 -12.28 -1.59 -1.02
CA THR A 55 -11.52 -2.83 -0.96
C THR A 55 -10.39 -2.86 -1.99
N VAL A 56 -9.34 -3.61 -1.67
CA VAL A 56 -8.19 -3.73 -2.53
C VAL A 56 -8.49 -4.61 -3.75
N GLN A 57 -9.46 -5.50 -3.60
CA GLN A 57 -9.82 -6.42 -4.66
C GLN A 57 -10.40 -5.69 -5.85
N ASN A 58 -11.38 -4.83 -5.59
CA ASN A 58 -12.07 -4.11 -6.65
C ASN A 58 -11.23 -2.94 -7.19
N CYS A 59 -10.19 -2.57 -6.47
CA CYS A 59 -9.29 -1.52 -6.93
C CYS A 59 -8.27 -2.09 -7.92
N ASP A 60 -8.23 -3.43 -8.00
CA ASP A 60 -7.39 -4.18 -8.96
C ASP A 60 -5.89 -3.94 -8.79
N LEU A 61 -5.40 -4.10 -7.56
CA LEU A 61 -3.96 -3.93 -7.31
C LEU A 61 -3.18 -5.19 -7.70
N ASP A 62 -3.91 -6.19 -8.13
CA ASP A 62 -3.31 -7.45 -8.55
C ASP A 62 -2.99 -7.43 -10.04
N GLN A 63 -3.88 -6.87 -10.82
CA GLN A 63 -3.71 -6.89 -12.27
C GLN A 63 -3.28 -5.53 -12.85
N GLN A 64 -3.68 -4.45 -12.21
CA GLN A 64 -3.34 -3.13 -12.73
C GLN A 64 -2.00 -2.64 -12.21
N ILE A 66 1.90 -2.55 -10.59
CA ILE A 66 2.35 -2.85 -9.25
C ILE A 66 2.17 -1.60 -8.38
N VAL A 67 1.97 -1.80 -7.10
CA VAL A 67 1.73 -0.69 -6.18
C VAL A 67 3.04 -0.04 -5.78
N HIS A 68 3.08 1.28 -5.80
CA HIS A 68 4.28 2.02 -5.38
C HIS A 68 3.95 2.89 -4.17
N ILE A 69 4.54 2.58 -3.05
CA ILE A 69 4.28 3.34 -1.84
C ILE A 69 5.51 4.14 -1.41
N VAL A 70 5.30 5.44 -1.20
CA VAL A 70 6.35 6.35 -0.83
C VAL A 70 6.06 6.94 0.54
N GLN A 71 7.07 7.04 1.38
CA GLN A 71 6.89 7.61 2.70
C GLN A 71 7.50 9.00 2.78
N ARG A 72 6.69 9.98 3.15
CA ARG A 72 7.17 11.34 3.31
C ARG A 72 6.79 11.87 4.68
N PRO A 73 7.64 11.63 5.67
CA PRO A 73 7.40 12.08 7.03
C PRO A 73 7.57 13.60 7.18
N TRP A 74 6.53 14.33 6.79
CA TRP A 74 6.55 15.80 6.84
C TRP A 74 6.60 16.34 8.29
N ARG A 75 6.49 15.47 9.28
CA ARG A 75 6.55 15.91 10.66
C ARG A 75 7.39 14.98 11.53
N LYS A 76 8.36 14.34 10.92
CA LYS A 76 9.29 13.48 11.62
C LYS A 76 10.71 13.95 11.40
N MET A 1 -5.66 -12.71 -1.28
CA MET A 1 -5.25 -11.96 -2.48
C MET A 1 -3.88 -11.35 -2.28
N ILE A 2 -2.95 -11.75 -3.11
CA ILE A 2 -1.59 -11.23 -3.04
C ILE A 2 -1.40 -10.10 -4.02
N VAL A 3 -1.01 -8.95 -3.51
CA VAL A 3 -0.72 -7.82 -4.34
C VAL A 3 0.74 -7.43 -4.21
N PHE A 4 1.36 -7.13 -5.32
CA PHE A 4 2.75 -6.73 -5.33
C PHE A 4 2.87 -5.28 -4.93
N VAL A 5 3.75 -4.99 -3.98
CA VAL A 5 3.89 -3.64 -3.47
C VAL A 5 5.37 -3.23 -3.42
N ARG A 6 5.64 -2.01 -3.81
CA ARG A 6 6.98 -1.46 -3.76
C ARG A 6 7.04 -0.30 -2.78
N PHE A 7 8.03 -0.29 -1.93
CA PHE A 7 8.22 0.79 -1.02
C PHE A 7 9.34 1.69 -1.53
N ASN A 8 9.29 2.96 -1.19
CA ASN A 8 10.30 3.94 -1.66
C ASN A 8 11.73 3.49 -1.32
N SER A 9 11.88 2.63 -0.33
CA SER A 9 13.17 2.12 0.07
C SER A 9 13.22 0.58 -0.04
N SER A 10 12.47 0.04 -0.99
CA SER A 10 12.42 -1.40 -1.22
C SER A 10 12.25 -1.71 -2.70
N HIS A 11 12.64 -2.90 -3.12
CA HIS A 11 12.52 -3.28 -4.51
C HIS A 11 11.11 -3.77 -4.81
N GLY A 12 10.51 -4.47 -3.87
CA GLY A 12 9.17 -4.99 -4.08
C GLY A 12 8.90 -6.25 -3.31
N PHE A 13 7.76 -6.29 -2.66
CA PHE A 13 7.37 -7.44 -1.87
C PHE A 13 5.88 -7.74 -2.07
N PRO A 14 5.52 -9.03 -2.10
CA PRO A 14 4.13 -9.46 -2.24
C PRO A 14 3.38 -9.44 -0.91
N VAL A 15 2.29 -8.70 -0.85
CA VAL A 15 1.50 -8.59 0.37
C VAL A 15 0.20 -9.40 0.24
N GLU A 16 -0.04 -10.29 1.20
CA GLU A 16 -1.23 -11.12 1.21
C GLU A 16 -2.33 -10.44 2.00
N VAL A 17 -3.41 -10.12 1.35
CA VAL A 17 -4.55 -9.46 1.98
C VAL A 17 -5.85 -10.09 1.55
N ASP A 18 -6.92 -9.78 2.25
CA ASP A 18 -8.22 -10.34 1.96
C ASP A 18 -8.90 -9.60 0.83
N SER A 19 -9.96 -10.18 0.29
CA SER A 19 -10.71 -9.57 -0.78
C SER A 19 -11.57 -8.43 -0.27
N ASP A 20 -11.60 -8.26 1.04
CA ASP A 20 -12.37 -7.19 1.66
C ASP A 20 -11.46 -6.23 2.40
N THR A 21 -10.16 -6.40 2.22
CA THR A 21 -9.18 -5.55 2.85
C THR A 21 -9.28 -4.14 2.28
N SER A 22 -9.49 -3.18 3.14
CA SER A 22 -9.55 -1.79 2.73
C SER A 22 -8.14 -1.26 2.50
N ILE A 23 -7.99 -0.34 1.56
CA ILE A 23 -6.68 0.23 1.24
C ILE A 23 -6.04 0.87 2.48
N PHE A 24 -6.87 1.45 3.35
CA PHE A 24 -6.37 2.03 4.59
C PHE A 24 -5.68 0.98 5.44
N GLN A 25 -6.29 -0.19 5.51
CA GLN A 25 -5.74 -1.29 6.28
C GLN A 25 -4.49 -1.82 5.60
N LEU A 26 -4.55 -1.93 4.28
CA LEU A 26 -3.41 -2.37 3.48
C LEU A 26 -2.21 -1.46 3.75
N LYS A 27 -2.48 -0.16 3.81
CA LYS A 27 -1.45 0.82 4.10
C LYS A 27 -0.85 0.57 5.47
N GLU A 28 -1.72 0.36 6.45
CA GLU A 28 -1.28 0.11 7.81
C GLU A 28 -0.50 -1.20 7.92
N VAL A 29 -0.91 -2.22 7.16
CA VAL A 29 -0.21 -3.50 7.15
C VAL A 29 1.25 -3.33 6.75
N VAL A 30 1.47 -2.64 5.64
CA VAL A 30 2.80 -2.38 5.14
C VAL A 30 3.58 -1.51 6.13
N ALA A 31 2.94 -0.44 6.59
CA ALA A 31 3.57 0.48 7.52
C ALA A 31 3.95 -0.21 8.83
N LYS A 32 3.06 -1.04 9.33
CA LYS A 32 3.27 -1.77 10.57
C LYS A 32 4.40 -2.78 10.40
N ARG A 33 4.45 -3.38 9.23
CA ARG A 33 5.44 -4.41 8.92
C ARG A 33 6.85 -3.82 8.91
N GLN A 34 6.96 -2.56 8.51
CA GLN A 34 8.25 -1.89 8.45
C GLN A 34 8.49 -1.02 9.68
N GLY A 35 7.43 -0.81 10.46
CA GLY A 35 7.55 -0.02 11.67
C GLY A 35 7.55 1.47 11.38
N VAL A 36 6.91 1.88 10.29
CA VAL A 36 6.88 3.28 9.90
C VAL A 36 5.49 3.87 10.15
N PRO A 37 5.41 5.21 10.31
CA PRO A 37 4.14 5.92 10.52
C PRO A 37 3.25 5.87 9.27
N ALA A 38 2.06 5.31 9.41
CA ALA A 38 1.14 5.16 8.29
C ALA A 38 0.46 6.47 7.95
N ASP A 39 0.48 7.42 8.88
CA ASP A 39 -0.13 8.73 8.66
C ASP A 39 0.80 9.61 7.84
N GLN A 40 2.01 9.11 7.60
CA GLN A 40 3.00 9.81 6.79
C GLN A 40 3.25 9.01 5.52
N LEU A 41 2.39 8.05 5.28
CA LEU A 41 2.55 7.16 4.14
C LEU A 41 1.53 7.48 3.05
N ARG A 42 1.98 7.39 1.80
CA ARG A 42 1.12 7.66 0.66
C ARG A 42 1.06 6.44 -0.27
N VAL A 43 -0.15 6.07 -0.65
CA VAL A 43 -0.35 4.92 -1.53
C VAL A 43 -0.61 5.36 -2.98
N ILE A 44 0.32 5.03 -3.85
CA ILE A 44 0.22 5.36 -5.27
C ILE A 44 0.12 4.08 -6.10
N PHE A 45 -0.59 4.14 -7.19
CA PHE A 45 -0.71 3.00 -8.08
C PHE A 45 -0.55 3.46 -9.51
N ALA A 46 0.61 3.12 -10.10
CA ALA A 46 0.95 3.52 -11.48
C ALA A 46 1.17 5.03 -11.58
N GLY A 47 0.11 5.77 -11.31
CA GLY A 47 0.16 7.22 -11.33
C GLY A 47 -1.00 7.83 -10.56
N LYS A 48 -1.83 6.97 -9.99
CA LYS A 48 -3.01 7.41 -9.25
C LYS A 48 -2.80 7.19 -7.77
N GLU A 49 -3.71 7.70 -6.97
CA GLU A 49 -3.68 7.47 -5.56
C GLU A 49 -4.92 6.68 -5.16
N LEU A 50 -4.78 5.83 -4.16
CA LEU A 50 -5.90 4.99 -3.73
C LEU A 50 -6.63 5.62 -2.57
N ARG A 51 -7.93 5.41 -2.54
CA ARG A 51 -8.75 5.92 -1.44
C ARG A 51 -8.62 4.98 -0.24
N ASN A 52 -8.80 5.53 0.94
CA ASN A 52 -8.60 4.77 2.17
C ASN A 52 -9.71 3.74 2.44
N ASP A 53 -10.95 4.11 2.17
CA ASP A 53 -12.07 3.24 2.47
C ASP A 53 -12.60 2.60 1.21
N TRP A 54 -11.90 1.58 0.76
CA TRP A 54 -12.30 0.83 -0.41
C TRP A 54 -11.59 -0.52 -0.45
N THR A 55 -12.23 -1.50 -1.08
CA THR A 55 -11.68 -2.85 -1.19
C THR A 55 -10.49 -2.89 -2.16
N VAL A 56 -9.45 -3.62 -1.77
CA VAL A 56 -8.24 -3.74 -2.55
C VAL A 56 -8.44 -4.63 -3.78
N GLN A 57 -9.40 -5.55 -3.69
CA GLN A 57 -9.63 -6.48 -4.79
C GLN A 57 -10.20 -5.76 -6.01
N ASN A 58 -10.99 -4.74 -5.78
CA ASN A 58 -11.61 -4.00 -6.87
C ASN A 58 -10.65 -2.92 -7.40
N CYS A 59 -9.53 -2.75 -6.72
CA CYS A 59 -8.54 -1.75 -7.12
C CYS A 59 -7.59 -2.30 -8.20
N ASP A 60 -7.63 -3.63 -8.39
CA ASP A 60 -6.81 -4.31 -9.42
C ASP A 60 -5.32 -4.10 -9.20
N LEU A 61 -4.92 -4.04 -7.93
CA LEU A 61 -3.51 -3.79 -7.56
C LEU A 61 -2.60 -4.95 -7.93
N ASP A 62 -3.17 -6.06 -8.30
CA ASP A 62 -2.39 -7.23 -8.68
C ASP A 62 -2.42 -7.46 -10.18
N GLN A 63 -3.48 -7.00 -10.83
CA GLN A 63 -3.66 -7.27 -12.25
C GLN A 63 -2.98 -6.24 -13.16
N GLN A 64 -3.26 -4.97 -12.92
CA GLN A 64 -2.75 -3.91 -13.80
C GLN A 64 -1.27 -3.65 -13.60
N ILE A 66 1.98 -2.71 -10.33
CA ILE A 66 2.40 -2.95 -8.98
C ILE A 66 2.10 -1.70 -8.13
N VAL A 67 1.89 -1.89 -6.84
CA VAL A 67 1.56 -0.76 -5.96
C VAL A 67 2.82 -0.01 -5.58
N HIS A 68 2.75 1.31 -5.63
CA HIS A 68 3.89 2.15 -5.32
C HIS A 68 3.63 2.92 -4.04
N ILE A 69 4.31 2.56 -2.98
CA ILE A 69 4.13 3.21 -1.72
C ILE A 69 5.31 4.12 -1.40
N VAL A 70 5.01 5.37 -1.13
CA VAL A 70 6.02 6.35 -0.80
C VAL A 70 5.72 6.98 0.55
N GLN A 71 6.75 7.24 1.32
CA GLN A 71 6.57 7.83 2.64
C GLN A 71 7.09 9.25 2.64
N ARG A 72 6.35 10.14 3.28
CA ARG A 72 6.76 11.53 3.38
C ARG A 72 6.92 11.92 4.85
N PRO A 73 8.11 11.68 5.42
CA PRO A 73 8.39 11.98 6.81
C PRO A 73 9.06 13.34 6.99
N TRP A 74 8.84 13.95 8.14
CA TRP A 74 9.42 15.24 8.44
C TRP A 74 10.50 15.13 9.53
N ARG A 75 10.40 14.09 10.34
CA ARG A 75 11.38 13.90 11.42
C ARG A 75 12.27 12.69 11.18
N LYS A 76 12.23 12.17 9.98
CA LYS A 76 13.09 11.06 9.61
C LYS A 76 14.14 11.54 8.64
N MET A 1 -5.62 -12.55 -1.18
CA MET A 1 -5.18 -11.74 -2.31
C MET A 1 -3.73 -11.33 -2.13
N ILE A 2 -2.91 -11.68 -3.09
CA ILE A 2 -1.49 -11.35 -3.06
C ILE A 2 -1.21 -10.22 -4.05
N VAL A 3 -0.89 -9.06 -3.52
CA VAL A 3 -0.58 -7.92 -4.36
C VAL A 3 0.89 -7.57 -4.24
N PHE A 4 1.44 -7.01 -5.29
CA PHE A 4 2.84 -6.62 -5.27
C PHE A 4 2.97 -5.16 -4.92
N VAL A 5 3.90 -4.85 -4.05
CA VAL A 5 4.08 -3.49 -3.61
C VAL A 5 5.56 -3.10 -3.54
N ARG A 6 5.85 -1.90 -4.03
CA ARG A 6 7.18 -1.34 -4.03
C ARG A 6 7.28 -0.24 -3.00
N PHE A 7 7.99 -0.50 -1.94
CA PHE A 7 8.20 0.49 -0.91
C PHE A 7 9.43 1.33 -1.27
N ASN A 8 9.44 2.58 -0.82
CA ASN A 8 10.54 3.52 -1.06
C ASN A 8 11.93 2.86 -0.93
N SER A 9 12.13 2.12 0.14
CA SER A 9 13.41 1.48 0.42
C SER A 9 13.36 -0.02 0.12
N SER A 10 12.56 -0.39 -0.87
CA SER A 10 12.41 -1.78 -1.25
C SER A 10 12.42 -1.94 -2.76
N HIS A 11 12.39 -3.18 -3.22
CA HIS A 11 12.41 -3.48 -4.66
C HIS A 11 11.00 -3.80 -5.15
N GLY A 12 10.39 -4.80 -4.55
CA GLY A 12 9.05 -5.20 -4.93
C GLY A 12 8.66 -6.49 -4.25
N PHE A 13 7.93 -6.38 -3.16
CA PHE A 13 7.54 -7.54 -2.38
C PHE A 13 6.03 -7.74 -2.40
N PRO A 14 5.58 -8.99 -2.33
CA PRO A 14 4.16 -9.32 -2.28
C PRO A 14 3.59 -9.24 -0.87
N VAL A 15 2.43 -8.62 -0.74
CA VAL A 15 1.75 -8.50 0.53
C VAL A 15 0.43 -9.25 0.48
N GLU A 16 0.20 -10.09 1.47
CA GLU A 16 -1.01 -10.90 1.53
C GLU A 16 -2.11 -10.18 2.28
N VAL A 17 -3.15 -9.82 1.56
CA VAL A 17 -4.29 -9.16 2.14
C VAL A 17 -5.57 -9.88 1.76
N ASP A 18 -6.67 -9.44 2.32
CA ASP A 18 -7.96 -10.02 2.02
C ASP A 18 -8.55 -9.34 0.80
N SER A 19 -9.57 -9.92 0.23
CA SER A 19 -10.21 -9.35 -0.93
C SER A 19 -11.00 -8.10 -0.54
N ASP A 20 -11.55 -8.11 0.66
CA ASP A 20 -12.34 -6.99 1.14
C ASP A 20 -11.48 -5.97 1.88
N THR A 21 -10.18 -6.20 1.88
CA THR A 21 -9.24 -5.28 2.53
C THR A 21 -9.31 -3.92 1.88
N SER A 22 -9.59 -2.91 2.67
CA SER A 22 -9.66 -1.56 2.18
C SER A 22 -8.25 -0.99 2.06
N ILE A 23 -8.07 -0.06 1.12
CA ILE A 23 -6.77 0.59 0.91
C ILE A 23 -6.28 1.24 2.21
N PHE A 24 -7.24 1.65 3.04
CA PHE A 24 -6.99 2.22 4.37
C PHE A 24 -6.11 1.27 5.18
N GLN A 25 -6.58 0.03 5.34
CA GLN A 25 -5.85 -0.98 6.10
C GLN A 25 -4.63 -1.47 5.35
N LEU A 26 -4.77 -1.59 4.03
CA LEU A 26 -3.66 -2.03 3.18
C LEU A 26 -2.43 -1.15 3.42
N LYS A 27 -2.67 0.15 3.54
CA LYS A 27 -1.61 1.11 3.80
C LYS A 27 -0.93 0.79 5.14
N GLU A 28 -1.74 0.50 6.13
CA GLU A 28 -1.26 0.21 7.47
C GLU A 28 -0.56 -1.15 7.55
N VAL A 29 -0.96 -2.08 6.69
CA VAL A 29 -0.31 -3.39 6.64
C VAL A 29 1.13 -3.24 6.17
N VAL A 30 1.31 -2.48 5.09
CA VAL A 30 2.64 -2.24 4.56
C VAL A 30 3.46 -1.43 5.56
N ALA A 31 2.81 -0.46 6.20
CA ALA A 31 3.45 0.37 7.22
C ALA A 31 3.91 -0.49 8.38
N LYS A 32 3.10 -1.48 8.72
CA LYS A 32 3.41 -2.41 9.79
C LYS A 32 4.63 -3.27 9.44
N ARG A 33 4.64 -3.75 8.20
CA ARG A 33 5.72 -4.62 7.72
C ARG A 33 7.05 -3.87 7.68
N GLN A 34 6.99 -2.60 7.34
CA GLN A 34 8.19 -1.78 7.20
C GLN A 34 8.57 -1.10 8.51
N GLY A 35 7.59 -0.92 9.39
CA GLY A 35 7.84 -0.28 10.66
C GLY A 35 7.89 1.23 10.52
N VAL A 36 6.93 1.77 9.79
CA VAL A 36 6.86 3.21 9.57
C VAL A 36 5.45 3.73 9.88
N PRO A 37 5.35 4.99 10.32
CA PRO A 37 4.06 5.63 10.60
C PRO A 37 3.23 5.78 9.33
N ALA A 38 2.06 5.15 9.33
CA ALA A 38 1.16 5.19 8.18
C ALA A 38 0.54 6.56 7.99
N ASP A 39 0.59 7.37 9.04
CA ASP A 39 0.05 8.72 9.01
C ASP A 39 0.83 9.60 8.02
N GLN A 40 2.09 9.27 7.82
CA GLN A 40 2.94 10.02 6.92
C GLN A 40 3.22 9.24 5.64
N LEU A 41 2.61 8.08 5.54
CA LEU A 41 2.83 7.18 4.41
C LEU A 41 1.96 7.57 3.21
N ARG A 42 2.55 7.57 2.03
CA ARG A 42 1.85 7.93 0.82
C ARG A 42 1.75 6.75 -0.14
N VAL A 43 0.54 6.44 -0.56
CA VAL A 43 0.31 5.33 -1.47
C VAL A 43 0.00 5.83 -2.89
N ILE A 44 0.73 5.29 -3.86
CA ILE A 44 0.53 5.66 -5.26
C ILE A 44 0.28 4.41 -6.10
N PHE A 45 -0.77 4.45 -6.89
CA PHE A 45 -1.11 3.34 -7.76
C PHE A 45 -1.53 3.85 -9.13
N ALA A 46 -0.82 3.38 -10.17
CA ALA A 46 -1.11 3.76 -11.56
C ALA A 46 -0.89 5.26 -11.79
N GLY A 47 -0.15 5.89 -10.90
CA GLY A 47 0.13 7.32 -11.03
C GLY A 47 -0.82 8.16 -10.21
N LYS A 48 -1.81 7.54 -9.61
CA LYS A 48 -2.79 8.26 -8.80
C LYS A 48 -2.99 7.58 -7.45
N GLU A 49 -3.86 8.12 -6.64
CA GLU A 49 -4.16 7.53 -5.35
C GLU A 49 -5.51 6.84 -5.39
N LEU A 50 -5.76 6.01 -4.40
CA LEU A 50 -7.00 5.28 -4.31
C LEU A 50 -7.78 5.73 -3.11
N ARG A 51 -9.08 5.55 -3.16
CA ARG A 51 -9.92 5.84 -2.03
C ARG A 51 -9.58 4.89 -0.88
N ASN A 52 -9.45 5.41 0.32
CA ASN A 52 -9.02 4.60 1.45
C ASN A 52 -10.11 3.61 1.89
N ASP A 53 -11.36 3.99 1.73
CA ASP A 53 -12.44 3.13 2.16
C ASP A 53 -13.09 2.41 0.99
N TRP A 54 -12.37 1.44 0.47
CA TRP A 54 -12.87 0.58 -0.59
C TRP A 54 -11.98 -0.65 -0.72
N THR A 55 -12.53 -1.70 -1.30
CA THR A 55 -11.85 -2.98 -1.41
C THR A 55 -10.68 -2.92 -2.39
N VAL A 56 -9.64 -3.66 -2.07
CA VAL A 56 -8.46 -3.75 -2.91
C VAL A 56 -8.71 -4.71 -4.08
N GLN A 57 -9.70 -5.60 -3.92
CA GLN A 57 -10.01 -6.59 -4.96
C GLN A 57 -10.70 -5.93 -6.16
N ASN A 58 -11.42 -4.86 -5.90
CA ASN A 58 -12.13 -4.16 -6.97
C ASN A 58 -11.19 -3.21 -7.69
N CYS A 59 -10.30 -2.59 -6.93
CA CYS A 59 -9.32 -1.67 -7.50
C CYS A 59 -8.26 -2.44 -8.27
N ASP A 60 -7.99 -3.68 -7.82
CA ASP A 60 -7.01 -4.58 -8.43
C ASP A 60 -5.60 -4.02 -8.37
N LEU A 61 -4.90 -4.37 -7.32
CA LEU A 61 -3.52 -3.98 -7.18
C LEU A 61 -2.66 -5.22 -7.34
N ASP A 62 -3.29 -6.22 -7.93
CA ASP A 62 -2.68 -7.52 -8.13
C ASP A 62 -2.17 -7.67 -9.56
N GLN A 63 -3.00 -7.32 -10.53
CA GLN A 63 -2.65 -7.55 -11.92
C GLN A 63 -2.54 -6.26 -12.71
N GLN A 64 -3.35 -5.28 -12.36
CA GLN A 64 -3.32 -4.00 -13.06
C GLN A 64 -1.94 -3.38 -13.01
N ILE A 66 1.69 -2.61 -10.04
CA ILE A 66 2.30 -2.81 -8.76
C ILE A 66 2.14 -1.53 -7.93
N VAL A 67 1.95 -1.70 -6.64
CA VAL A 67 1.70 -0.55 -5.78
C VAL A 67 3.00 0.14 -5.42
N HIS A 68 3.02 1.45 -5.56
CA HIS A 68 4.19 2.23 -5.20
C HIS A 68 3.93 3.02 -3.94
N ILE A 69 4.63 2.70 -2.89
CA ILE A 69 4.42 3.37 -1.62
C ILE A 69 5.67 4.09 -1.16
N VAL A 70 5.57 5.39 -1.01
CA VAL A 70 6.67 6.20 -0.56
C VAL A 70 6.40 6.74 0.82
N GLN A 71 7.42 6.79 1.64
CA GLN A 71 7.29 7.27 2.99
C GLN A 71 7.85 8.67 3.12
N ARG A 72 7.11 9.53 3.79
CA ARG A 72 7.56 10.88 4.07
C ARG A 72 7.85 10.99 5.56
N PRO A 73 9.06 10.60 5.98
CA PRO A 73 9.41 10.56 7.38
C PRO A 73 9.67 11.93 7.98
N TRP A 74 8.69 12.44 8.69
CA TRP A 74 8.86 13.67 9.42
C TRP A 74 9.30 13.31 10.83
N ARG A 75 8.97 12.08 11.22
CA ARG A 75 9.37 11.51 12.49
C ARG A 75 9.47 9.99 12.37
N LYS A 76 10.65 9.52 11.99
CA LYS A 76 10.87 8.09 11.80
C LYS A 76 12.30 7.75 12.16
N MET A 1 -6.18 -12.70 -1.10
CA MET A 1 -5.75 -11.97 -2.30
C MET A 1 -4.30 -11.56 -2.17
N ILE A 2 -3.56 -11.58 -3.27
CA ILE A 2 -2.16 -11.22 -3.24
C ILE A 2 -1.87 -10.12 -4.24
N VAL A 3 -1.16 -9.09 -3.78
CA VAL A 3 -0.79 -7.97 -4.64
C VAL A 3 0.69 -7.65 -4.47
N PHE A 4 1.25 -6.99 -5.46
CA PHE A 4 2.65 -6.61 -5.41
C PHE A 4 2.78 -5.16 -4.96
N VAL A 5 3.75 -4.89 -4.11
CA VAL A 5 3.91 -3.57 -3.56
C VAL A 5 5.37 -3.11 -3.59
N ARG A 6 5.58 -1.88 -4.01
CA ARG A 6 6.89 -1.26 -4.05
C ARG A 6 7.02 -0.24 -2.95
N PHE A 7 7.68 -0.60 -1.88
CA PHE A 7 7.91 0.35 -0.82
C PHE A 7 9.18 1.13 -1.11
N ASN A 8 9.22 2.38 -0.71
CA ASN A 8 10.38 3.23 -0.92
C ASN A 8 11.66 2.55 -0.43
N SER A 9 12.64 2.45 -1.31
CA SER A 9 13.95 1.84 -1.00
C SER A 9 13.84 0.32 -0.80
N SER A 10 12.74 -0.25 -1.26
CA SER A 10 12.53 -1.68 -1.16
C SER A 10 12.16 -2.24 -2.53
N HIS A 11 11.93 -3.53 -2.59
CA HIS A 11 11.60 -4.18 -3.85
C HIS A 11 10.11 -4.48 -3.90
N GLY A 12 9.63 -4.95 -5.04
CA GLY A 12 8.22 -5.26 -5.19
C GLY A 12 7.89 -6.64 -4.72
N PHE A 13 7.68 -6.78 -3.44
CA PHE A 13 7.34 -8.06 -2.86
C PHE A 13 5.83 -8.24 -2.80
N PRO A 14 5.35 -9.48 -2.96
CA PRO A 14 3.93 -9.78 -2.90
C PRO A 14 3.41 -9.84 -1.47
N VAL A 15 2.37 -9.08 -1.19
CA VAL A 15 1.77 -9.05 0.12
C VAL A 15 0.41 -9.75 0.10
N GLU A 16 0.21 -10.68 1.03
CA GLU A 16 -1.02 -11.41 1.13
C GLU A 16 -2.04 -10.64 1.96
N VAL A 17 -3.15 -10.35 1.34
CA VAL A 17 -4.22 -9.58 1.98
C VAL A 17 -5.55 -10.32 1.84
N ASP A 18 -6.60 -9.73 2.37
CA ASP A 18 -7.92 -10.34 2.33
C ASP A 18 -8.68 -9.88 1.10
N SER A 19 -9.82 -10.49 0.87
CA SER A 19 -10.67 -10.15 -0.25
C SER A 19 -11.52 -8.92 0.09
N ASP A 20 -11.35 -8.41 1.30
CA ASP A 20 -12.08 -7.24 1.75
C ASP A 20 -11.13 -6.23 2.37
N THR A 21 -9.87 -6.30 1.98
CA THR A 21 -8.87 -5.39 2.49
C THR A 21 -9.00 -4.03 1.83
N SER A 22 -9.31 -3.02 2.62
CA SER A 22 -9.41 -1.67 2.11
C SER A 22 -8.01 -1.09 1.90
N ILE A 23 -7.92 -0.12 1.02
CA ILE A 23 -6.65 0.54 0.70
C ILE A 23 -5.98 1.08 1.97
N PHE A 24 -6.78 1.63 2.87
CA PHE A 24 -6.26 2.17 4.12
C PHE A 24 -5.66 1.05 4.97
N GLN A 25 -6.27 -0.12 4.93
CA GLN A 25 -5.79 -1.27 5.69
C GLN A 25 -4.47 -1.75 5.12
N LEU A 26 -4.40 -1.86 3.80
CA LEU A 26 -3.18 -2.26 3.12
C LEU A 26 -2.06 -1.27 3.45
N LYS A 27 -2.43 0.00 3.52
CA LYS A 27 -1.51 1.06 3.88
C LYS A 27 -0.95 0.78 5.27
N GLU A 28 -1.84 0.48 6.21
CA GLU A 28 -1.46 0.18 7.59
C GLU A 28 -0.52 -1.03 7.65
N VAL A 29 -0.89 -2.08 6.93
CA VAL A 29 -0.10 -3.32 6.91
C VAL A 29 1.35 -3.05 6.50
N VAL A 30 1.53 -2.36 5.39
CA VAL A 30 2.86 -2.06 4.91
C VAL A 30 3.56 -1.06 5.85
N ALA A 31 2.79 -0.12 6.40
CA ALA A 31 3.32 0.87 7.32
C ALA A 31 3.92 0.23 8.56
N LYS A 32 3.13 -0.62 9.21
CA LYS A 32 3.58 -1.30 10.42
C LYS A 32 4.66 -2.32 10.09
N ARG A 33 4.60 -2.86 8.89
CA ARG A 33 5.58 -3.85 8.44
C ARG A 33 6.97 -3.22 8.33
N GLN A 34 7.00 -1.99 7.87
CA GLN A 34 8.24 -1.27 7.70
C GLN A 34 8.58 -0.43 8.93
N GLY A 35 7.63 -0.38 9.87
CA GLY A 35 7.83 0.39 11.09
C GLY A 35 7.81 1.87 10.84
N VAL A 36 6.93 2.30 9.94
CA VAL A 36 6.80 3.71 9.61
C VAL A 36 5.41 4.23 9.94
N PRO A 37 5.30 5.51 10.27
CA PRO A 37 4.01 6.14 10.57
C PRO A 37 3.10 6.17 9.35
N ALA A 38 1.95 5.52 9.47
CA ALA A 38 1.00 5.43 8.36
C ALA A 38 0.42 6.80 8.02
N ASP A 39 0.43 7.69 9.00
CA ASP A 39 -0.08 9.05 8.80
C ASP A 39 0.81 9.83 7.85
N GLN A 40 2.06 9.43 7.76
CA GLN A 40 3.03 10.10 6.91
C GLN A 40 3.36 9.25 5.70
N LEU A 41 2.56 8.22 5.50
CA LEU A 41 2.77 7.30 4.40
C LEU A 41 1.85 7.67 3.24
N ARG A 42 2.34 7.50 2.02
CA ARG A 42 1.57 7.81 0.85
C ARG A 42 1.44 6.59 -0.05
N VAL A 43 0.21 6.29 -0.46
CA VAL A 43 -0.02 5.16 -1.34
C VAL A 43 -0.33 5.62 -2.76
N ILE A 44 0.46 5.15 -3.71
CA ILE A 44 0.30 5.49 -5.10
C ILE A 44 -0.01 4.24 -5.93
N PHE A 45 -1.03 4.32 -6.74
CA PHE A 45 -1.43 3.22 -7.58
C PHE A 45 -1.59 3.71 -9.02
N ALA A 46 -0.73 3.21 -9.90
CA ALA A 46 -0.74 3.56 -11.33
C ALA A 46 -0.41 5.04 -11.59
N GLY A 47 -0.04 5.76 -10.54
CA GLY A 47 0.30 7.16 -10.68
C GLY A 47 -0.53 8.06 -9.80
N LYS A 48 -1.67 7.58 -9.38
CA LYS A 48 -2.57 8.36 -8.53
C LYS A 48 -2.66 7.73 -7.16
N GLU A 49 -3.28 8.42 -6.23
CA GLU A 49 -3.48 7.87 -4.92
C GLU A 49 -4.90 7.40 -4.78
N LEU A 50 -5.10 6.25 -4.17
CA LEU A 50 -6.43 5.69 -4.00
C LEU A 50 -7.09 6.25 -2.75
N ARG A 51 -8.36 5.96 -2.63
CA ARG A 51 -9.14 6.41 -1.50
C ARG A 51 -9.07 5.37 -0.37
N ASN A 52 -9.29 5.81 0.85
CA ASN A 52 -9.16 4.92 2.00
C ASN A 52 -10.31 3.91 2.11
N ASP A 53 -11.53 4.35 1.80
CA ASP A 53 -12.69 3.46 1.84
C ASP A 53 -12.90 2.78 0.51
N TRP A 54 -11.95 1.97 0.13
CA TRP A 54 -11.99 1.25 -1.12
C TRP A 54 -11.33 -0.10 -0.97
N THR A 55 -12.00 -1.14 -1.46
CA THR A 55 -11.47 -2.49 -1.38
C THR A 55 -10.42 -2.74 -2.46
N VAL A 56 -9.38 -3.45 -2.09
CA VAL A 56 -8.30 -3.77 -2.99
C VAL A 56 -8.72 -4.89 -3.95
N GLN A 57 -9.67 -5.70 -3.54
CA GLN A 57 -10.10 -6.87 -4.31
C GLN A 57 -10.83 -6.46 -5.58
N ASN A 58 -11.71 -5.47 -5.48
CA ASN A 58 -12.50 -5.03 -6.63
C ASN A 58 -11.66 -4.15 -7.55
N CYS A 59 -10.56 -3.63 -7.03
CA CYS A 59 -9.69 -2.78 -7.80
C CYS A 59 -8.61 -3.59 -8.51
N ASP A 60 -8.12 -4.61 -7.82
CA ASP A 60 -7.05 -5.49 -8.33
C ASP A 60 -5.74 -4.71 -8.49
N LEU A 61 -4.92 -4.76 -7.48
CA LEU A 61 -3.63 -4.08 -7.49
C LEU A 61 -2.52 -5.08 -7.73
N ASP A 62 -2.87 -6.16 -8.39
CA ASP A 62 -1.93 -7.23 -8.70
C ASP A 62 -1.71 -7.35 -10.19
N GLN A 63 -2.78 -7.27 -10.95
CA GLN A 63 -2.71 -7.37 -12.39
C GLN A 63 -2.52 -6.02 -13.02
N GLN A 64 -3.24 -5.04 -12.51
CA GLN A 64 -3.16 -3.70 -13.05
C GLN A 64 -2.09 -2.90 -12.34
N ILE A 66 1.55 -2.03 -10.33
CA ILE A 66 2.01 -2.42 -9.02
C ILE A 66 1.82 -1.24 -8.06
N VAL A 67 1.66 -1.53 -6.79
CA VAL A 67 1.41 -0.50 -5.80
C VAL A 67 2.70 0.18 -5.39
N HIS A 68 2.72 1.49 -5.44
CA HIS A 68 3.88 2.26 -5.05
C HIS A 68 3.62 2.94 -3.72
N ILE A 69 4.30 2.50 -2.69
CA ILE A 69 4.11 3.06 -1.37
C ILE A 69 5.37 3.77 -0.92
N VAL A 70 5.24 5.05 -0.63
CA VAL A 70 6.35 5.87 -0.24
C VAL A 70 6.05 6.62 1.05
N GLN A 71 7.05 6.81 1.87
CA GLN A 71 6.90 7.57 3.10
C GLN A 71 7.32 9.00 2.85
N ARG A 72 6.44 9.93 3.13
CA ARG A 72 6.72 11.33 2.92
C ARG A 72 6.08 12.14 4.02
N PRO A 73 6.81 12.36 5.13
CA PRO A 73 6.31 13.08 6.27
C PRO A 73 6.53 14.58 6.16
N TRP A 74 5.57 15.34 6.62
CA TRP A 74 5.69 16.77 6.68
C TRP A 74 5.77 17.20 8.12
N ARG A 75 4.82 16.73 8.92
CA ARG A 75 4.82 16.99 10.34
C ARG A 75 5.51 15.86 11.07
N LYS A 76 6.83 15.92 11.08
CA LYS A 76 7.66 14.93 11.71
C LYS A 76 9.02 15.52 12.03
N MET A 1 -4.84 -12.81 -0.95
CA MET A 1 -4.55 -11.98 -2.13
C MET A 1 -3.12 -11.45 -2.07
N ILE A 2 -2.38 -11.60 -3.15
CA ILE A 2 -1.00 -11.14 -3.20
C ILE A 2 -0.89 -9.95 -4.15
N VAL A 3 -0.61 -8.79 -3.61
CA VAL A 3 -0.45 -7.60 -4.41
C VAL A 3 1.01 -7.20 -4.50
N PHE A 4 1.42 -6.72 -5.65
CA PHE A 4 2.80 -6.33 -5.85
C PHE A 4 3.00 -4.89 -5.41
N VAL A 5 3.97 -4.67 -4.53
CA VAL A 5 4.21 -3.35 -3.99
C VAL A 5 5.69 -2.99 -4.05
N ARG A 6 5.96 -1.78 -4.49
CA ARG A 6 7.31 -1.28 -4.53
C ARG A 6 7.48 -0.23 -3.46
N PHE A 7 8.08 -0.63 -2.36
CA PHE A 7 8.27 0.28 -1.24
C PHE A 7 9.56 1.08 -1.43
N ASN A 8 9.39 2.37 -1.72
CA ASN A 8 10.53 3.25 -1.93
C ASN A 8 11.14 3.65 -0.61
N SER A 9 12.08 2.83 -0.15
CA SER A 9 12.78 3.00 1.10
C SER A 9 13.54 1.72 1.42
N SER A 10 12.95 0.59 1.03
CA SER A 10 13.56 -0.69 1.25
C SER A 10 13.69 -1.45 -0.07
N HIS A 11 12.58 -2.03 -0.54
CA HIS A 11 12.56 -2.79 -1.78
C HIS A 11 11.12 -3.17 -2.12
N GLY A 12 10.90 -3.67 -3.33
CA GLY A 12 9.58 -4.10 -3.72
C GLY A 12 9.29 -5.51 -3.28
N PHE A 13 8.18 -5.71 -2.61
CA PHE A 13 7.83 -7.01 -2.09
C PHE A 13 6.34 -7.27 -2.26
N PRO A 14 5.95 -8.53 -2.43
CA PRO A 14 4.55 -8.91 -2.54
C PRO A 14 3.84 -8.83 -1.19
N VAL A 15 2.81 -8.03 -1.12
CA VAL A 15 2.07 -7.86 0.11
C VAL A 15 0.88 -8.81 0.15
N GLU A 16 0.87 -9.68 1.14
CA GLU A 16 -0.17 -10.67 1.29
C GLU A 16 -1.29 -10.13 2.17
N VAL A 17 -2.44 -9.91 1.56
CA VAL A 17 -3.61 -9.41 2.25
C VAL A 17 -4.81 -10.32 2.01
N ASP A 18 -5.94 -9.94 2.56
CA ASP A 18 -7.17 -10.70 2.42
C ASP A 18 -7.94 -10.18 1.21
N SER A 19 -8.88 -10.96 0.71
CA SER A 19 -9.70 -10.52 -0.41
C SER A 19 -10.56 -9.33 0.00
N ASP A 20 -10.80 -9.20 1.30
CA ASP A 20 -11.57 -8.09 1.81
C ASP A 20 -10.67 -7.17 2.61
N THR A 21 -9.75 -6.53 1.92
CA THR A 21 -8.84 -5.60 2.55
C THR A 21 -9.06 -4.20 1.98
N SER A 22 -9.53 -3.28 2.80
CA SER A 22 -9.74 -1.93 2.38
C SER A 22 -8.40 -1.23 2.13
N ILE A 23 -8.37 -0.29 1.19
CA ILE A 23 -7.14 0.44 0.85
C ILE A 23 -6.52 1.09 2.09
N PHE A 24 -7.35 1.64 2.96
CA PHE A 24 -6.88 2.25 4.21
C PHE A 24 -6.20 1.19 5.08
N GLN A 25 -6.85 0.05 5.22
CA GLN A 25 -6.32 -1.05 6.01
C GLN A 25 -5.04 -1.57 5.38
N LEU A 26 -5.04 -1.67 4.06
CA LEU A 26 -3.88 -2.11 3.29
C LEU A 26 -2.68 -1.22 3.58
N LYS A 27 -2.91 0.08 3.55
CA LYS A 27 -1.86 1.06 3.84
C LYS A 27 -1.33 0.85 5.25
N GLU A 28 -2.23 0.62 6.19
CA GLU A 28 -1.88 0.39 7.58
C GLU A 28 -1.12 -0.94 7.72
N VAL A 29 -1.50 -1.93 6.93
CA VAL A 29 -0.83 -3.23 6.94
C VAL A 29 0.62 -3.09 6.50
N VAL A 30 0.83 -2.41 5.39
CA VAL A 30 2.18 -2.19 4.88
C VAL A 30 2.99 -1.38 5.88
N ALA A 31 2.34 -0.39 6.47
CA ALA A 31 2.98 0.48 7.45
C ALA A 31 3.50 -0.31 8.65
N LYS A 32 2.64 -1.11 9.25
CA LYS A 32 3.01 -1.89 10.43
C LYS A 32 3.98 -3.01 10.07
N ARG A 33 3.81 -3.58 8.88
CA ARG A 33 4.63 -4.71 8.44
C ARG A 33 6.07 -4.28 8.20
N GLN A 34 6.25 -3.02 7.81
CA GLN A 34 7.58 -2.49 7.54
C GLN A 34 8.09 -1.60 8.67
N GLY A 35 7.23 -1.34 9.63
CA GLY A 35 7.60 -0.51 10.76
C GLY A 35 7.77 0.94 10.37
N VAL A 36 6.73 1.50 9.79
CA VAL A 36 6.72 2.89 9.37
C VAL A 36 5.41 3.55 9.76
N PRO A 37 5.41 4.88 9.95
CA PRO A 37 4.19 5.60 10.31
C PRO A 37 3.21 5.69 9.14
N ALA A 38 2.04 5.11 9.31
CA ALA A 38 1.00 5.12 8.27
C ALA A 38 0.53 6.53 7.99
N ASP A 39 0.56 7.38 9.00
CA ASP A 39 0.16 8.77 8.87
C ASP A 39 1.10 9.52 7.92
N GLN A 40 2.38 9.19 8.01
CA GLN A 40 3.38 9.85 7.19
C GLN A 40 3.79 8.96 6.02
N LEU A 41 2.94 7.99 5.71
CA LEU A 41 3.16 7.09 4.61
C LEU A 41 2.29 7.52 3.42
N ARG A 42 2.74 7.21 2.22
CA ARG A 42 1.98 7.56 1.03
C ARG A 42 1.85 6.36 0.12
N VAL A 43 0.67 6.17 -0.45
CA VAL A 43 0.45 5.08 -1.37
C VAL A 43 0.00 5.60 -2.73
N ILE A 44 0.68 5.14 -3.77
CA ILE A 44 0.37 5.51 -5.13
C ILE A 44 0.09 4.26 -5.96
N PHE A 45 -0.98 4.26 -6.71
CA PHE A 45 -1.33 3.15 -7.53
C PHE A 45 -1.72 3.61 -8.92
N ALA A 46 -1.04 3.07 -9.93
CA ALA A 46 -1.32 3.39 -11.33
C ALA A 46 -1.07 4.87 -11.63
N GLY A 47 -0.25 5.50 -10.80
CA GLY A 47 0.07 6.90 -10.99
C GLY A 47 -0.94 7.82 -10.32
N LYS A 48 -1.80 7.27 -9.48
CA LYS A 48 -2.81 8.04 -8.78
C LYS A 48 -3.00 7.52 -7.36
N GLU A 49 -3.92 8.13 -6.64
CA GLU A 49 -4.25 7.69 -5.30
C GLU A 49 -5.66 7.10 -5.29
N LEU A 50 -5.82 6.01 -4.57
CA LEU A 50 -7.11 5.36 -4.47
C LEU A 50 -7.90 5.88 -3.29
N ARG A 51 -9.18 5.56 -3.26
CA ARG A 51 -10.02 5.91 -2.14
C ARG A 51 -9.65 5.01 -0.96
N ASN A 52 -9.67 5.56 0.23
CA ASN A 52 -9.27 4.81 1.41
C ASN A 52 -10.34 3.80 1.82
N ASP A 53 -11.59 4.10 1.47
CA ASP A 53 -12.70 3.26 1.86
C ASP A 53 -13.20 2.38 0.73
N TRP A 54 -12.38 1.42 0.33
CA TRP A 54 -12.76 0.48 -0.70
C TRP A 54 -11.87 -0.76 -0.66
N THR A 55 -12.39 -1.89 -1.09
CA THR A 55 -11.66 -3.15 -1.09
C THR A 55 -10.59 -3.19 -2.19
N VAL A 56 -9.46 -3.79 -1.86
CA VAL A 56 -8.34 -3.93 -2.78
C VAL A 56 -8.66 -4.95 -3.87
N GLN A 57 -9.55 -5.89 -3.56
CA GLN A 57 -9.92 -6.96 -4.49
C GLN A 57 -10.47 -6.39 -5.79
N ASN A 58 -11.33 -5.38 -5.68
CA ASN A 58 -11.96 -4.79 -6.86
C ASN A 58 -11.09 -3.68 -7.44
N CYS A 59 -9.97 -3.40 -6.80
CA CYS A 59 -9.05 -2.37 -7.28
C CYS A 59 -7.95 -2.98 -8.14
N ASP A 60 -7.77 -4.30 -8.00
CA ASP A 60 -6.80 -5.08 -8.80
C ASP A 60 -5.38 -4.58 -8.67
N LEU A 61 -4.88 -4.49 -7.45
CA LEU A 61 -3.50 -4.02 -7.21
C LEU A 61 -2.48 -5.10 -7.54
N ASP A 62 -2.97 -6.26 -7.96
CA ASP A 62 -2.12 -7.37 -8.33
C ASP A 62 -2.08 -7.51 -9.85
N GLN A 63 -2.93 -6.75 -10.53
CA GLN A 63 -3.03 -6.86 -11.98
C GLN A 63 -2.67 -5.56 -12.69
N GLN A 64 -3.35 -4.49 -12.34
CA GLN A 64 -3.13 -3.21 -13.00
C GLN A 64 -1.89 -2.52 -12.44
N ILE A 66 1.65 -1.72 -10.70
CA ILE A 66 2.13 -2.14 -9.41
C ILE A 66 1.98 -0.98 -8.42
N VAL A 67 1.86 -1.30 -7.15
CA VAL A 67 1.66 -0.28 -6.14
C VAL A 67 2.98 0.36 -5.75
N HIS A 68 3.02 1.67 -5.78
CA HIS A 68 4.20 2.41 -5.39
C HIS A 68 3.97 3.06 -4.04
N ILE A 69 4.62 2.56 -3.03
CA ILE A 69 4.46 3.08 -1.69
C ILE A 69 5.75 3.70 -1.19
N VAL A 70 5.66 4.91 -0.69
CA VAL A 70 6.81 5.62 -0.20
C VAL A 70 6.49 6.27 1.14
N GLN A 71 7.48 6.39 2.00
CA GLN A 71 7.28 6.99 3.30
C GLN A 71 8.00 8.32 3.39
N ARG A 72 7.55 9.15 4.30
CA ARG A 72 8.19 10.43 4.56
C ARG A 72 8.04 10.76 6.03
N PRO A 73 8.83 10.10 6.90
CA PRO A 73 8.75 10.26 8.32
C PRO A 73 9.64 11.38 8.83
N TRP A 74 9.04 12.32 9.52
CA TRP A 74 9.78 13.40 10.13
C TRP A 74 9.94 13.12 11.62
N ARG A 75 8.95 12.46 12.19
CA ARG A 75 8.96 12.13 13.61
C ARG A 75 9.42 10.70 13.85
N LYS A 76 9.90 10.07 12.80
CA LYS A 76 10.39 8.71 12.87
C LYS A 76 11.75 8.62 12.23
N MET A 1 -5.83 -11.79 -1.65
CA MET A 1 -4.83 -12.39 -2.55
C MET A 1 -3.46 -11.75 -2.34
N ILE A 2 -2.49 -12.15 -3.14
CA ILE A 2 -1.14 -11.59 -3.06
C ILE A 2 -0.98 -10.42 -4.02
N VAL A 3 -0.61 -9.26 -3.50
CA VAL A 3 -0.37 -8.09 -4.34
C VAL A 3 1.09 -7.70 -4.25
N PHE A 4 1.59 -6.99 -5.24
CA PHE A 4 2.97 -6.57 -5.24
C PHE A 4 3.09 -5.11 -4.83
N VAL A 5 4.01 -4.82 -3.91
CA VAL A 5 4.16 -3.47 -3.39
C VAL A 5 5.65 -3.07 -3.32
N ARG A 6 5.91 -1.81 -3.65
CA ARG A 6 7.25 -1.25 -3.57
C ARG A 6 7.26 -0.15 -2.52
N PHE A 7 8.07 -0.31 -1.50
CA PHE A 7 8.14 0.67 -0.44
C PHE A 7 9.35 1.58 -0.60
N ASN A 8 9.09 2.85 -0.86
CA ASN A 8 10.13 3.87 -1.02
C ASN A 8 11.12 3.49 -2.13
N SER A 9 10.56 3.09 -3.28
CA SER A 9 11.34 2.75 -4.47
C SER A 9 12.11 1.42 -4.32
N SER A 10 11.80 0.63 -3.30
CA SER A 10 12.45 -0.68 -3.14
C SER A 10 12.05 -1.60 -4.30
N HIS A 11 12.74 -2.74 -4.40
CA HIS A 11 12.50 -3.69 -5.48
C HIS A 11 11.02 -4.07 -5.60
N GLY A 12 10.52 -4.77 -4.61
CA GLY A 12 9.14 -5.18 -4.64
C GLY A 12 8.90 -6.43 -3.82
N PHE A 13 7.90 -6.39 -2.98
CA PHE A 13 7.57 -7.50 -2.14
C PHE A 13 6.09 -7.85 -2.23
N PRO A 14 5.75 -9.15 -2.13
CA PRO A 14 4.38 -9.60 -2.21
C PRO A 14 3.65 -9.49 -0.86
N VAL A 15 2.65 -8.64 -0.83
CA VAL A 15 1.86 -8.44 0.38
C VAL A 15 0.57 -9.22 0.31
N GLU A 16 0.32 -10.03 1.32
CA GLU A 16 -0.88 -10.81 1.39
C GLU A 16 -2.03 -9.99 1.94
N VAL A 17 -3.07 -9.83 1.14
CA VAL A 17 -4.24 -9.10 1.54
C VAL A 17 -5.46 -9.99 1.48
N ASP A 18 -6.56 -9.50 2.02
CA ASP A 18 -7.80 -10.25 2.02
C ASP A 18 -8.75 -9.67 0.98
N SER A 19 -9.84 -10.35 0.72
CA SER A 19 -10.83 -9.89 -0.26
C SER A 19 -11.53 -8.63 0.23
N ASP A 20 -11.45 -8.38 1.53
CA ASP A 20 -12.10 -7.24 2.12
C ASP A 20 -11.08 -6.27 2.69
N THR A 21 -9.87 -6.29 2.18
CA THR A 21 -8.84 -5.38 2.60
C THR A 21 -8.92 -4.08 1.82
N SER A 22 -9.23 -3.00 2.50
CA SER A 22 -9.30 -1.70 1.86
C SER A 22 -7.90 -1.14 1.69
N ILE A 23 -7.77 -0.09 0.88
CA ILE A 23 -6.49 0.58 0.71
C ILE A 23 -6.06 1.17 2.05
N PHE A 24 -7.06 1.52 2.86
CA PHE A 24 -6.84 2.02 4.21
C PHE A 24 -6.10 0.96 5.02
N GLN A 25 -6.62 -0.25 5.00
CA GLN A 25 -6.03 -1.38 5.72
C GLN A 25 -4.68 -1.74 5.10
N LEU A 26 -4.64 -1.81 3.77
CA LEU A 26 -3.42 -2.16 3.05
C LEU A 26 -2.28 -1.21 3.43
N LYS A 27 -2.59 0.08 3.50
CA LYS A 27 -1.62 1.09 3.88
C LYS A 27 -1.06 0.77 5.27
N GLU A 28 -1.95 0.45 6.19
CA GLU A 28 -1.57 0.10 7.54
C GLU A 28 -0.79 -1.21 7.58
N VAL A 29 -1.20 -2.18 6.76
CA VAL A 29 -0.53 -3.46 6.69
C VAL A 29 0.93 -3.29 6.28
N VAL A 30 1.16 -2.60 5.18
CA VAL A 30 2.52 -2.37 4.70
C VAL A 30 3.32 -1.55 5.72
N ALA A 31 2.65 -0.59 6.33
CA ALA A 31 3.27 0.27 7.32
C ALA A 31 3.74 -0.53 8.53
N LYS A 32 2.88 -1.42 9.02
CA LYS A 32 3.18 -2.22 10.20
C LYS A 32 4.29 -3.24 9.90
N ARG A 33 4.35 -3.69 8.65
CA ARG A 33 5.36 -4.66 8.24
C ARG A 33 6.74 -4.04 8.35
N GLN A 34 6.85 -2.82 7.87
CA GLN A 34 8.11 -2.11 7.84
C GLN A 34 8.41 -1.46 9.19
N GLY A 35 7.36 -1.01 9.86
CA GLY A 35 7.54 -0.33 11.13
C GLY A 35 7.61 1.16 10.92
N VAL A 36 6.74 1.66 10.06
CA VAL A 36 6.70 3.07 9.72
C VAL A 36 5.34 3.67 10.07
N PRO A 37 5.26 4.99 10.29
CA PRO A 37 4.00 5.68 10.58
C PRO A 37 3.03 5.60 9.39
N ALA A 38 1.88 5.00 9.63
CA ALA A 38 0.89 4.79 8.59
C ALA A 38 0.12 6.07 8.24
N ASP A 39 0.11 7.02 9.16
CA ASP A 39 -0.62 8.27 8.94
C ASP A 39 0.05 9.13 7.88
N GLN A 40 1.34 9.36 8.03
CA GLN A 40 2.08 10.16 7.05
C GLN A 40 2.64 9.29 5.92
N LEU A 41 2.03 8.13 5.75
CA LEU A 41 2.40 7.20 4.70
C LEU A 41 1.53 7.47 3.47
N ARG A 42 2.13 7.42 2.30
CA ARG A 42 1.42 7.73 1.08
C ARG A 42 1.44 6.54 0.11
N VAL A 43 0.25 6.13 -0.32
CA VAL A 43 0.11 5.06 -1.28
C VAL A 43 -0.09 5.67 -2.68
N ILE A 44 0.64 5.16 -3.66
CA ILE A 44 0.57 5.68 -5.01
C ILE A 44 0.38 4.54 -6.01
N PHE A 45 -0.49 4.77 -6.96
CA PHE A 45 -0.74 3.83 -8.02
C PHE A 45 -0.94 4.58 -9.33
N ALA A 46 0.00 4.39 -10.26
CA ALA A 46 -0.05 5.05 -11.57
C ALA A 46 0.06 6.58 -11.46
N GLY A 47 0.65 7.04 -10.35
CA GLY A 47 0.85 8.47 -10.16
C GLY A 47 -0.16 9.09 -9.21
N LYS A 48 -1.26 8.42 -8.95
CA LYS A 48 -2.28 8.95 -8.06
C LYS A 48 -2.51 8.04 -6.87
N GLU A 49 -3.08 8.58 -5.80
CA GLU A 49 -3.36 7.80 -4.62
C GLU A 49 -4.77 7.22 -4.69
N LEU A 50 -4.94 6.06 -4.13
CA LEU A 50 -6.24 5.40 -4.15
C LEU A 50 -7.04 5.77 -2.92
N ARG A 51 -8.36 5.77 -3.06
CA ARG A 51 -9.23 6.07 -1.93
C ARG A 51 -9.06 5.02 -0.85
N ASN A 52 -8.93 5.49 0.38
CA ASN A 52 -8.69 4.61 1.52
C ASN A 52 -9.89 3.68 1.79
N ASP A 53 -11.08 4.21 1.66
CA ASP A 53 -12.29 3.44 1.93
C ASP A 53 -12.77 2.74 0.67
N TRP A 54 -12.01 1.75 0.26
CA TRP A 54 -12.36 0.94 -0.89
C TRP A 54 -11.54 -0.35 -0.90
N THR A 55 -12.21 -1.46 -1.16
CA THR A 55 -11.57 -2.77 -1.17
C THR A 55 -10.53 -2.91 -2.29
N VAL A 56 -9.42 -3.56 -1.95
CA VAL A 56 -8.34 -3.81 -2.90
C VAL A 56 -8.77 -4.85 -3.93
N GLN A 57 -9.79 -5.62 -3.58
CA GLN A 57 -10.31 -6.66 -4.45
C GLN A 57 -10.86 -6.04 -5.73
N ASN A 58 -11.44 -4.85 -5.61
CA ASN A 58 -12.01 -4.16 -6.77
C ASN A 58 -10.95 -3.23 -7.39
N CYS A 59 -9.78 -3.20 -6.78
CA CYS A 59 -8.68 -2.40 -7.29
C CYS A 59 -7.77 -3.26 -8.17
N ASP A 60 -7.70 -4.56 -7.83
CA ASP A 60 -6.91 -5.54 -8.58
C ASP A 60 -5.44 -5.21 -8.59
N LEU A 61 -4.93 -4.80 -7.45
CA LEU A 61 -3.51 -4.41 -7.32
C LEU A 61 -2.57 -5.63 -7.48
N ASP A 62 -3.15 -6.78 -7.74
CA ASP A 62 -2.38 -8.00 -7.95
C ASP A 62 -2.29 -8.32 -9.44
N GLN A 63 -3.30 -7.92 -10.20
CA GLN A 63 -3.35 -8.19 -11.62
C GLN A 63 -2.99 -6.95 -12.44
N GLN A 64 -2.98 -5.81 -11.79
CA GLN A 64 -2.60 -4.57 -12.43
C GLN A 64 -1.11 -4.30 -12.20
N ILE A 66 2.27 -2.56 -10.18
CA ILE A 66 2.72 -2.74 -8.82
C ILE A 66 2.41 -1.49 -7.98
N VAL A 67 2.08 -1.70 -6.72
CA VAL A 67 1.69 -0.61 -5.84
C VAL A 67 2.92 0.10 -5.29
N HIS A 68 2.93 1.40 -5.37
CA HIS A 68 4.04 2.18 -4.86
C HIS A 68 3.64 2.83 -3.54
N ILE A 69 4.44 2.66 -2.53
CA ILE A 69 4.16 3.26 -1.26
C ILE A 69 5.38 4.01 -0.75
N VAL A 70 5.19 5.25 -0.37
CA VAL A 70 6.30 6.06 0.11
C VAL A 70 5.96 6.68 1.47
N GLN A 71 6.94 6.70 2.34
CA GLN A 71 6.77 7.27 3.67
C GLN A 71 7.42 8.62 3.74
N ARG A 72 7.00 9.42 4.69
CA ARG A 72 7.64 10.70 4.94
C ARG A 72 8.63 10.48 6.09
N PRO A 73 9.92 10.31 5.80
CA PRO A 73 10.92 10.04 6.80
C PRO A 73 11.29 11.26 7.62
N TRP A 74 10.77 11.34 8.83
CA TRP A 74 11.12 12.41 9.72
C TRP A 74 12.45 12.12 10.39
N ARG A 75 13.52 12.64 9.79
CA ARG A 75 14.88 12.45 10.30
C ARG A 75 15.20 10.96 10.41
N LYS A 76 14.73 10.20 9.43
CA LYS A 76 14.90 8.77 9.41
C LYS A 76 16.15 8.42 8.61
N MET A 1 -6.07 -12.15 -2.38
CA MET A 1 -4.96 -12.53 -3.28
C MET A 1 -3.67 -11.86 -2.85
N ILE A 2 -2.58 -12.20 -3.50
CA ILE A 2 -1.29 -11.61 -3.19
C ILE A 2 -1.04 -10.41 -4.11
N VAL A 3 -0.78 -9.27 -3.52
CA VAL A 3 -0.52 -8.08 -4.30
C VAL A 3 0.93 -7.66 -4.17
N PHE A 4 1.46 -7.06 -5.21
CA PHE A 4 2.84 -6.60 -5.19
C PHE A 4 2.91 -5.17 -4.72
N VAL A 5 3.79 -4.91 -3.77
CA VAL A 5 3.92 -3.59 -3.19
C VAL A 5 5.38 -3.17 -3.06
N ARG A 6 5.65 -1.94 -3.44
CA ARG A 6 6.98 -1.37 -3.33
C ARG A 6 7.02 -0.38 -2.22
N PHE A 7 8.12 -0.31 -1.52
CA PHE A 7 8.28 0.65 -0.47
C PHE A 7 9.63 1.34 -0.59
N ASN A 8 9.59 2.62 -0.96
CA ASN A 8 10.81 3.46 -1.12
C ASN A 8 11.70 3.01 -2.28
N SER A 9 12.19 1.79 -2.23
CA SER A 9 13.08 1.28 -3.25
C SER A 9 12.31 0.76 -4.46
N SER A 10 13.04 0.32 -5.47
CA SER A 10 12.45 -0.22 -6.69
C SER A 10 11.98 -1.65 -6.48
N HIS A 11 12.50 -2.28 -5.42
CA HIS A 11 12.12 -3.64 -5.08
C HIS A 11 10.67 -3.71 -4.62
N GLY A 12 9.97 -4.74 -5.08
CA GLY A 12 8.59 -4.92 -4.72
C GLY A 12 8.37 -6.24 -4.02
N PHE A 13 7.76 -6.20 -2.86
CA PHE A 13 7.51 -7.40 -2.09
C PHE A 13 6.03 -7.79 -2.19
N PRO A 14 5.71 -9.08 -2.05
CA PRO A 14 4.34 -9.56 -2.15
C PRO A 14 3.61 -9.52 -0.80
N VAL A 15 2.46 -8.87 -0.79
CA VAL A 15 1.64 -8.78 0.40
C VAL A 15 0.32 -9.52 0.18
N GLU A 16 0.07 -10.53 0.99
CA GLU A 16 -1.14 -11.30 0.87
C GLU A 16 -2.28 -10.61 1.59
N VAL A 17 -3.34 -10.32 0.86
CA VAL A 17 -4.50 -9.64 1.40
C VAL A 17 -5.76 -10.44 1.12
N ASP A 18 -6.86 -10.01 1.72
CA ASP A 18 -8.14 -10.65 1.53
C ASP A 18 -8.89 -10.00 0.39
N SER A 19 -10.04 -10.55 0.05
CA SER A 19 -10.84 -10.04 -1.05
C SER A 19 -11.42 -8.67 -0.71
N ASP A 20 -11.77 -8.47 0.55
CA ASP A 20 -12.40 -7.24 0.97
C ASP A 20 -11.51 -6.40 1.88
N THR A 21 -10.21 -6.61 1.78
CA THR A 21 -9.26 -5.81 2.54
C THR A 21 -9.27 -4.38 2.03
N SER A 22 -9.70 -3.45 2.86
CA SER A 22 -9.74 -2.05 2.48
C SER A 22 -8.32 -1.51 2.26
N ILE A 23 -8.18 -0.58 1.34
CA ILE A 23 -6.88 0.01 1.03
C ILE A 23 -6.24 0.62 2.28
N PHE A 24 -7.05 1.20 3.16
CA PHE A 24 -6.55 1.76 4.41
C PHE A 24 -5.89 0.67 5.24
N GLN A 25 -6.53 -0.49 5.29
CA GLN A 25 -6.00 -1.61 6.02
C GLN A 25 -4.67 -2.04 5.45
N LEU A 26 -4.60 -2.16 4.13
CA LEU A 26 -3.38 -2.55 3.44
C LEU A 26 -2.29 -1.52 3.68
N LYS A 27 -2.66 -0.24 3.60
CA LYS A 27 -1.74 0.85 3.85
C LYS A 27 -1.15 0.73 5.25
N GLU A 28 -2.01 0.47 6.22
CA GLU A 28 -1.61 0.29 7.60
C GLU A 28 -0.71 -0.93 7.76
N VAL A 29 -1.06 -2.02 7.06
CA VAL A 29 -0.27 -3.24 7.09
C VAL A 29 1.16 -2.96 6.64
N VAL A 30 1.30 -2.28 5.51
CA VAL A 30 2.62 -1.95 5.00
C VAL A 30 3.33 -0.96 5.92
N ALA A 31 2.58 0.02 6.43
CA ALA A 31 3.12 1.03 7.32
C ALA A 31 3.75 0.40 8.56
N LYS A 32 2.98 -0.39 9.27
CA LYS A 32 3.46 -1.03 10.49
C LYS A 32 4.53 -2.06 10.20
N ARG A 33 4.46 -2.67 9.03
CA ARG A 33 5.40 -3.70 8.63
C ARG A 33 6.77 -3.10 8.35
N GLN A 34 6.79 -1.84 7.96
CA GLN A 34 8.03 -1.17 7.62
C GLN A 34 8.39 -0.15 8.70
N GLY A 35 7.60 -0.10 9.76
CA GLY A 35 7.87 0.80 10.87
C GLY A 35 7.72 2.26 10.51
N VAL A 36 6.64 2.61 9.86
CA VAL A 36 6.38 4.00 9.49
C VAL A 36 4.94 4.40 9.82
N PRO A 37 4.71 5.69 10.11
CA PRO A 37 3.38 6.20 10.40
C PRO A 37 2.52 6.30 9.13
N ALA A 38 1.41 5.56 9.12
CA ALA A 38 0.51 5.56 7.96
C ALA A 38 -0.12 6.93 7.73
N ASP A 39 -0.19 7.73 8.79
CA ASP A 39 -0.76 9.08 8.69
C ASP A 39 0.08 9.98 7.79
N GLN A 40 1.36 9.64 7.66
CA GLN A 40 2.28 10.41 6.84
C GLN A 40 2.82 9.55 5.70
N LEU A 41 2.06 8.54 5.35
CA LEU A 41 2.45 7.62 4.30
C LEU A 41 1.70 7.90 3.00
N ARG A 42 2.41 7.82 1.89
CA ARG A 42 1.84 8.07 0.57
C ARG A 42 1.78 6.78 -0.23
N VAL A 43 0.64 6.49 -0.83
CA VAL A 43 0.49 5.28 -1.62
C VAL A 43 0.15 5.60 -3.08
N ILE A 44 1.10 5.43 -3.95
CA ILE A 44 0.91 5.73 -5.36
C ILE A 44 0.76 4.45 -6.16
N PHE A 45 -0.45 4.11 -6.50
CA PHE A 45 -0.71 2.94 -7.29
C PHE A 45 -0.70 3.33 -8.75
N ALA A 46 0.31 2.86 -9.48
CA ALA A 46 0.52 3.19 -10.88
C ALA A 46 0.91 4.65 -11.05
N GLY A 47 0.02 5.56 -10.67
CA GLY A 47 0.30 6.96 -10.78
C GLY A 47 -0.62 7.83 -9.93
N LYS A 48 -1.36 7.22 -9.00
CA LYS A 48 -2.28 7.98 -8.16
C LYS A 48 -2.59 7.28 -6.84
N GLU A 49 -3.19 8.04 -5.92
CA GLU A 49 -3.61 7.52 -4.63
C GLU A 49 -4.86 6.66 -4.79
N LEU A 50 -5.09 5.77 -3.86
CA LEU A 50 -6.25 4.91 -3.92
C LEU A 50 -7.27 5.30 -2.88
N ARG A 51 -8.46 4.81 -3.07
CA ARG A 51 -9.55 5.01 -2.15
C ARG A 51 -9.32 4.13 -0.91
N ASN A 52 -8.98 4.77 0.20
CA ASN A 52 -8.63 4.06 1.44
C ASN A 52 -9.79 3.28 2.04
N ASP A 53 -11.01 3.73 1.78
CA ASP A 53 -12.19 3.12 2.39
C ASP A 53 -12.70 1.91 1.63
N TRP A 54 -12.29 1.74 0.39
CA TRP A 54 -12.80 0.64 -0.42
C TRP A 54 -11.80 -0.54 -0.45
N THR A 55 -12.24 -1.65 -1.03
CA THR A 55 -11.47 -2.88 -1.04
C THR A 55 -10.31 -2.85 -2.04
N VAL A 56 -9.29 -3.65 -1.74
CA VAL A 56 -8.10 -3.75 -2.58
C VAL A 56 -8.36 -4.56 -3.85
N GLN A 57 -9.29 -5.50 -3.76
CA GLN A 57 -9.61 -6.35 -4.89
C GLN A 57 -10.20 -5.54 -6.03
N ASN A 58 -11.04 -4.57 -5.70
CA ASN A 58 -11.69 -3.74 -6.70
C ASN A 58 -10.68 -2.81 -7.37
N CYS A 59 -9.57 -2.58 -6.70
CA CYS A 59 -8.53 -1.71 -7.22
C CYS A 59 -7.65 -2.45 -8.23
N ASP A 60 -7.64 -3.79 -8.11
CA ASP A 60 -6.89 -4.67 -9.03
C ASP A 60 -5.39 -4.48 -8.95
N LEU A 61 -4.82 -4.72 -7.78
CA LEU A 61 -3.38 -4.59 -7.59
C LEU A 61 -2.64 -5.79 -8.19
N ASP A 62 -3.35 -6.89 -8.33
CA ASP A 62 -2.77 -8.10 -8.91
C ASP A 62 -2.88 -8.06 -10.43
N GLN A 63 -3.91 -7.41 -10.93
CA GLN A 63 -4.13 -7.31 -12.37
C GLN A 63 -3.34 -6.15 -12.98
N GLN A 64 -3.43 -4.98 -12.37
CA GLN A 64 -2.76 -3.80 -12.90
C GLN A 64 -1.31 -3.70 -12.41
N ILE A 66 2.05 -2.21 -10.00
CA ILE A 66 2.46 -2.42 -8.63
C ILE A 66 2.25 -1.13 -7.82
N VAL A 67 2.13 -1.25 -6.52
CA VAL A 67 1.90 -0.10 -5.65
C VAL A 67 3.23 0.53 -5.27
N HIS A 68 3.35 1.82 -5.49
CA HIS A 68 4.55 2.54 -5.09
C HIS A 68 4.26 3.27 -3.79
N ILE A 69 4.82 2.78 -2.71
CA ILE A 69 4.59 3.37 -1.43
C ILE A 69 5.82 4.10 -0.92
N VAL A 70 5.63 5.32 -0.50
CA VAL A 70 6.71 6.15 0.00
C VAL A 70 6.18 7.01 1.16
N GLN A 71 7.04 7.35 2.09
CA GLN A 71 6.62 8.12 3.22
C GLN A 71 7.02 9.59 3.06
N ARG A 72 6.22 10.47 3.63
CA ARG A 72 6.53 11.90 3.64
C ARG A 72 6.28 12.45 5.03
N PRO A 73 7.27 12.39 5.92
CA PRO A 73 7.15 12.86 7.26
C PRO A 73 7.40 14.35 7.38
N TRP A 74 6.60 15.01 8.19
CA TRP A 74 6.76 16.42 8.43
C TRP A 74 6.95 16.65 9.91
N ARG A 75 8.10 17.25 10.27
CA ARG A 75 8.46 17.55 11.65
C ARG A 75 8.80 16.28 12.43
N LYS A 76 9.05 15.20 11.69
CA LYS A 76 9.39 13.94 12.28
C LYS A 76 10.90 13.77 12.38
N MET A 1 -6.19 -12.51 -2.90
CA MET A 1 -5.25 -12.34 -4.01
C MET A 1 -3.96 -11.68 -3.54
N ILE A 2 -2.88 -11.97 -4.21
CA ILE A 2 -1.58 -11.43 -3.85
C ILE A 2 -1.20 -10.32 -4.82
N VAL A 3 -1.05 -9.12 -4.29
CA VAL A 3 -0.67 -7.99 -5.11
C VAL A 3 0.79 -7.66 -4.87
N PHE A 4 1.37 -6.85 -5.73
CA PHE A 4 2.76 -6.49 -5.60
C PHE A 4 2.89 -5.03 -5.18
N VAL A 5 3.84 -4.76 -4.31
CA VAL A 5 4.01 -3.41 -3.80
C VAL A 5 5.50 -3.02 -3.71
N ARG A 6 5.77 -1.76 -4.01
CA ARG A 6 7.11 -1.20 -3.97
C ARG A 6 7.18 -0.13 -2.90
N PHE A 7 7.92 -0.37 -1.84
CA PHE A 7 8.07 0.61 -0.79
C PHE A 7 9.32 1.45 -1.04
N ASN A 8 9.21 2.76 -0.80
CA ASN A 8 10.32 3.70 -1.01
C ASN A 8 11.64 3.20 -0.42
N SER A 9 11.61 2.81 0.83
CA SER A 9 12.81 2.37 1.53
C SER A 9 12.96 0.84 1.47
N SER A 10 12.46 0.23 0.40
CA SER A 10 12.53 -1.19 0.25
C SER A 10 12.51 -1.55 -1.23
N HIS A 11 12.32 -2.81 -1.52
CA HIS A 11 12.24 -3.27 -2.88
C HIS A 11 10.83 -3.78 -3.19
N GLY A 12 10.65 -4.37 -4.34
CA GLY A 12 9.34 -4.88 -4.69
C GLY A 12 9.05 -6.20 -4.04
N PHE A 13 7.99 -6.25 -3.26
CA PHE A 13 7.60 -7.48 -2.59
C PHE A 13 6.09 -7.69 -2.69
N PRO A 14 5.64 -8.95 -2.68
CA PRO A 14 4.24 -9.29 -2.76
C PRO A 14 3.54 -9.20 -1.40
N VAL A 15 2.29 -8.77 -1.41
CA VAL A 15 1.50 -8.68 -0.21
C VAL A 15 0.13 -9.31 -0.46
N GLU A 16 -0.18 -10.34 0.30
CA GLU A 16 -1.45 -11.02 0.18
C GLU A 16 -2.50 -10.28 0.98
N VAL A 17 -3.60 -9.96 0.33
CA VAL A 17 -4.66 -9.21 0.97
C VAL A 17 -5.95 -10.04 1.02
N ASP A 18 -6.91 -9.58 1.82
CA ASP A 18 -8.18 -10.27 1.98
C ASP A 18 -9.27 -9.57 1.19
N SER A 19 -10.48 -10.08 1.30
CA SER A 19 -11.61 -9.51 0.58
C SER A 19 -12.11 -8.23 1.26
N ASP A 20 -11.65 -7.99 2.48
CA ASP A 20 -12.08 -6.82 3.23
C ASP A 20 -10.91 -5.94 3.57
N THR A 21 -9.82 -6.09 2.87
CA THR A 21 -8.67 -5.27 3.11
C THR A 21 -8.83 -3.94 2.41
N SER A 22 -9.20 -2.92 3.16
CA SER A 22 -9.31 -1.61 2.60
C SER A 22 -7.93 -1.09 2.26
N ILE A 23 -7.82 -0.24 1.26
CA ILE A 23 -6.53 0.31 0.84
C ILE A 23 -5.85 1.02 2.02
N PHE A 24 -6.66 1.65 2.86
CA PHE A 24 -6.18 2.33 4.05
C PHE A 24 -5.50 1.32 4.97
N GLN A 25 -6.12 0.15 5.12
CA GLN A 25 -5.57 -0.92 5.94
C GLN A 25 -4.33 -1.48 5.29
N LEU A 26 -4.38 -1.69 3.98
CA LEU A 26 -3.24 -2.19 3.21
C LEU A 26 -2.04 -1.27 3.42
N LYS A 27 -2.30 0.02 3.38
CA LYS A 27 -1.28 1.03 3.61
C LYS A 27 -0.66 0.83 4.99
N GLU A 28 -1.52 0.58 5.98
CA GLU A 28 -1.07 0.37 7.33
C GLU A 28 -0.37 -0.98 7.48
N VAL A 29 -0.79 -1.96 6.72
CA VAL A 29 -0.15 -3.28 6.73
C VAL A 29 1.29 -3.17 6.28
N VAL A 30 1.50 -2.46 5.17
CA VAL A 30 2.85 -2.26 4.65
C VAL A 30 3.67 -1.41 5.63
N ALA A 31 3.03 -0.39 6.19
CA ALA A 31 3.68 0.49 7.16
C ALA A 31 4.08 -0.30 8.40
N LYS A 32 3.18 -1.16 8.83
CA LYS A 32 3.39 -2.02 9.99
C LYS A 32 4.53 -2.98 9.71
N ARG A 33 4.54 -3.51 8.51
CA ARG A 33 5.54 -4.48 8.07
C ARG A 33 6.92 -3.84 8.00
N GLN A 34 6.95 -2.56 7.67
CA GLN A 34 8.20 -1.82 7.53
C GLN A 34 8.56 -1.06 8.81
N GLY A 35 7.62 -0.99 9.73
CA GLY A 35 7.85 -0.29 10.98
C GLY A 35 7.96 1.20 10.78
N VAL A 36 7.02 1.77 10.05
CA VAL A 36 7.01 3.20 9.76
C VAL A 36 5.62 3.79 10.06
N PRO A 37 5.55 5.11 10.35
CA PRO A 37 4.28 5.79 10.61
C PRO A 37 3.31 5.68 9.44
N ALA A 38 2.23 4.94 9.64
CA ALA A 38 1.25 4.70 8.59
C ALA A 38 0.47 5.94 8.24
N ASP A 39 0.30 6.82 9.22
CA ASP A 39 -0.45 8.05 9.02
C ASP A 39 0.30 8.98 8.07
N GLN A 40 1.61 8.91 8.09
CA GLN A 40 2.45 9.75 7.24
C GLN A 40 2.84 9.00 5.97
N LEU A 41 2.25 7.86 5.76
CA LEU A 41 2.54 7.04 4.60
C LEU A 41 1.51 7.31 3.51
N ARG A 42 1.95 7.33 2.26
CA ARG A 42 1.06 7.59 1.14
C ARG A 42 1.19 6.50 0.08
N VAL A 43 0.10 6.24 -0.63
CA VAL A 43 0.11 5.23 -1.67
C VAL A 43 0.00 5.88 -3.05
N ILE A 44 0.73 5.31 -4.01
CA ILE A 44 0.73 5.78 -5.38
C ILE A 44 0.50 4.62 -6.35
N PHE A 45 -0.57 4.69 -7.10
CA PHE A 45 -0.89 3.68 -8.08
C PHE A 45 -1.37 4.35 -9.35
N ALA A 46 -0.72 4.05 -10.47
CA ALA A 46 -1.07 4.62 -11.78
C ALA A 46 -0.81 6.13 -11.82
N GLY A 47 0.03 6.61 -10.91
CA GLY A 47 0.36 8.02 -10.85
C GLY A 47 -0.58 8.81 -9.97
N LYS A 48 -1.42 8.12 -9.21
CA LYS A 48 -2.36 8.77 -8.33
C LYS A 48 -2.54 7.97 -7.05
N GLU A 49 -3.12 8.60 -6.05
CA GLU A 49 -3.38 7.93 -4.81
C GLU A 49 -4.75 7.28 -4.86
N LEU A 50 -4.95 6.24 -4.10
CA LEU A 50 -6.20 5.52 -4.12
C LEU A 50 -7.24 6.13 -3.18
N ARG A 51 -8.40 5.49 -3.11
CA ARG A 51 -9.50 5.98 -2.28
C ARG A 51 -9.34 5.62 -0.81
N ASN A 52 -8.42 4.68 -0.53
CA ASN A 52 -8.08 4.26 0.84
C ASN A 52 -9.20 3.51 1.59
N ASP A 53 -10.33 4.16 1.77
CA ASP A 53 -11.43 3.63 2.59
C ASP A 53 -12.05 2.38 2.00
N TRP A 54 -12.13 2.33 0.70
CA TRP A 54 -12.80 1.26 0.00
C TRP A 54 -11.94 -0.02 -0.03
N THR A 55 -12.59 -1.16 -0.36
CA THR A 55 -11.92 -2.46 -0.35
C THR A 55 -10.99 -2.65 -1.55
N VAL A 56 -9.96 -3.47 -1.37
CA VAL A 56 -9.00 -3.76 -2.42
C VAL A 56 -9.48 -4.95 -3.26
N GLN A 57 -10.43 -5.71 -2.74
CA GLN A 57 -10.90 -6.90 -3.45
C GLN A 57 -11.55 -6.53 -4.78
N ASN A 58 -12.27 -5.41 -4.80
CA ASN A 58 -12.92 -4.95 -6.01
C ASN A 58 -11.99 -4.01 -6.77
N CYS A 59 -10.74 -3.95 -6.33
CA CYS A 59 -9.74 -3.13 -6.95
C CYS A 59 -8.63 -4.02 -7.45
N ASP A 60 -8.70 -4.38 -8.71
CA ASP A 60 -7.70 -5.24 -9.31
C ASP A 60 -6.32 -4.59 -9.34
N LEU A 61 -5.54 -4.91 -8.34
CA LEU A 61 -4.16 -4.47 -8.24
C LEU A 61 -3.24 -5.66 -8.45
N ASP A 62 -3.86 -6.81 -8.67
CA ASP A 62 -3.16 -8.06 -8.88
C ASP A 62 -2.80 -8.24 -10.33
N GLN A 63 -3.72 -7.92 -11.22
CA GLN A 63 -3.48 -8.08 -12.65
C GLN A 63 -3.23 -6.74 -13.32
N GLN A 64 -2.72 -5.80 -12.55
CA GLN A 64 -2.43 -4.46 -13.06
C GLN A 64 -1.00 -4.07 -12.73
N ILE A 66 2.14 -2.26 -10.55
CA ILE A 66 2.56 -2.50 -9.19
C ILE A 66 2.35 -1.24 -8.35
N VAL A 67 1.96 -1.45 -7.10
CA VAL A 67 1.65 -0.34 -6.21
C VAL A 67 2.92 0.25 -5.61
N HIS A 68 3.06 1.56 -5.66
CA HIS A 68 4.20 2.23 -5.08
C HIS A 68 3.77 2.92 -3.80
N ILE A 69 4.57 2.81 -2.75
CA ILE A 69 4.24 3.43 -1.48
C ILE A 69 5.41 4.26 -0.96
N VAL A 70 5.14 5.54 -0.74
CA VAL A 70 6.15 6.47 -0.28
C VAL A 70 5.78 7.05 1.09
N GLN A 71 6.79 7.27 1.91
CA GLN A 71 6.59 7.84 3.24
C GLN A 71 6.95 9.32 3.23
N ARG A 72 6.15 10.13 3.92
CA ARG A 72 6.43 11.55 4.00
C ARG A 72 6.65 11.96 5.46
N PRO A 73 7.91 12.03 5.89
CA PRO A 73 8.27 12.41 7.24
C PRO A 73 8.50 13.92 7.37
N TRP A 74 8.72 14.38 8.60
CA TRP A 74 8.97 15.79 8.83
C TRP A 74 10.42 16.16 8.54
N ARG A 75 10.73 16.28 7.26
CA ARG A 75 12.08 16.63 6.79
C ARG A 75 13.15 15.69 7.32
N LYS A 76 13.32 14.56 6.66
CA LYS A 76 14.34 13.61 7.07
C LYS A 76 15.44 13.53 6.03
#